data_6WSU
# 
_entry.id   6WSU 
# 
_audit_conform.dict_name       mmcif_pdbx.dic 
_audit_conform.dict_version    5.380 
_audit_conform.dict_location   http://mmcif.pdb.org/dictionaries/ascii/mmcif_pdbx.dic 
# 
loop_
_database_2.database_id 
_database_2.database_code 
_database_2.pdbx_database_accession 
_database_2.pdbx_DOI 
PDB   6WSU         pdb_00006wsu 10.2210/pdb6wsu/pdb 
WWPDB D_1000248894 ?            ?                   
# 
_pdbx_database_status.status_code                     REL 
_pdbx_database_status.status_code_sf                  REL 
_pdbx_database_status.status_code_mr                  ? 
_pdbx_database_status.entry_id                        6WSU 
_pdbx_database_status.recvd_initial_deposition_date   2020-05-01 
_pdbx_database_status.SG_entry                        N 
_pdbx_database_status.deposit_site                    RCSB 
_pdbx_database_status.process_site                    RCSB 
_pdbx_database_status.status_code_cs                  ? 
_pdbx_database_status.status_code_nmr_data            ? 
_pdbx_database_status.methods_development_category    ? 
_pdbx_database_status.pdb_format_compatible           Y 
# 
loop_
_audit_author.name 
_audit_author.pdbx_ordinal 
_audit_author.identifier_ORCID 
'Simmons, C.R.'      1 0000-0002-2290-6132 
'MacCulloch, T.'     2 0000-0001-5875-3361 
'Stephanopoulos, N.' 3 0000-0001-7859-410X 
'Yan, H.'            4 0000-0001-7397-9852 
# 
_citation.abstract                  ? 
_citation.abstract_id_CAS           ? 
_citation.book_id_ISBN              ? 
_citation.book_publisher            ? 
_citation.book_publisher_city       ? 
_citation.book_title                ? 
_citation.coordinate_linkage        ? 
_citation.country                   UK 
_citation.database_id_Medline       ? 
_citation.details                   ? 
_citation.id                        primary 
_citation.journal_abbrev            'Nat Commun' 
_citation.journal_id_ASTM           ? 
_citation.journal_id_CSD            ? 
_citation.journal_id_ISSN           2041-1723 
_citation.journal_full              ? 
_citation.journal_issue             ? 
_citation.journal_volume            13 
_citation.language                  ? 
_citation.page_first                3112 
_citation.page_last                 3112 
_citation.title                     'The influence of Holliday junction sequence and dynamics on DNA crystal self-assembly.' 
_citation.year                      2022 
_citation.database_id_CSD           ? 
_citation.pdbx_database_id_DOI      10.1038/s41467-022-30779-6 
_citation.pdbx_database_id_PubMed   35662248 
_citation.unpublished_flag          ? 
# 
loop_
_citation_author.citation_id 
_citation_author.name 
_citation_author.ordinal 
_citation_author.identifier_ORCID 
primary 'Simmons, C.R.'      1  ?                   
primary 'MacCulloch, T.'     2  ?                   
primary 'Krepl, M.'          3  0000-0002-9833-4281 
primary 'Matthies, M.'       4  ?                   
primary 'Buchberger, A.'     5  ?                   
primary 'Crawford, I.'       6  ?                   
primary 'Sponer, J.'         7  0000-0001-6558-6186 
primary 'Sulc, P.'           8  0000-0003-1565-6769 
primary 'Stephanopoulos, N.' 9  0000-0001-7859-410X 
primary 'Yan, H.'            10 0000-0001-7397-9852 
# 
_cell.angle_alpha                  90.000 
_cell.angle_alpha_esd              ? 
_cell.angle_beta                   90.000 
_cell.angle_beta_esd               ? 
_cell.angle_gamma                  120.000 
_cell.angle_gamma_esd              ? 
_cell.entry_id                     6WSU 
_cell.details                      ? 
_cell.formula_units_Z              ? 
_cell.length_a                     68.513 
_cell.length_a_esd                 ? 
_cell.length_b                     68.513 
_cell.length_b_esd                 ? 
_cell.length_c                     60.773 
_cell.length_c_esd                 ? 
_cell.volume                       ? 
_cell.volume_esd                   ? 
_cell.Z_PDB                        6 
_cell.reciprocal_angle_alpha       ? 
_cell.reciprocal_angle_beta        ? 
_cell.reciprocal_angle_gamma       ? 
_cell.reciprocal_angle_alpha_esd   ? 
_cell.reciprocal_angle_beta_esd    ? 
_cell.reciprocal_angle_gamma_esd   ? 
_cell.reciprocal_length_a          ? 
_cell.reciprocal_length_b          ? 
_cell.reciprocal_length_c          ? 
_cell.reciprocal_length_a_esd      ? 
_cell.reciprocal_length_b_esd      ? 
_cell.reciprocal_length_c_esd      ? 
_cell.pdbx_unique_axis             ? 
# 
_symmetry.entry_id                         6WSU 
_symmetry.cell_setting                     ? 
_symmetry.Int_Tables_number                154 
_symmetry.space_group_name_Hall            ? 
_symmetry.space_group_name_H-M             'P 32 2 1' 
_symmetry.pdbx_full_space_group_name_H-M   ? 
# 
loop_
_entity.id 
_entity.type 
_entity.src_method 
_entity.pdbx_description 
_entity.formula_weight 
_entity.pdbx_number_of_molecules 
_entity.pdbx_ec 
_entity.pdbx_mutation 
_entity.pdbx_fragment 
_entity.details 
1 polymer     syn 
;DNA (5'-D(*GP*AP*GP*CP*AP*GP*AP*CP*GP*AP*GP*AP*CP*TP*CP*CP*AP*CP*TP*CP*A)-3')
;
6426.176 1 ? ? ? ? 
2 polymer     syn 
;DNA (5'-D(P*AP*GP*TP*CP*T)-3')
;
1495.023 1 ? ? ? ? 
3 polymer     syn 
;DNA (5'-D(*TP*CP*TP*GP*AP*GP*TP*GP*G)-3')
;
2786.833 1 ? ? ? ? 
4 polymer     syn 
;DNA (5'-D(P*CP*GP*TP*CP*TP*GP*C)-3')
;
2089.385 1 ? ? ? ? 
5 non-polymer syn 'CACODYLATE ION'                                                                136.989  4 ? ? ? ? 
# 
loop_
_entity_poly.entity_id 
_entity_poly.type 
_entity_poly.nstd_linkage 
_entity_poly.nstd_monomer 
_entity_poly.pdbx_seq_one_letter_code 
_entity_poly.pdbx_seq_one_letter_code_can 
_entity_poly.pdbx_strand_id 
_entity_poly.pdbx_target_identifier 
1 polydeoxyribonucleotide no no 
;(DG)(DA)(DG)(DC)(DA)(DG)(DA)(DC)(DG)(DA)(DG)(DA)(DC)(DT)(DC)(DC)(DA)(DC)(DT)(DC)
(DA)
;
GAGCAGACGAGACTCCACTCA A ? 
2 polydeoxyribonucleotide no no '(DA)(DG)(DT)(DC)(DT)'                                                                  AGTCT B ? 
3 polydeoxyribonucleotide no no '(DT)(DC)(DT)(DG)(DA)(DG)(DT)(DG)(DG)'                                                  TCTGAGTGG 
C ? 
4 polydeoxyribonucleotide no no '(DC)(DG)(DT)(DC)(DT)(DG)(DC)'                                                          CGTCTGC D 
? 
# 
loop_
_entity_poly_seq.entity_id 
_entity_poly_seq.num 
_entity_poly_seq.mon_id 
_entity_poly_seq.hetero 
1 1  DG n 
1 2  DA n 
1 3  DG n 
1 4  DC n 
1 5  DA n 
1 6  DG n 
1 7  DA n 
1 8  DC n 
1 9  DG n 
1 10 DA n 
1 11 DG n 
1 12 DA n 
1 13 DC n 
1 14 DT n 
1 15 DC n 
1 16 DC n 
1 17 DA n 
1 18 DC n 
1 19 DT n 
1 20 DC n 
1 21 DA n 
2 1  DA n 
2 2  DG n 
2 3  DT n 
2 4  DC n 
2 5  DT n 
3 1  DT n 
3 2  DC n 
3 3  DT n 
3 4  DG n 
3 5  DA n 
3 6  DG n 
3 7  DT n 
3 8  DG n 
3 9  DG n 
4 1  DC n 
4 2  DG n 
4 3  DT n 
4 4  DC n 
4 5  DT n 
4 6  DG n 
4 7  DC n 
# 
loop_
_pdbx_entity_src_syn.entity_id 
_pdbx_entity_src_syn.pdbx_src_id 
_pdbx_entity_src_syn.pdbx_alt_source_flag 
_pdbx_entity_src_syn.pdbx_beg_seq_num 
_pdbx_entity_src_syn.pdbx_end_seq_num 
_pdbx_entity_src_syn.organism_scientific 
_pdbx_entity_src_syn.organism_common_name 
_pdbx_entity_src_syn.ncbi_taxonomy_id 
_pdbx_entity_src_syn.details 
1 1 sample 1 21 'synthetic construct' ? 32630 ? 
2 1 sample 1 5  'synthetic construct' ? 32630 ? 
3 1 sample 1 9  'synthetic construct' ? 32630 ? 
4 1 sample 1 7  'synthetic construct' ? 32630 ? 
# 
loop_
_struct_ref.id 
_struct_ref.db_name 
_struct_ref.db_code 
_struct_ref.pdbx_db_accession 
_struct_ref.pdbx_db_isoform 
_struct_ref.entity_id 
_struct_ref.pdbx_seq_one_letter_code 
_struct_ref.pdbx_align_begin 
1 PDB 6WSU 6WSU ? 1 ? 1 
2 PDB 6WSU 6WSU ? 2 ? 1 
3 PDB 6WSU 6WSU ? 3 ? 1 
4 PDB 6WSU 6WSU ? 4 ? 1 
# 
loop_
_struct_ref_seq.align_id 
_struct_ref_seq.ref_id 
_struct_ref_seq.pdbx_PDB_id_code 
_struct_ref_seq.pdbx_strand_id 
_struct_ref_seq.seq_align_beg 
_struct_ref_seq.pdbx_seq_align_beg_ins_code 
_struct_ref_seq.seq_align_end 
_struct_ref_seq.pdbx_seq_align_end_ins_code 
_struct_ref_seq.pdbx_db_accession 
_struct_ref_seq.db_align_beg 
_struct_ref_seq.pdbx_db_align_beg_ins_code 
_struct_ref_seq.db_align_end 
_struct_ref_seq.pdbx_db_align_end_ins_code 
_struct_ref_seq.pdbx_auth_seq_align_beg 
_struct_ref_seq.pdbx_auth_seq_align_end 
1 1 6WSU A 1 ? 21 ? 6WSU 1  ? 21 ? 1  21 
2 2 6WSU B 1 ? 5  ? 6WSU 1  ? 5  ? 1  5  
3 3 6WSU C 1 ? 9  ? 6WSU 1  ? 9  ? 1  9  
4 4 6WSU D 1 ? 7  ? 6WSU 10 ? 16 ? 10 16 
# 
loop_
_chem_comp.id 
_chem_comp.type 
_chem_comp.mon_nstd_flag 
_chem_comp.name 
_chem_comp.pdbx_synonyms 
_chem_comp.formula 
_chem_comp.formula_weight 
CAC non-polymer   . 'CACODYLATE ION'                     dimethylarsinate 'C2 H6 As O2 -1'  136.989 
DA  'DNA linking' y "2'-DEOXYADENOSINE-5'-MONOPHOSPHATE" ?                'C10 H14 N5 O6 P' 331.222 
DC  'DNA linking' y "2'-DEOXYCYTIDINE-5'-MONOPHOSPHATE"  ?                'C9 H14 N3 O7 P'  307.197 
DG  'DNA linking' y "2'-DEOXYGUANOSINE-5'-MONOPHOSPHATE" ?                'C10 H14 N5 O7 P' 347.221 
DT  'DNA linking' y "THYMIDINE-5'-MONOPHOSPHATE"         ?                'C10 H15 N2 O8 P' 322.208 
# 
_exptl.absorpt_coefficient_mu     ? 
_exptl.absorpt_correction_T_max   ? 
_exptl.absorpt_correction_T_min   ? 
_exptl.absorpt_correction_type    ? 
_exptl.absorpt_process_details    ? 
_exptl.entry_id                   6WSU 
_exptl.crystals_number            1 
_exptl.details                    ? 
_exptl.method                     'X-RAY DIFFRACTION' 
_exptl.method_details             ? 
# 
_exptl_crystal.colour                      ? 
_exptl_crystal.density_diffrn              ? 
_exptl_crystal.density_Matthews            3.22 
_exptl_crystal.density_method              ? 
_exptl_crystal.density_percent_sol         61.77 
_exptl_crystal.description                 ? 
_exptl_crystal.F_000                       ? 
_exptl_crystal.id                          1 
_exptl_crystal.preparation                 ? 
_exptl_crystal.size_max                    ? 
_exptl_crystal.size_mid                    ? 
_exptl_crystal.size_min                    ? 
_exptl_crystal.size_rad                    ? 
_exptl_crystal.colour_lustre               ? 
_exptl_crystal.colour_modifier             ? 
_exptl_crystal.colour_primary              ? 
_exptl_crystal.density_meas                ? 
_exptl_crystal.density_meas_esd            ? 
_exptl_crystal.density_meas_gt             ? 
_exptl_crystal.density_meas_lt             ? 
_exptl_crystal.density_meas_temp           ? 
_exptl_crystal.density_meas_temp_esd       ? 
_exptl_crystal.density_meas_temp_gt        ? 
_exptl_crystal.density_meas_temp_lt        ? 
_exptl_crystal.pdbx_crystal_image_url      ? 
_exptl_crystal.pdbx_crystal_image_format   ? 
_exptl_crystal.pdbx_mosaicity              ? 
_exptl_crystal.pdbx_mosaicity_esd          ? 
# 
_exptl_crystal_grow.apparatus       ? 
_exptl_crystal_grow.atmosphere      ? 
_exptl_crystal_grow.crystal_id      1 
_exptl_crystal_grow.details         ? 
_exptl_crystal_grow.method          'VAPOR DIFFUSION, SITTING DROP' 
_exptl_crystal_grow.method_ref      ? 
_exptl_crystal_grow.pH              ? 
_exptl_crystal_grow.pressure        ? 
_exptl_crystal_grow.pressure_esd    ? 
_exptl_crystal_grow.seeding         ? 
_exptl_crystal_grow.seeding_ref     ? 
_exptl_crystal_grow.temp            298 
_exptl_crystal_grow.temp_details    'temperature gradient generated from 60 to 25 C at 0.3 degrees per hour' 
_exptl_crystal_grow.temp_esd        ? 
_exptl_crystal_grow.time            ? 
_exptl_crystal_grow.pdbx_details    
;0.5 mL of 0.05 M Cacodylate pH 7.0 with 20 mM MgCl2, 1.0 mM spermine, 1.0 mM CoH18N6, and 15% Ethanol was added to the reservoir with 2 uL added to the drop containing 4 uL of DNA stock
;
_exptl_crystal_grow.pdbx_pH_range   ? 
# 
_diffrn.ambient_environment              ? 
_diffrn.ambient_temp                     100 
_diffrn.ambient_temp_details             ? 
_diffrn.ambient_temp_esd                 ? 
_diffrn.crystal_id                       1 
_diffrn.crystal_support                  ? 
_diffrn.crystal_treatment                ? 
_diffrn.details                          ? 
_diffrn.id                               1 
_diffrn.ambient_pressure                 ? 
_diffrn.ambient_pressure_esd             ? 
_diffrn.ambient_pressure_gt              ? 
_diffrn.ambient_pressure_lt              ? 
_diffrn.ambient_temp_gt                  ? 
_diffrn.ambient_temp_lt                  ? 
_diffrn.pdbx_serial_crystal_experiment   N 
# 
_diffrn_detector.details                      ? 
_diffrn_detector.detector                     PIXEL 
_diffrn_detector.diffrn_id                    1 
_diffrn_detector.type                         'DECTRIS PILATUS3 6M' 
_diffrn_detector.area_resol_mean              ? 
_diffrn_detector.dtime                        ? 
_diffrn_detector.pdbx_frames_total            ? 
_diffrn_detector.pdbx_collection_time_total   ? 
_diffrn_detector.pdbx_collection_date         2017-10-15 
_diffrn_detector.pdbx_frequency               ? 
# 
_diffrn_radiation.collimation                      ? 
_diffrn_radiation.diffrn_id                        1 
_diffrn_radiation.filter_edge                      ? 
_diffrn_radiation.inhomogeneity                    ? 
_diffrn_radiation.monochromator                    ? 
_diffrn_radiation.polarisn_norm                    ? 
_diffrn_radiation.polarisn_ratio                   ? 
_diffrn_radiation.probe                            ? 
_diffrn_radiation.type                             ? 
_diffrn_radiation.xray_symbol                      ? 
_diffrn_radiation.wavelength_id                    1 
_diffrn_radiation.pdbx_monochromatic_or_laue_m_l   M 
_diffrn_radiation.pdbx_wavelength_list             ? 
_diffrn_radiation.pdbx_wavelength                  ? 
_diffrn_radiation.pdbx_diffrn_protocol             'SINGLE WAVELENGTH' 
_diffrn_radiation.pdbx_analyzer                    ? 
_diffrn_radiation.pdbx_scattering_type             x-ray 
# 
_diffrn_radiation_wavelength.id           1 
_diffrn_radiation_wavelength.wavelength   0.98 
_diffrn_radiation_wavelength.wt           1.0 
# 
_diffrn_source.current                     ? 
_diffrn_source.details                     ? 
_diffrn_source.diffrn_id                   1 
_diffrn_source.power                       ? 
_diffrn_source.size                        ? 
_diffrn_source.source                      SYNCHROTRON 
_diffrn_source.target                      ? 
_diffrn_source.type                        'APS BEAMLINE 19-ID' 
_diffrn_source.voltage                     ? 
_diffrn_source.take-off_angle              ? 
_diffrn_source.pdbx_wavelength_list        0.98 
_diffrn_source.pdbx_wavelength             ? 
_diffrn_source.pdbx_synchrotron_beamline   19-ID 
_diffrn_source.pdbx_synchrotron_site       APS 
# 
_reflns.B_iso_Wilson_estimate            96.980 
_reflns.entry_id                         6WSU 
_reflns.data_reduction_details           ? 
_reflns.data_reduction_method            ? 
_reflns.d_resolution_high                2.750 
_reflns.d_resolution_low                 50.000 
_reflns.details                          ? 
_reflns.limit_h_max                      ? 
_reflns.limit_h_min                      ? 
_reflns.limit_k_max                      ? 
_reflns.limit_k_min                      ? 
_reflns.limit_l_max                      ? 
_reflns.limit_l_min                      ? 
_reflns.number_all                       ? 
_reflns.number_obs                       4478 
_reflns.observed_criterion               ? 
_reflns.observed_criterion_F_max         ? 
_reflns.observed_criterion_F_min         ? 
_reflns.observed_criterion_I_max         ? 
_reflns.observed_criterion_I_min         ? 
_reflns.observed_criterion_sigma_F       ? 
_reflns.observed_criterion_sigma_I       ? 
_reflns.percent_possible_obs             99.600 
_reflns.R_free_details                   ? 
_reflns.Rmerge_F_all                     ? 
_reflns.Rmerge_F_obs                     ? 
_reflns.Friedel_coverage                 ? 
_reflns.number_gt                        ? 
_reflns.threshold_expression             ? 
_reflns.pdbx_redundancy                  11.300 
_reflns.pdbx_Rmerge_I_obs                0.112 
_reflns.pdbx_Rmerge_I_all                ? 
_reflns.pdbx_Rsym_value                  ? 
_reflns.pdbx_netI_over_av_sigmaI         ? 
_reflns.pdbx_netI_over_sigmaI            11.500 
_reflns.pdbx_res_netI_over_av_sigmaI_2   ? 
_reflns.pdbx_res_netI_over_sigmaI_2      ? 
_reflns.pdbx_chi_squared                 5.941 
_reflns.pdbx_scaling_rejects             ? 
_reflns.pdbx_d_res_high_opt              ? 
_reflns.pdbx_d_res_low_opt               ? 
_reflns.pdbx_d_res_opt_method            ? 
_reflns.phase_calculation_details        ? 
_reflns.pdbx_Rrim_I_all                  0.118 
_reflns.pdbx_Rpim_I_all                  0.036 
_reflns.pdbx_d_opt                       ? 
_reflns.pdbx_number_measured_all         ? 
_reflns.pdbx_diffrn_id                   1 
_reflns.pdbx_ordinal                     1 
_reflns.pdbx_CC_half                     0.957 
_reflns.pdbx_CC_star                     ? 
_reflns.pdbx_R_split                     ? 
# 
loop_
_reflns_shell.d_res_high 
_reflns_shell.d_res_low 
_reflns_shell.meanI_over_sigI_all 
_reflns_shell.meanI_over_sigI_obs 
_reflns_shell.number_measured_all 
_reflns_shell.number_measured_obs 
_reflns_shell.number_possible 
_reflns_shell.number_unique_all 
_reflns_shell.number_unique_obs 
_reflns_shell.percent_possible_all 
_reflns_shell.percent_possible_obs 
_reflns_shell.Rmerge_F_all 
_reflns_shell.Rmerge_F_obs 
_reflns_shell.Rmerge_I_all 
_reflns_shell.Rmerge_I_obs 
_reflns_shell.meanI_over_sigI_gt 
_reflns_shell.meanI_over_uI_all 
_reflns_shell.meanI_over_uI_gt 
_reflns_shell.number_measured_gt 
_reflns_shell.number_unique_gt 
_reflns_shell.percent_possible_gt 
_reflns_shell.Rmerge_F_gt 
_reflns_shell.Rmerge_I_gt 
_reflns_shell.pdbx_redundancy 
_reflns_shell.pdbx_Rsym_value 
_reflns_shell.pdbx_chi_squared 
_reflns_shell.pdbx_netI_over_sigmaI_all 
_reflns_shell.pdbx_netI_over_sigmaI_obs 
_reflns_shell.pdbx_Rrim_I_all 
_reflns_shell.pdbx_Rpim_I_all 
_reflns_shell.pdbx_rejects 
_reflns_shell.pdbx_ordinal 
_reflns_shell.pdbx_diffrn_id 
_reflns_shell.pdbx_CC_half 
_reflns_shell.pdbx_CC_star 
_reflns_shell.pdbx_R_split 
2.750 2.800  ? ? ? ? ? ? 205 98.600  ? ? ? ? 1.675 ? ? ? ? ? ? ? ? 9.300  ? 1.733  ? ? 1.758 0.526 ? 1  1 0.652 ? ? 
2.800 2.850  ? ? ? ? ? ? 237 100.000 ? ? ? ? 1.838 ? ? ? ? ? ? ? ? 10.300 ? 0.473  ? ? 1.924 0.563 ? 2  1 0.760 ? ? 
2.850 2.900  ? ? ? ? ? ? 209 100.000 ? ? ? ? 1.462 ? ? ? ? ? ? ? ? 10.900 ? 0.490  ? ? 1.529 0.443 ? 3  1 0.897 ? ? 
2.900 2.960  ? ? ? ? ? ? 225 100.000 ? ? ? ? 1.083 ? ? ? ? ? ? ? ? 11.600 ? 0.497  ? ? 1.130 0.321 ? 4  1 0.872 ? ? 
2.960 3.030  ? ? ? ? ? ? 226 100.000 ? ? ? ? 0.865 ? ? ? ? ? ? ? ? 11.700 ? 0.546  ? ? 0.903 0.257 ? 5  1 0.921 ? ? 
3.030 3.100  ? ? ? ? ? ? 217 100.000 ? ? ? ? 0.380 ? ? ? ? ? ? ? ? 11.900 ? 0.917  ? ? 0.396 0.111 ? 6  1 0.980 ? ? 
3.100 3.170  ? ? ? ? ? ? 214 100.000 ? ? ? ? 0.272 ? ? ? ? ? ? ? ? 11.500 ? 1.738  ? ? 0.284 0.081 ? 7  1 0.986 ? ? 
3.170 3.260  ? ? ? ? ? ? 220 98.700  ? ? ? ? 0.213 ? ? ? ? ? ? ? ? 10.300 ? 1.996  ? ? 0.232 0.087 ? 8  1 0.924 ? ? 
3.260 3.360  ? ? ? ? ? ? 216 100.000 ? ? ? ? 0.196 ? ? ? ? ? ? ? ? 12.300 ? 3.601  ? ? 0.204 0.056 ? 9  1 0.994 ? ? 
3.360 3.460  ? ? ? ? ? ? 223 100.000 ? ? ? ? 0.178 ? ? ? ? ? ? ? ? 12.200 ? 3.809  ? ? 0.186 0.054 ? 10 1 0.994 ? ? 
3.460 3.590  ? ? ? ? ? ? 223 100.000 ? ? ? ? 0.162 ? ? ? ? ? ? ? ? 12.200 ? 2.903  ? ? 0.168 0.046 ? 11 1 0.993 ? ? 
3.590 3.730  ? ? ? ? ? ? 219 100.000 ? ? ? ? 0.139 ? ? ? ? ? ? ? ? 11.900 ? 2.751  ? ? 0.145 0.042 ? 12 1 0.991 ? ? 
3.730 3.900  ? ? ? ? ? ? 222 100.000 ? ? ? ? 0.121 ? ? ? ? ? ? ? ? 11.500 ? 3.130  ? ? 0.127 0.037 ? 13 1 0.993 ? ? 
3.900 4.110  ? ? ? ? ? ? 226 100.000 ? ? ? ? 0.113 ? ? ? ? ? ? ? ? 10.900 ? 5.937  ? ? 0.119 0.035 ? 14 1 0.991 ? ? 
4.110 4.360  ? ? ? ? ? ? 230 100.000 ? ? ? ? 0.108 ? ? ? ? ? ? ? ? 12.200 ? 7.064  ? ? 0.114 0.033 ? 15 1 0.984 ? ? 
4.360 4.700  ? ? ? ? ? ? 216 100.000 ? ? ? ? 0.102 ? ? ? ? ? ? ? ? 12.000 ? 5.483  ? ? 0.107 0.031 ? 16 1 0.988 ? ? 
4.700 5.170  ? ? ? ? ? ? 237 100.000 ? ? ? ? 0.084 ? ? ? ? ? ? ? ? 11.500 ? 6.047  ? ? 0.089 0.027 ? 17 1 0.992 ? ? 
5.170 5.920  ? ? ? ? ? ? 225 100.000 ? ? ? ? 0.081 ? ? ? ? ? ? ? ? 11.300 ? 8.436  ? ? 0.085 0.026 ? 18 1 0.992 ? ? 
5.920 7.460  ? ? ? ? ? ? 241 100.000 ? ? ? ? 0.085 ? ? ? ? ? ? ? ? 11.200 ? 17.505 ? ? 0.090 0.028 ? 19 1 0.992 ? ? 
7.460 50.000 ? ? ? ? ? ? 247 95.400  ? ? ? ? 0.101 ? ? ? ? ? ? ? ? 10.300 ? 41.888 ? ? 0.108 0.034 ? 20 1 0.992 ? ? 
# 
_refine.aniso_B[1][1]                            ? 
_refine.aniso_B[1][2]                            ? 
_refine.aniso_B[1][3]                            ? 
_refine.aniso_B[2][2]                            ? 
_refine.aniso_B[2][3]                            ? 
_refine.aniso_B[3][3]                            ? 
_refine.B_iso_max                                196.160 
_refine.B_iso_mean                               103.6796 
_refine.B_iso_min                                57.670 
_refine.correlation_coeff_Fo_to_Fc               ? 
_refine.correlation_coeff_Fo_to_Fc_free          ? 
_refine.details                                  ? 
_refine.diff_density_max                         ? 
_refine.diff_density_max_esd                     ? 
_refine.diff_density_min                         ? 
_refine.diff_density_min_esd                     ? 
_refine.diff_density_rms                         ? 
_refine.diff_density_rms_esd                     ? 
_refine.entry_id                                 6WSU 
_refine.pdbx_refine_id                           'X-RAY DIFFRACTION' 
_refine.ls_abs_structure_details                 ? 
_refine.ls_abs_structure_Flack                   ? 
_refine.ls_abs_structure_Flack_esd               ? 
_refine.ls_abs_structure_Rogers                  ? 
_refine.ls_abs_structure_Rogers_esd              ? 
_refine.ls_d_res_high                            2.7560 
_refine.ls_d_res_low                             34.2570 
_refine.ls_extinction_coef                       ? 
_refine.ls_extinction_coef_esd                   ? 
_refine.ls_extinction_expression                 ? 
_refine.ls_extinction_method                     ? 
_refine.ls_goodness_of_fit_all                   ? 
_refine.ls_goodness_of_fit_all_esd               ? 
_refine.ls_goodness_of_fit_obs                   ? 
_refine.ls_goodness_of_fit_obs_esd               ? 
_refine.ls_hydrogen_treatment                    ? 
_refine.ls_matrix_type                           ? 
_refine.ls_number_constraints                    ? 
_refine.ls_number_parameters                     ? 
_refine.ls_number_reflns_all                     ? 
_refine.ls_number_reflns_obs                     4413 
_refine.ls_number_reflns_R_free                  234 
_refine.ls_number_reflns_R_work                  ? 
_refine.ls_number_restraints                     ? 
_refine.ls_percent_reflns_obs                    98.3900 
_refine.ls_percent_reflns_R_free                 5.3000 
_refine.ls_R_factor_all                          ? 
_refine.ls_R_factor_obs                          0.2120 
_refine.ls_R_factor_R_free                       0.2328 
_refine.ls_R_factor_R_free_error                 ? 
_refine.ls_R_factor_R_free_error_details         ? 
_refine.ls_R_factor_R_work                       0.2109 
_refine.ls_R_Fsqd_factor_obs                     ? 
_refine.ls_R_I_factor_obs                        ? 
_refine.ls_redundancy_reflns_all                 ? 
_refine.ls_redundancy_reflns_obs                 ? 
_refine.ls_restrained_S_all                      ? 
_refine.ls_restrained_S_obs                      ? 
_refine.ls_shift_over_esd_max                    ? 
_refine.ls_shift_over_esd_mean                   ? 
_refine.ls_structure_factor_coef                 ? 
_refine.ls_weighting_details                     ? 
_refine.ls_weighting_scheme                      ? 
_refine.ls_wR_factor_all                         ? 
_refine.ls_wR_factor_obs                         ? 
_refine.ls_wR_factor_R_free                      ? 
_refine.ls_wR_factor_R_work                      ? 
_refine.occupancy_max                            ? 
_refine.occupancy_min                            ? 
_refine.solvent_model_details                    ? 
_refine.solvent_model_param_bsol                 ? 
_refine.solvent_model_param_ksol                 ? 
_refine.pdbx_R_complete                          ? 
_refine.ls_R_factor_gt                           ? 
_refine.ls_goodness_of_fit_gt                    ? 
_refine.ls_goodness_of_fit_ref                   ? 
_refine.ls_shift_over_su_max                     ? 
_refine.ls_shift_over_su_max_lt                  ? 
_refine.ls_shift_over_su_mean                    ? 
_refine.ls_shift_over_su_mean_lt                 ? 
_refine.pdbx_ls_sigma_I                          ? 
_refine.pdbx_ls_sigma_F                          1.380 
_refine.pdbx_ls_sigma_Fsqd                       ? 
_refine.pdbx_data_cutoff_high_absF               ? 
_refine.pdbx_data_cutoff_high_rms_absF           ? 
_refine.pdbx_data_cutoff_low_absF                ? 
_refine.pdbx_isotropic_thermal_model             ? 
_refine.pdbx_ls_cross_valid_method               THROUGHOUT 
_refine.pdbx_method_to_determine_struct          'MOLECULAR REPLACEMENT' 
_refine.pdbx_starting_model                      5KEK 
_refine.pdbx_stereochemistry_target_values       ? 
_refine.pdbx_R_Free_selection_details            ? 
_refine.pdbx_stereochem_target_val_spec_case     ? 
_refine.pdbx_overall_ESU_R                       ? 
_refine.pdbx_overall_ESU_R_Free                  ? 
_refine.pdbx_solvent_vdw_probe_radii             1.1100 
_refine.pdbx_solvent_ion_probe_radii             ? 
_refine.pdbx_solvent_shrinkage_radii             0.9000 
_refine.pdbx_real_space_R                        ? 
_refine.pdbx_density_correlation                 ? 
_refine.pdbx_pd_number_of_powder_patterns        ? 
_refine.pdbx_pd_number_of_points                 ? 
_refine.pdbx_pd_meas_number_of_points            ? 
_refine.pdbx_pd_proc_ls_prof_R_factor            ? 
_refine.pdbx_pd_proc_ls_prof_wR_factor           ? 
_refine.pdbx_pd_Marquardt_correlation_coeff      ? 
_refine.pdbx_pd_Fsqrd_R_factor                   ? 
_refine.pdbx_pd_ls_matrix_band_width             ? 
_refine.pdbx_overall_phase_error                 25.1600 
_refine.pdbx_overall_SU_R_free_Cruickshank_DPI   ? 
_refine.pdbx_overall_SU_R_free_Blow_DPI          ? 
_refine.pdbx_overall_SU_R_Blow_DPI               ? 
_refine.pdbx_TLS_residual_ADP_flag               ? 
_refine.pdbx_diffrn_id                           1 
_refine.overall_SU_B                             ? 
_refine.overall_SU_ML                            0.1000 
_refine.overall_SU_R_Cruickshank_DPI             ? 
_refine.overall_SU_R_free                        ? 
_refine.overall_FOM_free_R_set                   ? 
_refine.overall_FOM_work_R_set                   ? 
_refine.pdbx_average_fsc_overall                 ? 
_refine.pdbx_average_fsc_work                    ? 
_refine.pdbx_average_fsc_free                    ? 
# 
_refine_hist.pdbx_refine_id                   'X-RAY DIFFRACTION' 
_refine_hist.cycle_id                         final 
_refine_hist.details                          ? 
_refine_hist.d_res_high                       2.7560 
_refine_hist.d_res_low                        34.2570 
_refine_hist.number_atoms_solvent             0 
_refine_hist.number_atoms_total               859 
_refine_hist.number_reflns_all                ? 
_refine_hist.number_reflns_obs                ? 
_refine_hist.number_reflns_R_free             ? 
_refine_hist.number_reflns_R_work             ? 
_refine_hist.R_factor_all                     ? 
_refine_hist.R_factor_obs                     ? 
_refine_hist.R_factor_R_free                  ? 
_refine_hist.R_factor_R_work                  ? 
_refine_hist.pdbx_number_residues_total       42 
_refine_hist.pdbx_B_iso_mean_ligand           151.19 
_refine_hist.pdbx_B_iso_mean_solvent          ? 
_refine_hist.pdbx_number_atoms_protein        0 
_refine_hist.pdbx_number_atoms_nucleic_acid   855 
_refine_hist.pdbx_number_atoms_ligand         4 
_refine_hist.pdbx_number_atoms_lipid          ? 
_refine_hist.pdbx_number_atoms_carb           ? 
_refine_hist.pdbx_pseudo_atom_details         ? 
# 
loop_
_refine_ls_restr.pdbx_refine_id 
_refine_ls_restr.criterion 
_refine_ls_restr.dev_ideal 
_refine_ls_restr.dev_ideal_target 
_refine_ls_restr.number 
_refine_ls_restr.rejects 
_refine_ls_restr.type 
_refine_ls_restr.weight 
_refine_ls_restr.pdbx_restraint_function 
'X-RAY DIFFRACTION' ? 0.009  ? 956  ? f_bond_d           ? ? 
'X-RAY DIFFRACTION' ? 0.992  ? 1467 ? f_angle_d          ? ? 
'X-RAY DIFFRACTION' ? 0.053  ? 166  ? f_chiral_restr     ? ? 
'X-RAY DIFFRACTION' ? 0.007  ? 42   ? f_plane_restr      ? ? 
'X-RAY DIFFRACTION' ? 35.140 ? 406  ? f_dihedral_angle_d ? ? 
# 
loop_
_refine_ls_shell.pdbx_refine_id 
_refine_ls_shell.d_res_high 
_refine_ls_shell.d_res_low 
_refine_ls_shell.number_reflns_all 
_refine_ls_shell.number_reflns_obs 
_refine_ls_shell.number_reflns_R_free 
_refine_ls_shell.number_reflns_R_work 
_refine_ls_shell.percent_reflns_obs 
_refine_ls_shell.percent_reflns_R_free 
_refine_ls_shell.R_factor_all 
_refine_ls_shell.R_factor_obs 
_refine_ls_shell.R_factor_R_free 
_refine_ls_shell.R_factor_R_free_error 
_refine_ls_shell.R_factor_R_work 
_refine_ls_shell.redundancy_reflns_all 
_refine_ls_shell.redundancy_reflns_obs 
_refine_ls_shell.wR_factor_all 
_refine_ls_shell.wR_factor_obs 
_refine_ls_shell.wR_factor_R_free 
_refine_ls_shell.wR_factor_R_work 
_refine_ls_shell.pdbx_R_complete 
_refine_ls_shell.pdbx_total_number_of_bins_used 
_refine_ls_shell.pdbx_phase_error 
_refine_ls_shell.pdbx_fsc_work 
_refine_ls_shell.pdbx_fsc_free 
'X-RAY DIFFRACTION' 2.7564 3.4722  . . 123 2018 98.0000 . . . 0.3763 0.0000 0.3106 . . . . . . . . . . . 
'X-RAY DIFFRACTION' 3.4722 34.2570 . . 111 2161 99.0000 . . . 0.1953 0.0000 0.1917 . . . . . . . . . . . 
# 
_struct.entry_id                     6WSU 
_struct.title                        
'Self-assembly of a 3D DNA crystal lattice (4x5 duplex version) containing the J19 immobile Holliday junction' 
_struct.pdbx_model_details           ? 
_struct.pdbx_formula_weight          ? 
_struct.pdbx_formula_weight_method   ? 
_struct.pdbx_model_type_details      ? 
_struct.pdbx_CASP_flag               N 
# 
_struct_keywords.entry_id        6WSU 
_struct_keywords.text            
'Structural DNA nanotechnology, immobile Holliday junctions, 3D DNA self-assembly, designer DNA crystals, DNA' 
_struct_keywords.pdbx_keywords   DNA 
# 
loop_
_struct_asym.id 
_struct_asym.pdbx_blank_PDB_chainid_flag 
_struct_asym.pdbx_modified 
_struct_asym.entity_id 
_struct_asym.details 
A N N 1 ? 
B N N 2 ? 
C N N 3 ? 
D N N 4 ? 
E N N 5 ? 
F N N 5 ? 
G N N 5 ? 
H N N 5 ? 
# 
loop_
_struct_conn.id 
_struct_conn.conn_type_id 
_struct_conn.pdbx_leaving_atom_flag 
_struct_conn.pdbx_PDB_id 
_struct_conn.ptnr1_label_asym_id 
_struct_conn.ptnr1_label_comp_id 
_struct_conn.ptnr1_label_seq_id 
_struct_conn.ptnr1_label_atom_id 
_struct_conn.pdbx_ptnr1_label_alt_id 
_struct_conn.pdbx_ptnr1_PDB_ins_code 
_struct_conn.pdbx_ptnr1_standard_comp_id 
_struct_conn.ptnr1_symmetry 
_struct_conn.ptnr2_label_asym_id 
_struct_conn.ptnr2_label_comp_id 
_struct_conn.ptnr2_label_seq_id 
_struct_conn.ptnr2_label_atom_id 
_struct_conn.pdbx_ptnr2_label_alt_id 
_struct_conn.pdbx_ptnr2_PDB_ins_code 
_struct_conn.ptnr1_auth_asym_id 
_struct_conn.ptnr1_auth_comp_id 
_struct_conn.ptnr1_auth_seq_id 
_struct_conn.ptnr2_auth_asym_id 
_struct_conn.ptnr2_auth_comp_id 
_struct_conn.ptnr2_auth_seq_id 
_struct_conn.ptnr2_symmetry 
_struct_conn.pdbx_ptnr3_label_atom_id 
_struct_conn.pdbx_ptnr3_label_seq_id 
_struct_conn.pdbx_ptnr3_label_comp_id 
_struct_conn.pdbx_ptnr3_label_asym_id 
_struct_conn.pdbx_ptnr3_label_alt_id 
_struct_conn.pdbx_ptnr3_PDB_ins_code 
_struct_conn.details 
_struct_conn.pdbx_dist_value 
_struct_conn.pdbx_value_order 
_struct_conn.pdbx_role 
hydrog1  hydrog ? ? A DG 3  N1 ? ? ? 1_555 D DC 7 N3 ? ? A DG 3  D DC 16 1_555 ? ? ? ? ? ? WATSON-CRICK ? ? ? 
hydrog2  hydrog ? ? A DG 3  N2 ? ? ? 1_555 D DC 7 O2 ? ? A DG 3  D DC 16 1_555 ? ? ? ? ? ? WATSON-CRICK ? ? ? 
hydrog3  hydrog ? ? A DG 3  O6 ? ? ? 1_555 D DC 7 N4 ? ? A DG 3  D DC 16 1_555 ? ? ? ? ? ? WATSON-CRICK ? ? ? 
hydrog4  hydrog ? ? A DC 4  N3 ? ? ? 1_555 D DG 6 N1 ? ? A DC 4  D DG 15 1_555 ? ? ? ? ? ? WATSON-CRICK ? ? ? 
hydrog5  hydrog ? ? A DC 4  N4 ? ? ? 1_555 D DG 6 O6 ? ? A DC 4  D DG 15 1_555 ? ? ? ? ? ? WATSON-CRICK ? ? ? 
hydrog6  hydrog ? ? A DC 4  O2 ? ? ? 1_555 D DG 6 N2 ? ? A DC 4  D DG 15 1_555 ? ? ? ? ? ? WATSON-CRICK ? ? ? 
hydrog7  hydrog ? ? A DA 5  N1 ? ? ? 1_555 D DT 5 N3 ? ? A DA 5  D DT 14 1_555 ? ? ? ? ? ? WATSON-CRICK ? ? ? 
hydrog8  hydrog ? ? A DA 5  N6 ? ? ? 1_555 D DT 5 O4 ? ? A DA 5  D DT 14 1_555 ? ? ? ? ? ? WATSON-CRICK ? ? ? 
hydrog9  hydrog ? ? A DG 6  N1 ? ? ? 1_555 D DC 4 N3 ? ? A DG 6  D DC 13 1_555 ? ? ? ? ? ? WATSON-CRICK ? ? ? 
hydrog10 hydrog ? ? A DG 6  N2 ? ? ? 1_555 D DC 4 O2 ? ? A DG 6  D DC 13 1_555 ? ? ? ? ? ? WATSON-CRICK ? ? ? 
hydrog11 hydrog ? ? A DG 6  O6 ? ? ? 1_555 D DC 4 N4 ? ? A DG 6  D DC 13 1_555 ? ? ? ? ? ? WATSON-CRICK ? ? ? 
hydrog12 hydrog ? ? A DA 7  N1 ? ? ? 1_555 D DT 3 N3 ? ? A DA 7  D DT 12 1_555 ? ? ? ? ? ? WATSON-CRICK ? ? ? 
hydrog13 hydrog ? ? A DA 7  N6 ? ? ? 1_555 D DT 3 O4 ? ? A DA 7  D DT 12 1_555 ? ? ? ? ? ? WATSON-CRICK ? ? ? 
hydrog14 hydrog ? ? A DC 8  N3 ? ? ? 1_555 D DG 2 N1 ? ? A DC 8  D DG 11 1_555 ? ? ? ? ? ? WATSON-CRICK ? ? ? 
hydrog15 hydrog ? ? A DC 8  N4 ? ? ? 1_555 D DG 2 O6 ? ? A DC 8  D DG 11 1_555 ? ? ? ? ? ? WATSON-CRICK ? ? ? 
hydrog16 hydrog ? ? A DC 8  O2 ? ? ? 1_555 D DG 2 N2 ? ? A DC 8  D DG 11 1_555 ? ? ? ? ? ? WATSON-CRICK ? ? ? 
hydrog17 hydrog ? ? A DG 9  N1 ? ? ? 1_555 D DC 1 N3 ? ? A DG 9  D DC 10 1_555 ? ? ? ? ? ? WATSON-CRICK ? ? ? 
hydrog18 hydrog ? ? A DG 9  N2 ? ? ? 1_555 D DC 1 O2 ? ? A DG 9  D DC 10 1_555 ? ? ? ? ? ? WATSON-CRICK ? ? ? 
hydrog19 hydrog ? ? A DG 9  O6 ? ? ? 1_555 D DC 1 N4 ? ? A DG 9  D DC 10 1_555 ? ? ? ? ? ? WATSON-CRICK ? ? ? 
hydrog20 hydrog ? ? A DA 10 N1 ? ? ? 1_555 B DT 5 N3 ? ? A DA 10 B DT 5  1_555 ? ? ? ? ? ? WATSON-CRICK ? ? ? 
hydrog21 hydrog ? ? A DA 10 N6 ? ? ? 1_555 B DT 5 O4 ? ? A DA 10 B DT 5  1_555 ? ? ? ? ? ? WATSON-CRICK ? ? ? 
hydrog22 hydrog ? ? A DG 11 N1 ? ? ? 1_555 B DC 4 N3 ? ? A DG 11 B DC 4  1_555 ? ? ? ? ? ? WATSON-CRICK ? ? ? 
hydrog23 hydrog ? ? A DG 11 N2 ? ? ? 1_555 B DC 4 O2 ? ? A DG 11 B DC 4  1_555 ? ? ? ? ? ? WATSON-CRICK ? ? ? 
hydrog24 hydrog ? ? A DG 11 O6 ? ? ? 1_555 B DC 4 N4 ? ? A DG 11 B DC 4  1_555 ? ? ? ? ? ? WATSON-CRICK ? ? ? 
hydrog25 hydrog ? ? A DA 12 N1 ? ? ? 1_555 B DT 3 N3 ? ? A DA 12 B DT 3  1_555 ? ? ? ? ? ? WATSON-CRICK ? ? ? 
hydrog26 hydrog ? ? A DA 12 N6 ? ? ? 1_555 B DT 3 O4 ? ? A DA 12 B DT 3  1_555 ? ? ? ? ? ? WATSON-CRICK ? ? ? 
hydrog27 hydrog ? ? A DC 13 N3 ? ? ? 1_555 B DG 2 N1 ? ? A DC 13 B DG 2  1_555 ? ? ? ? ? ? WATSON-CRICK ? ? ? 
hydrog28 hydrog ? ? A DC 13 N4 ? ? ? 1_555 B DG 2 O6 ? ? A DC 13 B DG 2  1_555 ? ? ? ? ? ? WATSON-CRICK ? ? ? 
hydrog29 hydrog ? ? A DC 13 O2 ? ? ? 1_555 B DG 2 N2 ? ? A DC 13 B DG 2  1_555 ? ? ? ? ? ? WATSON-CRICK ? ? ? 
hydrog30 hydrog ? ? A DT 14 N3 ? ? ? 1_555 B DA 1 N1 ? ? A DT 14 B DA 1  1_555 ? ? ? ? ? ? WATSON-CRICK ? ? ? 
hydrog31 hydrog ? ? A DT 14 O4 ? ? ? 1_555 B DA 1 N6 ? ? A DT 14 B DA 1  1_555 ? ? ? ? ? ? WATSON-CRICK ? ? ? 
hydrog32 hydrog ? ? A DC 15 N3 ? ? ? 1_555 C DG 9 N1 ? ? A DC 15 C DG 9  1_555 ? ? ? ? ? ? WATSON-CRICK ? ? ? 
hydrog33 hydrog ? ? A DC 15 N4 ? ? ? 1_555 C DG 9 O6 ? ? A DC 15 C DG 9  1_555 ? ? ? ? ? ? WATSON-CRICK ? ? ? 
hydrog34 hydrog ? ? A DC 15 O2 ? ? ? 1_555 C DG 9 N2 ? ? A DC 15 C DG 9  1_555 ? ? ? ? ? ? WATSON-CRICK ? ? ? 
hydrog35 hydrog ? ? A DC 16 N3 ? ? ? 1_555 C DG 8 N1 ? ? A DC 16 C DG 8  1_555 ? ? ? ? ? ? WATSON-CRICK ? ? ? 
hydrog36 hydrog ? ? A DC 16 N4 ? ? ? 1_555 C DG 8 O6 ? ? A DC 16 C DG 8  1_555 ? ? ? ? ? ? WATSON-CRICK ? ? ? 
hydrog37 hydrog ? ? A DC 16 O2 ? ? ? 1_555 C DG 8 N2 ? ? A DC 16 C DG 8  1_555 ? ? ? ? ? ? WATSON-CRICK ? ? ? 
hydrog38 hydrog ? ? A DA 17 N1 ? ? ? 1_555 C DT 7 N3 ? ? A DA 17 C DT 7  1_555 ? ? ? ? ? ? WATSON-CRICK ? ? ? 
hydrog39 hydrog ? ? A DA 17 N6 ? ? ? 1_555 C DT 7 O4 ? ? A DA 17 C DT 7  1_555 ? ? ? ? ? ? WATSON-CRICK ? ? ? 
hydrog40 hydrog ? ? A DC 18 N3 ? ? ? 1_555 C DG 6 N1 ? ? A DC 18 C DG 6  1_555 ? ? ? ? ? ? WATSON-CRICK ? ? ? 
hydrog41 hydrog ? ? A DC 18 N4 ? ? ? 1_555 C DG 6 O6 ? ? A DC 18 C DG 6  1_555 ? ? ? ? ? ? WATSON-CRICK ? ? ? 
hydrog42 hydrog ? ? A DC 18 O2 ? ? ? 1_555 C DG 6 N2 ? ? A DC 18 C DG 6  1_555 ? ? ? ? ? ? WATSON-CRICK ? ? ? 
hydrog43 hydrog ? ? A DT 19 N3 ? ? ? 1_555 C DA 5 N1 ? ? A DT 19 C DA 5  1_555 ? ? ? ? ? ? WATSON-CRICK ? ? ? 
hydrog44 hydrog ? ? A DT 19 O4 ? ? ? 1_555 C DA 5 N6 ? ? A DT 19 C DA 5  1_555 ? ? ? ? ? ? WATSON-CRICK ? ? ? 
hydrog45 hydrog ? ? A DC 20 O2 ? ? ? 1_555 C DG 4 N2 ? ? A DC 20 C DG 4  1_555 ? ? ? ? ? ? 'DC-DG PAIR' ? ? ? 
hydrog46 hydrog ? ? A DA 21 N1 ? ? ? 1_555 C DT 3 N3 ? ? A DA 21 C DT 3  1_555 ? ? ? ? ? ? WATSON-CRICK ? ? ? 
hydrog47 hydrog ? ? A DA 21 N6 ? ? ? 1_555 C DT 3 O4 ? ? A DA 21 C DT 3  1_555 ? ? ? ? ? ? WATSON-CRICK ? ? ? 
# 
_struct_conn_type.id          hydrog 
_struct_conn_type.criteria    ? 
_struct_conn_type.reference   ? 
# 
loop_
_struct_site.id 
_struct_site.pdbx_evidence_code 
_struct_site.pdbx_auth_asym_id 
_struct_site.pdbx_auth_comp_id 
_struct_site.pdbx_auth_seq_id 
_struct_site.pdbx_auth_ins_code 
_struct_site.pdbx_num_residues 
_struct_site.details 
AC1 Software B CAC 101 ? 1 'binding site for residue CAC B 101' 
AC2 Software C CAC 101 ? 1 'binding site for residue CAC C 101' 
# 
loop_
_struct_site_gen.id 
_struct_site_gen.site_id 
_struct_site_gen.pdbx_num_res 
_struct_site_gen.label_comp_id 
_struct_site_gen.label_asym_id 
_struct_site_gen.label_seq_id 
_struct_site_gen.pdbx_auth_ins_code 
_struct_site_gen.auth_comp_id 
_struct_site_gen.auth_asym_id 
_struct_site_gen.auth_seq_id 
_struct_site_gen.label_atom_id 
_struct_site_gen.label_alt_id 
_struct_site_gen.symmetry 
_struct_site_gen.details 
1 AC1 1 CAC F . ? CAC B 102 . ? 3_745 ? 
2 AC2 1 DG  C 8 ? DG  C 8   . ? 1_555 ? 
# 
_atom_sites.entry_id                    6WSU 
_atom_sites.Cartn_transf_matrix[1][1]   ? 
_atom_sites.Cartn_transf_matrix[1][2]   ? 
_atom_sites.Cartn_transf_matrix[1][3]   ? 
_atom_sites.Cartn_transf_matrix[2][1]   ? 
_atom_sites.Cartn_transf_matrix[2][2]   ? 
_atom_sites.Cartn_transf_matrix[2][3]   ? 
_atom_sites.Cartn_transf_matrix[3][1]   ? 
_atom_sites.Cartn_transf_matrix[3][2]   ? 
_atom_sites.Cartn_transf_matrix[3][3]   ? 
_atom_sites.Cartn_transf_vector[1]      ? 
_atom_sites.Cartn_transf_vector[2]      ? 
_atom_sites.Cartn_transf_vector[3]      ? 
_atom_sites.fract_transf_matrix[1][1]   0.01478271 
_atom_sites.fract_transf_matrix[1][2]   -0.00756938 
_atom_sites.fract_transf_matrix[1][3]   -0.00286941 
_atom_sites.fract_transf_matrix[2][1]   0.01014594 
_atom_sites.fract_transf_matrix[2][2]   -0.00383869 
_atom_sites.fract_transf_matrix[2][3]   0.01289891 
_atom_sites.fract_transf_matrix[3][1]   -0.00726770 
_atom_sites.fract_transf_matrix[3][2]   -0.01470199 
_atom_sites.fract_transf_matrix[3][3]   0.00134130 
_atom_sites.fract_transf_vector[1]      0.371939 
_atom_sites.fract_transf_vector[2]      -1.257872 
_atom_sites.fract_transf_vector[3]      2.156501 
_atom_sites.solution_primary            ? 
_atom_sites.solution_secondary          ? 
_atom_sites.solution_hydrogens          ? 
_atom_sites.special_details             ? 
# 
loop_
_atom_type.symbol 
AS 
C  
N  
O  
P  
# 
loop_
_atom_site.group_PDB 
_atom_site.id 
_atom_site.type_symbol 
_atom_site.label_atom_id 
_atom_site.label_alt_id 
_atom_site.label_comp_id 
_atom_site.label_asym_id 
_atom_site.label_entity_id 
_atom_site.label_seq_id 
_atom_site.pdbx_PDB_ins_code 
_atom_site.Cartn_x 
_atom_site.Cartn_y 
_atom_site.Cartn_z 
_atom_site.occupancy 
_atom_site.B_iso_or_equiv 
_atom_site.pdbx_formal_charge 
_atom_site.auth_seq_id 
_atom_site.auth_comp_id 
_atom_site.auth_asym_id 
_atom_site.auth_atom_id 
_atom_site.pdbx_PDB_model_num 
ATOM   1   O  "O5'" . DG  A 1 1  ? -29.511 12.845  14.491  1.00 161.48 ? 1   DG  A "O5'" 1 
ATOM   2   C  "C5'" . DG  A 1 1  ? -29.761 12.759  15.893  1.00 149.03 ? 1   DG  A "C5'" 1 
ATOM   3   C  "C4'" . DG  A 1 1  ? -28.960 13.804  16.655  1.00 145.67 ? 1   DG  A "C4'" 1 
ATOM   4   O  "O4'" . DG  A 1 1  ? -28.931 13.442  18.048  1.00 138.97 ? 1   DG  A "O4'" 1 
ATOM   5   C  "C3'" . DG  A 1 1  ? -27.505 13.945  16.216  1.00 149.60 ? 1   DG  A "C3'" 1 
ATOM   6   O  "O3'" . DG  A 1 1  ? -27.386 15.062  15.328  1.00 156.94 ? 1   DG  A "O3'" 1 
ATOM   7   C  "C2'" . DG  A 1 1  ? -26.729 14.185  17.520  1.00 138.66 ? 1   DG  A "C2'" 1 
ATOM   8   C  "C1'" . DG  A 1 1  ? -27.713 13.837  18.639  1.00 129.03 ? 1   DG  A "C1'" 1 
ATOM   9   N  N9    . DG  A 1 1  ? -27.267 12.743  19.481  1.00 111.23 ? 1   DG  A N9    1 
ATOM   10  C  C8    . DG  A 1 1  ? -27.740 11.459  19.458  1.00 117.60 ? 1   DG  A C8    1 
ATOM   11  N  N7    . DG  A 1 1  ? -27.168 10.678  20.324  1.00 118.77 ? 1   DG  A N7    1 
ATOM   12  C  C5    . DG  A 1 1  ? -26.254 11.497  20.971  1.00 116.84 ? 1   DG  A C5    1 
ATOM   13  C  C6    . DG  A 1 1  ? -25.340 11.198  22.013  1.00 111.75 ? 1   DG  A C6    1 
ATOM   14  O  O6    . DG  A 1 1  ? -25.156 10.118  22.585  1.00 112.77 ? 1   DG  A O6    1 
ATOM   15  N  N1    . DG  A 1 1  ? -24.597 12.310  22.384  1.00 110.06 ? 1   DG  A N1    1 
ATOM   16  C  C2    . DG  A 1 1  ? -24.714 13.555  21.821  1.00 115.21 ? 1   DG  A C2    1 
ATOM   17  N  N2    . DG  A 1 1  ? -23.903 14.501  22.314  1.00 112.00 ? 1   DG  A N2    1 
ATOM   18  N  N3    . DG  A 1 1  ? -25.568 13.855  20.838  1.00 120.99 ? 1   DG  A N3    1 
ATOM   19  C  C4    . DG  A 1 1  ? -26.302 12.776  20.464  1.00 116.88 ? 1   DG  A C4    1 
ATOM   20  P  P     . DA  A 1 2  ? -26.056 15.293  14.455  1.00 168.25 ? 2   DA  A P     1 
ATOM   21  O  OP1   . DA  A 1 2  ? -26.288 16.495  13.624  1.00 172.51 ? 2   DA  A OP1   1 
ATOM   22  O  OP2   . DA  A 1 2  ? -25.690 14.010  13.822  1.00 190.24 ? 2   DA  A OP2   1 
ATOM   23  O  "O5'" . DA  A 1 2  ? -24.929 15.646  15.531  1.00 150.98 ? 2   DA  A "O5'" 1 
ATOM   24  C  "C5'" . DA  A 1 2  ? -24.942 16.903  16.185  1.00 145.01 ? 2   DA  A "C5'" 1 
ATOM   25  C  "C4'" . DA  A 1 2  ? -23.756 17.019  17.116  1.00 144.39 ? 2   DA  A "C4'" 1 
ATOM   26  O  "O4'" . DA  A 1 2  ? -23.799 15.945  18.095  1.00 134.33 ? 2   DA  A "O4'" 1 
ATOM   27  C  "C3'" . DA  A 1 2  ? -22.397 16.909  16.431  1.00 141.20 ? 2   DA  A "C3'" 1 
ATOM   28  O  "O3'" . DA  A 1 2  ? -21.502 17.842  17.002  1.00 142.89 ? 2   DA  A "O3'" 1 
ATOM   29  C  "C2'" . DA  A 1 2  ? -21.976 15.473  16.732  1.00 141.81 ? 2   DA  A "C2'" 1 
ATOM   30  C  "C1'" . DA  A 1 2  ? -22.559 15.277  18.118  1.00 130.59 ? 2   DA  A "C1'" 1 
ATOM   31  N  N9    . DA  A 1 2  ? -22.803 13.880  18.451  1.00 125.33 ? 2   DA  A N9    1 
ATOM   32  C  C8    . DA  A 1 2  ? -23.648 13.024  17.806  1.00 127.70 ? 2   DA  A C8    1 
ATOM   33  N  N7    . DA  A 1 2  ? -23.679 11.820  18.323  1.00 120.14 ? 2   DA  A N7    1 
ATOM   34  C  C5    . DA  A 1 2  ? -22.789 11.889  19.382  1.00 118.77 ? 2   DA  A C5    1 
ATOM   35  C  C6    . DA  A 1 2  ? -22.372 10.939  20.332  1.00 114.40 ? 2   DA  A C6    1 
ATOM   36  N  N6    . DA  A 1 2  ? -22.824 9.681   20.354  1.00 114.05 ? 2   DA  A N6    1 
ATOM   37  N  N1    . DA  A 1 2  ? -21.470 11.330  21.257  1.00 107.44 ? 2   DA  A N1    1 
ATOM   38  C  C2    . DA  A 1 2  ? -21.022 12.586  21.229  1.00 112.80 ? 2   DA  A C2    1 
ATOM   39  N  N3    . DA  A 1 2  ? -21.341 13.571  20.388  1.00 120.51 ? 2   DA  A N3    1 
ATOM   40  C  C4    . DA  A 1 2  ? -22.238 13.152  19.479  1.00 119.90 ? 2   DA  A C4    1 
ATOM   41  P  P     . DG  A 1 3  ? -19.972 17.877  16.527  1.00 149.03 ? 3   DG  A P     1 
ATOM   42  O  OP1   . DG  A 1 3  ? -19.423 19.220  16.819  1.00 159.96 ? 3   DG  A OP1   1 
ATOM   43  O  OP2   . DG  A 1 3  ? -19.952 17.332  15.149  1.00 153.85 ? 3   DG  A OP2   1 
ATOM   44  O  "O5'" . DG  A 1 3  ? -19.249 16.832  17.490  1.00 134.44 ? 3   DG  A "O5'" 1 
ATOM   45  C  "C5'" . DG  A 1 3  ? -19.319 16.998  18.890  1.00 134.21 ? 3   DG  A "C5'" 1 
ATOM   46  C  "C4'" . DG  A 1 3  ? -18.079 16.438  19.563  1.00 135.05 ? 3   DG  A "C4'" 1 
ATOM   47  O  "O4'" . DG  A 1 3  ? -18.315 15.060  19.965  1.00 129.29 ? 3   DG  A "O4'" 1 
ATOM   48  C  "C3'" . DG  A 1 3  ? -16.829 16.408  18.696  1.00 138.66 ? 3   DG  A "C3'" 1 
ATOM   49  O  "O3'" . DG  A 1 3  ? -15.683 16.530  19.521  1.00 138.92 ? 3   DG  A "O3'" 1 
ATOM   50  C  "C2'" . DG  A 1 3  ? -16.908 15.022  18.054  1.00 141.45 ? 3   DG  A "C2'" 1 
ATOM   51  C  "C1'" . DG  A 1 3  ? -17.524 14.183  19.180  1.00 131.28 ? 3   DG  A "C1'" 1 
ATOM   52  N  N9    . DG  A 1 3  ? -18.383 13.090  18.709  1.00 122.80 ? 3   DG  A N9    1 
ATOM   53  C  C8    . DG  A 1 3  ? -19.310 13.138  17.695  1.00 125.45 ? 3   DG  A C8    1 
ATOM   54  N  N7    . DG  A 1 3  ? -19.937 12.011  17.511  1.00 117.62 ? 3   DG  A N7    1 
ATOM   55  C  C5    . DG  A 1 3  ? -19.397 11.165  18.467  1.00 112.42 ? 3   DG  A C5    1 
ATOM   56  C  C6    . DG  A 1 3  ? -19.683 9.813   18.748  1.00 116.32 ? 3   DG  A C6    1 
ATOM   57  O  O6    . DG  A 1 3  ? -20.506 9.071   18.187  1.00 118.89 ? 3   DG  A O6    1 
ATOM   58  N  N1    . DG  A 1 3  ? -18.900 9.328   19.800  1.00 114.13 ? 3   DG  A N1    1 
ATOM   59  C  C2    . DG  A 1 3  ? -17.964 10.070  20.485  1.00 111.24 ? 3   DG  A C2    1 
ATOM   60  N  N2    . DG  A 1 3  ? -17.301 9.447   21.466  1.00 112.39 ? 3   DG  A N2    1 
ATOM   61  N  N3    . DG  A 1 3  ? -17.692 11.335  20.226  1.00 116.71 ? 3   DG  A N3    1 
ATOM   62  C  C4    . DG  A 1 3  ? -18.443 11.816  19.213  1.00 116.11 ? 3   DG  A C4    1 
ATOM   63  P  P     . DC  A 1 4  ? -14.292 17.073  18.928  1.00 146.13 ? 4   DC  A P     1 
ATOM   64  O  OP1   . DC  A 1 4  ? -14.102 18.452  19.430  1.00 137.79 ? 4   DC  A OP1   1 
ATOM   65  O  OP2   . DC  A 1 4  ? -14.286 16.821  17.466  1.00 134.89 ? 4   DC  A OP2   1 
ATOM   66  O  "O5'" . DC  A 1 4  ? -13.215 16.129  19.631  1.00 124.07 ? 4   DC  A "O5'" 1 
ATOM   67  C  "C5'" . DC  A 1 4  ? -13.545 15.495  20.844  1.00 125.17 ? 4   DC  A "C5'" 1 
ATOM   68  C  "C4'" . DC  A 1 4  ? -13.072 14.053  20.851  1.00 129.01 ? 4   DC  A "C4'" 1 
ATOM   69  O  "O4'" . DC  A 1 4  ? -14.113 13.171  20.364  1.00 127.78 ? 4   DC  A "O4'" 1 
ATOM   70  C  "C3'" . DC  A 1 4  ? -11.837 13.761  19.991  1.00 130.68 ? 4   DC  A "C3'" 1 
ATOM   71  O  "O3'" . DC  A 1 4  ? -10.805 13.259  20.810  1.00 134.86 ? 4   DC  A "O3'" 1 
ATOM   72  C  "C2'" . DC  A 1 4  ? -12.319 12.702  18.980  1.00 128.79 ? 4   DC  A "C2'" 1 
ATOM   73  C  "C1'" . DC  A 1 4  ? -13.485 12.081  19.729  1.00 127.51 ? 4   DC  A "C1'" 1 
ATOM   74  N  N1    . DC  A 1 4  ? -14.495 11.365  18.854  1.00 122.04 ? 4   DC  A N1    1 
ATOM   75  C  C2    . DC  A 1 4  ? -14.769 10.004  19.071  1.00 115.82 ? 4   DC  A C2    1 
ATOM   76  O  O2    . DC  A 1 4  ? -14.172 9.400   19.973  1.00 117.81 ? 4   DC  A O2    1 
ATOM   77  N  N3    . DC  A 1 4  ? -15.685 9.385   18.284  1.00 109.08 ? 4   DC  A N3    1 
ATOM   78  C  C4    . DC  A 1 4  ? -16.307 10.067  17.321  1.00 110.45 ? 4   DC  A C4    1 
ATOM   79  N  N4    . DC  A 1 4  ? -17.197 9.417   16.572  1.00 111.75 ? 4   DC  A N4    1 
ATOM   80  C  C5    . DC  A 1 4  ? -16.047 11.444  17.087  1.00 115.64 ? 4   DC  A C5    1 
ATOM   81  C  C6    . DC  A 1 4  ? -15.141 12.047  17.867  1.00 123.04 ? 4   DC  A C6    1 
ATOM   82  P  P     . DA  A 1 5  ? -9.303  13.202  20.252  1.00 157.06 ? 5   DA  A P     1 
ATOM   83  O  OP1   . DA  A 1 5  ? -8.392  13.782  21.270  1.00 158.51 ? 5   DA  A OP1   1 
ATOM   84  O  OP2   . DA  A 1 5  ? -9.348  13.767  18.882  1.00 144.92 ? 5   DA  A OP2   1 
ATOM   85  O  "O5'" . DA  A 1 5  ? -8.985  11.639  20.180  1.00 137.65 ? 5   DA  A "O5'" 1 
ATOM   86  C  "C5'" . DA  A 1 5  ? -8.907  10.895  21.377  1.00 131.50 ? 5   DA  A "C5'" 1 
ATOM   87  C  "C4'" . DA  A 1 5  ? -8.735  9.420   21.084  1.00 134.93 ? 5   DA  A "C4'" 1 
ATOM   88  O  "O4'" . DA  A 1 5  ? -9.895  8.917   20.365  1.00 130.18 ? 5   DA  A "O4'" 1 
ATOM   89  C  "C3'" . DA  A 1 5  ? -7.520  9.061   20.240  1.00 129.15 ? 5   DA  A "C3'" 1 
ATOM   90  O  "O3'" . DA  A 1 5  ? -6.967  7.857   20.737  1.00 133.19 ? 5   DA  A "O3'" 1 
ATOM   91  C  "C2'" . DA  A 1 5  ? -8.109  8.888   18.835  1.00 120.42 ? 5   DA  A "C2'" 1 
ATOM   92  C  "C1'" . DA  A 1 5  ? -9.497  8.333   19.138  1.00 120.25 ? 5   DA  A "C1'" 1 
ATOM   93  N  N9    . DA  A 1 5  ? -10.510 8.671   18.142  1.00 108.89 ? 5   DA  A N9    1 
ATOM   94  C  C8    . DA  A 1 5  ? -10.715 9.889   17.553  1.00 116.86 ? 5   DA  A C8    1 
ATOM   95  N  N7    . DA  A 1 5  ? -11.721 9.913   16.708  1.00 106.18 ? 5   DA  A N7    1 
ATOM   96  C  C5    . DA  A 1 5  ? -12.218 8.629   16.756  1.00 103.06 ? 5   DA  A C5    1 
ATOM   97  C  C6    . DA  A 1 5  ? -13.293 8.008   16.091  1.00 106.30 ? 5   DA  A C6    1 
ATOM   98  N  N6    . DA  A 1 5  ? -14.085 8.644   15.215  1.00 106.05 ? 5   DA  A N6    1 
ATOM   99  N  N1    . DA  A 1 5  ? -13.525 6.703   16.361  1.00 107.00 ? 5   DA  A N1    1 
ATOM   100 C  C2    . DA  A 1 5  ? -12.730 6.074   17.249  1.00 108.29 ? 5   DA  A C2    1 
ATOM   101 N  N3    . DA  A 1 5  ? -11.690 6.556   17.937  1.00 105.81 ? 5   DA  A N3    1 
ATOM   102 C  C4    . DA  A 1 5  ? -11.486 7.850   17.640  1.00 103.19 ? 5   DA  A C4    1 
ATOM   103 P  P     . DG  A 1 6  ? -5.475  7.408   20.344  1.00 154.17 ? 6   DG  A P     1 
ATOM   104 O  OP1   . DG  A 1 6  ? -4.648  7.329   21.575  1.00 136.66 ? 6   DG  A OP1   1 
ATOM   105 O  OP2   . DG  A 1 6  ? -5.054  8.270   19.212  1.00 143.13 ? 6   DG  A OP2   1 
ATOM   106 O  "O5'" . DG  A 1 6  ? -5.689  5.920   19.812  1.00 143.66 ? 6   DG  A "O5'" 1 
ATOM   107 C  "C5'" . DG  A 1 6  ? -6.771  5.153   20.319  1.00 136.39 ? 6   DG  A "C5'" 1 
ATOM   108 C  "C4'" . DG  A 1 6  ? -7.258  4.154   19.290  1.00 132.15 ? 6   DG  A "C4'" 1 
ATOM   109 O  "O4'" . DG  A 1 6  ? -8.293  4.749   18.460  1.00 124.87 ? 6   DG  A "O4'" 1 
ATOM   110 C  "C3'" . DG  A 1 6  ? -6.188  3.638   18.328  1.00 130.02 ? 6   DG  A "C3'" 1 
ATOM   111 O  "O3'" . DG  A 1 6  ? -6.340  2.236   18.199  1.00 134.03 ? 6   DG  A "O3'" 1 
ATOM   112 C  "C2'" . DG  A 1 6  ? -6.518  4.370   17.022  1.00 121.90 ? 6   DG  A "C2'" 1 
ATOM   113 C  "C1'" . DG  A 1 6  ? -8.028  4.439   17.113  1.00 115.98 ? 6   DG  A "C1'" 1 
ATOM   114 N  N9    . DG  A 1 6  ? -8.640  5.466   16.273  1.00 107.16 ? 6   DG  A N9    1 
ATOM   115 C  C8    . DG  A 1 6  ? -8.243  6.771   16.129  1.00 106.86 ? 6   DG  A C8    1 
ATOM   116 N  N7    . DG  A 1 6  ? -9.003  7.454   15.316  1.00 104.03 ? 6   DG  A N7    1 
ATOM   117 C  C5    . DG  A 1 6  ? -9.965  6.544   14.903  1.00 93.88  ? 6   DG  A C5    1 
ATOM   118 C  C6    . DG  A 1 6  ? -11.059 6.710   14.021  1.00 92.59  ? 6   DG  A C6    1 
ATOM   119 O  O6    . DG  A 1 6  ? -11.408 7.722   13.401  1.00 96.75  ? 6   DG  A O6    1 
ATOM   120 N  N1    . DG  A 1 6  ? -11.785 5.537   13.884  1.00 94.32  ? 6   DG  A N1    1 
ATOM   121 C  C2    . DG  A 1 6  ? -11.486 4.351   14.514  1.00 99.95  ? 6   DG  A C2    1 
ATOM   122 N  N2    . DG  A 1 6  ? -12.297 3.315   14.258  1.00 96.93  ? 6   DG  A N2    1 
ATOM   123 N  N3    . DG  A 1 6  ? -10.465 4.188   15.341  1.00 101.10 ? 6   DG  A N3    1 
ATOM   124 C  C4    . DG  A 1 6  ? -9.751  5.320   15.485  1.00 95.39  ? 6   DG  A C4    1 
ATOM   125 P  P     . DA  A 1 7  ? -5.162  1.321   17.603  1.00 153.69 ? 7   DA  A P     1 
ATOM   126 O  OP1   . DA  A 1 7  ? -4.656  0.479   18.714  1.00 143.85 ? 7   DA  A OP1   1 
ATOM   127 O  OP2   . DA  A 1 7  ? -4.208  2.177   16.861  1.00 146.99 ? 7   DA  A OP2   1 
ATOM   128 O  "O5'" . DA  A 1 7  ? -5.942  0.402   16.552  1.00 128.73 ? 7   DA  A "O5'" 1 
ATOM   129 C  "C5'" . DA  A 1 7  ? -7.260  -0.027  16.860  1.00 127.36 ? 7   DA  A "C5'" 1 
ATOM   130 C  "C4'" . DA  A 1 7  ? -8.086  -0.176  15.604  1.00 125.79 ? 7   DA  A "C4'" 1 
ATOM   131 O  "O4'" . DA  A 1 7  ? -8.523  1.116   15.140  1.00 118.23 ? 7   DA  A "O4'" 1 
ATOM   132 C  "C3'" . DA  A 1 7  ? -7.346  -0.818  14.441  1.00 127.48 ? 7   DA  A "C3'" 1 
ATOM   133 O  "O3'" . DA  A 1 7  ? -7.926  -2.063  14.166  1.00 136.07 ? 7   DA  A "O3'" 1 
ATOM   134 C  "C2'" . DA  A 1 7  ? -7.517  0.167   13.272  1.00 118.48 ? 7   DA  A "C2'" 1 
ATOM   135 C  "C1'" . DA  A 1 7  ? -8.636  1.077   13.744  1.00 108.89 ? 7   DA  A "C1'" 1 
ATOM   136 N  N9    . DA  A 1 7  ? -8.512  2.442   13.259  1.00 98.30  ? 7   DA  A N9    1 
ATOM   137 C  C8    . DA  A 1 7  ? -7.579  3.354   13.639  1.00 97.75  ? 7   DA  A C8    1 
ATOM   138 N  N7    . DA  A 1 7  ? -7.710  4.521   13.054  1.00 96.26  ? 7   DA  A N7    1 
ATOM   139 C  C5    . DA  A 1 7  ? -8.806  4.364   12.232  1.00 90.93  ? 7   DA  A C5    1 
ATOM   140 C  C6    . DA  A 1 7  ? -9.452  5.239   11.341  1.00 91.13  ? 7   DA  A C6    1 
ATOM   141 N  N6    . DA  A 1 7  ? -9.056  6.492   11.131  1.00 83.87  ? 7   DA  A N6    1 
ATOM   142 N  N1    . DA  A 1 7  ? -10.526 4.772   10.671  1.00 94.44  ? 7   DA  A N1    1 
ATOM   143 C  C2    . DA  A 1 7  ? -10.916 3.509   10.879  1.00 95.73  ? 7   DA  A C2    1 
ATOM   144 N  N3    . DA  A 1 7  ? -10.383 2.591   11.692  1.00 99.96  ? 7   DA  A N3    1 
ATOM   145 C  C4    . DA  A 1 7  ? -9.321  3.089   12.345  1.00 95.99  ? 7   DA  A C4    1 
ATOM   146 P  P     . DC  A 1 8  ? -7.307  -3.010  13.033  1.00 149.86 ? 8   DC  A P     1 
ATOM   147 O  OP1   . DC  A 1 8  ? -7.775  -4.387  13.326  1.00 151.73 ? 8   DC  A OP1   1 
ATOM   148 O  OP2   . DC  A 1 8  ? -5.857  -2.709  12.898  1.00 139.38 ? 8   DC  A OP2   1 
ATOM   149 O  "O5'" . DC  A 1 8  ? -8.041  -2.515  11.714  1.00 140.92 ? 8   DC  A "O5'" 1 
ATOM   150 C  "C5'" . DC  A 1 8  ? -9.427  -2.230  11.746  1.00 133.00 ? 8   DC  A "C5'" 1 
ATOM   151 C  "C4'" . DC  A 1 8  ? -9.831  -1.589  10.447  1.00 131.50 ? 8   DC  A "C4'" 1 
ATOM   152 O  "O4'" . DC  A 1 8  ? -9.549  -0.168  10.495  1.00 119.80 ? 8   DC  A "O4'" 1 
ATOM   153 C  "C3'" . DC  A 1 8  ? -9.064  -2.127  9.234   1.00 131.35 ? 8   DC  A "C3'" 1 
ATOM   154 O  "O3'" . DC  A 1 8  ? -9.968  -2.533  8.239   1.00 131.75 ? 8   DC  A "O3'" 1 
ATOM   155 C  "C2'" . DC  A 1 8  ? -8.223  -0.936  8.776   1.00 126.23 ? 8   DC  A "C2'" 1 
ATOM   156 C  "C1'" . DC  A 1 8  ? -9.085  0.218   9.229   1.00 115.50 ? 8   DC  A "C1'" 1 
ATOM   157 N  N1    . DC  A 1 8  ? -8.345  1.482   9.338   1.00 99.87  ? 8   DC  A N1    1 
ATOM   158 C  C2    . DC  A 1 8  ? -8.752  2.573   8.577   1.00 96.86  ? 8   DC  A C2    1 
ATOM   159 O  O2    . DC  A 1 8  ? -9.735  2.454   7.844   1.00 100.40 ? 8   DC  A O2    1 
ATOM   160 N  N3    . DC  A 1 8  ? -8.061  3.731   8.665   1.00 86.01  ? 8   DC  A N3    1 
ATOM   161 C  C4    . DC  A 1 8  ? -7.007  3.811   9.470   1.00 89.27  ? 8   DC  A C4    1 
ATOM   162 N  N4    . DC  A 1 8  ? -6.357  4.977   9.533   1.00 87.72  ? 8   DC  A N4    1 
ATOM   163 C  C5    . DC  A 1 8  ? -6.571  2.698   10.253  1.00 95.66  ? 8   DC  A C5    1 
ATOM   164 C  C6    . DC  A 1 8  ? -7.259  1.562   10.148  1.00 98.43  ? 8   DC  A C6    1 
ATOM   165 P  P     . DG  A 1 9  ? -9.425  -3.212  6.891   1.00 150.39 ? 9   DG  A P     1 
ATOM   166 O  OP1   . DG  A 1 9  ? -10.287 -4.394  6.653   1.00 153.16 ? 9   DG  A OP1   1 
ATOM   167 O  OP2   . DG  A 1 9  ? -7.944  -3.373  6.967   1.00 127.06 ? 9   DG  A OP2   1 
ATOM   168 O  "O5'" . DG  A 1 9  ? -9.759  -2.122  5.777   1.00 130.91 ? 9   DG  A "O5'" 1 
ATOM   169 C  "C5'" . DG  A 1 9  ? -11.052 -1.535  5.727   1.00 122.93 ? 9   DG  A "C5'" 1 
ATOM   170 C  "C4'" . DG  A 1 9  ? -11.138 -0.554  4.574   1.00 117.97 ? 9   DG  A "C4'" 1 
ATOM   171 O  "O4'" . DG  A 1 9  ? -10.547 0.722   4.960   1.00 115.78 ? 9   DG  A "O4'" 1 
ATOM   172 C  "C3'" . DG  A 1 9  ? -10.401 -0.991  3.307   1.00 114.06 ? 9   DG  A "C3'" 1 
ATOM   173 O  "O3'" . DG  A 1 9  ? -11.153 -0.581  2.170   1.00 110.93 ? 9   DG  A "O3'" 1 
ATOM   174 C  "C2'" . DG  A 1 9  ? -9.065  -0.245  3.418   1.00 109.91 ? 9   DG  A "C2'" 1 
ATOM   175 C  "C1'" . DG  A 1 9  ? -9.519  1.070   4.040   1.00 109.90 ? 9   DG  A "C1'" 1 
ATOM   176 N  N9    . DG  A 1 9  ? -8.459  1.818   4.750   1.00 100.12 ? 9   DG  A N9    1 
ATOM   177 C  C8    . DG  A 1 9  ? -7.638  1.360   5.756   1.00 97.16  ? 9   DG  A C8    1 
ATOM   178 N  N7    . DG  A 1 9  ? -6.806  2.262   6.204   1.00 85.18  ? 9   DG  A N7    1 
ATOM   179 C  C5    . DG  A 1 9  ? -7.099  3.393   5.458   1.00 83.57  ? 9   DG  A C5    1 
ATOM   180 C  C6    . DG  A 1 9  ? -6.521  4.687   5.496   1.00 81.00  ? 9   DG  A C6    1 
ATOM   181 O  O6    . DG  A 1 9  ? -5.599  5.101   6.231   1.00 74.41  ? 9   DG  A O6    1 
ATOM   182 N  N1    . DG  A 1 9  ? -7.108  5.539   4.561   1.00 69.08  ? 9   DG  A N1    1 
ATOM   183 C  C2    . DG  A 1 9  ? -8.124  5.185   3.705   1.00 77.42  ? 9   DG  A C2    1 
ATOM   184 N  N2    . DG  A 1 9  ? -8.569  6.134   2.869   1.00 76.58  ? 9   DG  A N2    1 
ATOM   185 N  N3    . DG  A 1 9  ? -8.674  3.981   3.662   1.00 83.36  ? 9   DG  A N3    1 
ATOM   186 C  C4    . DG  A 1 9  ? -8.112  3.140   4.560   1.00 84.79  ? 9   DG  A C4    1 
ATOM   187 P  P     . DA  A 1 10 ? -10.773 -1.075  0.687   1.00 120.21 ? 10  DA  A P     1 
ATOM   188 O  OP1   . DA  A 1 10 ? -11.973 -1.688  0.073   1.00 136.21 ? 10  DA  A OP1   1 
ATOM   189 O  OP2   . DA  A 1 10 ? -9.488  -1.816  0.722   1.00 111.85 ? 10  DA  A OP2   1 
ATOM   190 O  "O5'" . DA  A 1 10 ? -10.568 0.290   -0.084  1.00 107.98 ? 10  DA  A "O5'" 1 
ATOM   191 C  "C5'" . DA  A 1 10 ? -11.257 1.423   0.362   1.00 103.25 ? 10  DA  A "C5'" 1 
ATOM   192 C  "C4'" . DA  A 1 10 ? -11.147 2.544   -0.638  1.00 101.37 ? 10  DA  A "C4'" 1 
ATOM   193 O  "O4'" . DA  A 1 10 ? -10.220 3.551   -0.157  1.00 103.68 ? 10  DA  A "O4'" 1 
ATOM   194 C  "C3'" . DA  A 1 10 ? -10.635 2.135   -1.996  1.00 100.91 ? 10  DA  A "C3'" 1 
ATOM   195 O  "O3'" . DA  A 1 10 ? -11.197 2.987   -2.967  1.00 107.27 ? 10  DA  A "O3'" 1 
ATOM   196 C  "C2'" . DA  A 1 10 ? -9.112  2.329   -1.866  1.00 98.15  ? 10  DA  A "C2'" 1 
ATOM   197 C  "C1'" . DA  A 1 10 ? -9.005  3.507   -0.895  1.00 94.52  ? 10  DA  A "C1'" 1 
ATOM   198 N  N9    . DA  A 1 10 ? -7.914  3.410   0.079   1.00 87.51  ? 10  DA  A N9    1 
ATOM   199 C  C8    . DA  A 1 10 ? -7.632  2.357   0.898   1.00 90.24  ? 10  DA  A C8    1 
ATOM   200 N  N7    . DA  A 1 10 ? -6.618  2.571   1.713   1.00 83.64  ? 10  DA  A N7    1 
ATOM   201 C  C5    . DA  A 1 10 ? -6.222  3.857   1.414   1.00 73.93  ? 10  DA  A C5    1 
ATOM   202 C  C6    . DA  A 1 10 ? -5.211  4.675   1.933   1.00 67.59  ? 10  DA  A C6    1 
ATOM   203 N  N6    . DA  A 1 10 ? -4.365  4.297   2.900   1.00 65.44  ? 10  DA  A N6    1 
ATOM   204 N  N1    . DA  A 1 10 ? -5.091  5.901   1.418   1.00 65.82  ? 10  DA  A N1    1 
ATOM   205 C  C2    . DA  A 1 10 ? -5.931  6.292   0.460   1.00 69.47  ? 10  DA  A C2    1 
ATOM   206 N  N3    . DA  A 1 10 ? -6.927  5.620   -0.106  1.00 79.93  ? 10  DA  A N3    1 
ATOM   207 C  C4    . DA  A 1 10 ? -7.018  4.395   0.418   1.00 80.73  ? 10  DA  A C4    1 
ATOM   208 P  P     . DG  A 1 11 ? -11.055 2.622   -4.518  1.00 116.41 ? 11  DG  A P     1 
ATOM   209 O  OP1   . DG  A 1 11 ? -12.310 2.993   -5.214  1.00 103.21 ? 11  DG  A OP1   1 
ATOM   210 O  OP2   . DG  A 1 11 ? -10.525 1.240   -4.537  1.00 105.02 ? 11  DG  A OP2   1 
ATOM   211 O  "O5'" . DG  A 1 11 ? -9.895  3.587   -5.030  1.00 108.36 ? 11  DG  A "O5'" 1 
ATOM   212 C  "C5'" . DG  A 1 11 ? -10.052 4.980   -4.914  1.00 102.07 ? 11  DG  A "C5'" 1 
ATOM   213 C  "C4'" . DG  A 1 11 ? -8.744  5.682   -5.200  1.00 99.46  ? 11  DG  A "C4'" 1 
ATOM   214 O  "O4'" . DG  A 1 11 ? -7.831  5.497   -4.095  1.00 101.12 ? 11  DG  A "O4'" 1 
ATOM   215 C  "C3'" . DG  A 1 11 ? -8.018  5.197   -6.444  1.00 98.15  ? 11  DG  A "C3'" 1 
ATOM   216 O  "O3'" . DG  A 1 11 ? -7.721  6.315   -7.247  1.00 104.84 ? 11  DG  A "O3'" 1 
ATOM   217 C  "C2'" . DG  A 1 11 ? -6.751  4.507   -5.901  1.00 92.31  ? 11  DG  A "C2'" 1 
ATOM   218 C  "C1'" . DG  A 1 11 ? -6.541  5.231   -4.583  1.00 95.70  ? 11  DG  A "C1'" 1 
ATOM   219 N  N9    . DG  A 1 11 ? -5.844  4.462   -3.552  1.00 88.76  ? 11  DG  A N9    1 
ATOM   220 C  C8    . DG  A 1 11 ? -6.128  3.187   -3.134  1.00 82.19  ? 11  DG  A C8    1 
ATOM   221 N  N7    . DG  A 1 11 ? -5.362  2.783   -2.156  1.00 82.82  ? 11  DG  A N7    1 
ATOM   222 C  C5    . DG  A 1 11 ? -4.532  3.867   -1.903  1.00 74.31  ? 11  DG  A C5    1 
ATOM   223 C  C6    . DG  A 1 11 ? -3.499  4.024   -0.949  1.00 73.09  ? 11  DG  A C6    1 
ATOM   224 O  O6    . DG  A 1 11 ? -3.094  3.213   -0.118  1.00 78.32  ? 11  DG  A O6    1 
ATOM   225 N  N1    . DG  A 1 11 ? -2.911  5.270   -1.027  1.00 72.77  ? 11  DG  A N1    1 
ATOM   226 C  C2    . DG  A 1 11 ? -3.278  6.253   -1.906  1.00 75.84  ? 11  DG  A C2    1 
ATOM   227 N  N2    . DG  A 1 11 ? -2.598  7.402   -1.829  1.00 78.84  ? 11  DG  A N2    1 
ATOM   228 N  N3    . DG  A 1 11 ? -4.254  6.127   -2.799  1.00 71.38  ? 11  DG  A N3    1 
ATOM   229 C  C4    . DG  A 1 11 ? -4.827  4.908   -2.744  1.00 73.83  ? 11  DG  A C4    1 
ATOM   230 P  P     . DA  A 1 12 ? -7.078  6.113   -8.699  1.00 121.92 ? 12  DA  A P     1 
ATOM   231 O  OP1   . DA  A 1 12 ? -7.598  7.219   -9.537  1.00 119.55 ? 12  DA  A OP1   1 
ATOM   232 O  OP2   . DA  A 1 12 ? -7.247  4.692   -9.101  1.00 108.12 ? 12  DA  A OP2   1 
ATOM   233 O  "O5'" . DA  A 1 12 ? -5.527  6.383   -8.449  1.00 101.09 ? 12  DA  A "O5'" 1 
ATOM   234 C  "C5'" . DA  A 1 12 ? -5.119  7.629   -7.933  1.00 97.59  ? 12  DA  A "C5'" 1 
ATOM   235 C  "C4'" . DA  A 1 12 ? -3.679  7.560   -7.484  1.00 97.92  ? 12  DA  A "C4'" 1 
ATOM   236 O  "O4'" . DA  A 1 12 ? -3.583  6.715   -6.315  1.00 92.48  ? 12  DA  A "O4'" 1 
ATOM   237 C  "C3'" . DA  A 1 12 ? -2.710  6.962   -8.519  1.00 97.13  ? 12  DA  A "C3'" 1 
ATOM   238 O  "O3'" . DA  A 1 12 ? -1.691  7.896   -8.849  1.00 101.32 ? 12  DA  A "O3'" 1 
ATOM   239 C  "C2'" . DA  A 1 12 ? -2.130  5.741   -7.815  1.00 91.25  ? 12  DA  A "C2'" 1 
ATOM   240 C  "C1'" . DA  A 1 12 ? -2.332  6.103   -6.354  1.00 92.12  ? 12  DA  A "C1'" 1 
ATOM   241 N  N9    . DA  A 1 12 ? -2.329  4.944   -5.473  1.00 87.57  ? 12  DA  A N9    1 
ATOM   242 C  C8    . DA  A 1 12 ? -3.135  3.847   -5.552  1.00 80.93  ? 12  DA  A C8    1 
ATOM   243 N  N7    . DA  A 1 12 ? -2.884  2.948   -4.631  1.00 83.98  ? 12  DA  A N7    1 
ATOM   244 C  C5    . DA  A 1 12 ? -1.836  3.489   -3.909  1.00 72.26  ? 12  DA  A C5    1 
ATOM   245 C  C6    . DA  A 1 12 ? -1.106  3.022   -2.807  1.00 71.87  ? 12  DA  A C6    1 
ATOM   246 N  N6    . DA  A 1 12 ? -1.344  1.862   -2.221  1.00 69.90  ? 12  DA  A N6    1 
ATOM   247 N  N1    . DA  A 1 12 ? -0.115  3.813   -2.326  1.00 81.02  ? 12  DA  A N1    1 
ATOM   248 C  C2    . DA  A 1 12 ? 0.113   4.992   -2.917  1.00 76.13  ? 12  DA  A C2    1 
ATOM   249 N  N3    . DA  A 1 12 ? -0.509  5.528   -3.967  1.00 79.61  ? 12  DA  A N3    1 
ATOM   250 C  C4    . DA  A 1 12 ? -1.481  4.717   -4.416  1.00 80.32  ? 12  DA  A C4    1 
ATOM   251 P  P     . DC  A 1 13 ? -0.884  7.743   -10.231 1.00 118.45 ? 13  DC  A P     1 
ATOM   252 O  OP1   . DC  A 1 13 ? -0.021  8.933   -10.429 1.00 111.62 ? 13  DC  A OP1   1 
ATOM   253 O  OP2   . DC  A 1 13 ? -1.895  7.419   -11.266 1.00 109.01 ? 13  DC  A OP2   1 
ATOM   254 O  "O5'" . DC  A 1 13 ? 0.042   6.451   -9.987  1.00 111.02 ? 13  DC  A "O5'" 1 
ATOM   255 C  "C5'" . DC  A 1 13 ? 1.460   6.587   -9.919  1.00 106.13 ? 13  DC  A "C5'" 1 
ATOM   256 C  "C4'" . DC  A 1 13 ? 1.938   6.662   -8.480  1.00 100.82 ? 13  DC  A "C4'" 1 
ATOM   257 O  "O4'" . DC  A 1 13 ? 0.989   5.997   -7.612  1.00 99.21  ? 13  DC  A "O4'" 1 
ATOM   258 C  "C3'" . DC  A 1 13 ? 3.241   5.932   -8.211  1.00 99.85  ? 13  DC  A "C3'" 1 
ATOM   259 O  "O3'" . DC  A 1 13 ? 4.356   6.739   -8.552  1.00 102.07 ? 13  DC  A "O3'" 1 
ATOM   260 C  "C2'" . DC  A 1 13 ? 3.177   5.688   -6.710  1.00 88.81  ? 13  DC  A "C2'" 1 
ATOM   261 C  "C1'" . DC  A 1 13 ? 1.681   5.515   -6.460  1.00 92.56  ? 13  DC  A "C1'" 1 
ATOM   262 N  N1    . DC  A 1 13 ? 1.243   4.095   -6.156  1.00 86.21  ? 13  DC  A N1    1 
ATOM   263 C  C2    . DC  A 1 13 ? 1.848   3.366   -5.103  1.00 84.11  ? 13  DC  A C2    1 
ATOM   264 O  O2    . DC  A 1 13 ? 2.767   3.872   -4.451  1.00 82.72  ? 13  DC  A O2    1 
ATOM   265 N  N3    . DC  A 1 13 ? 1.402   2.114   -4.832  1.00 77.77  ? 13  DC  A N3    1 
ATOM   266 C  C4    . DC  A 1 13 ? 0.408   1.591   -5.541  1.00 79.86  ? 13  DC  A C4    1 
ATOM   267 N  N4    . DC  A 1 13 ? 0.014   0.355   -5.238  1.00 71.69  ? 13  DC  A N4    1 
ATOM   268 C  C5    . DC  A 1 13 ? -0.230  2.314   -6.595  1.00 79.49  ? 13  DC  A C5    1 
ATOM   269 C  C6    . DC  A 1 13 ? 0.217   3.546   -6.865  1.00 82.56  ? 13  DC  A C6    1 
ATOM   270 P  P     . DT  A 1 14 ? 5.661   6.064   -9.217  1.00 118.24 ? 14  DT  A P     1 
ATOM   271 O  OP1   . DT  A 1 14 ? 6.226   7.047   -10.175 1.00 117.43 ? 14  DT  A OP1   1 
ATOM   272 O  OP2   . DT  A 1 14 ? 5.274   4.717   -9.707  1.00 101.38 ? 14  DT  A OP2   1 
ATOM   273 O  "O5'" . DT  A 1 14 ? 6.666   5.831   -7.993  1.00 106.42 ? 14  DT  A "O5'" 1 
ATOM   274 C  "C5'" . DT  A 1 14 ? 6.434   6.447   -6.739  1.00 93.56  ? 14  DT  A "C5'" 1 
ATOM   275 C  "C4'" . DT  A 1 14 ? 7.131   5.678   -5.638  1.00 100.93 ? 14  DT  A "C4'" 1 
ATOM   276 O  "O4'" . DT  A 1 14 ? 6.266   4.608   -5.166  1.00 101.56 ? 14  DT  A "O4'" 1 
ATOM   277 C  "C3'" . DT  A 1 14 ? 8.435   5.012   -6.068  1.00 97.33  ? 14  DT  A "C3'" 1 
ATOM   278 O  "O3'" . DT  A 1 14 ? 9.395   5.109   -5.034  1.00 105.47 ? 14  DT  A "O3'" 1 
ATOM   279 C  "C2'" . DT  A 1 14 ? 8.020   3.566   -6.317  1.00 96.52  ? 14  DT  A "C2'" 1 
ATOM   280 C  "C1'" . DT  A 1 14 ? 6.944   3.368   -5.259  1.00 96.79  ? 14  DT  A "C1'" 1 
ATOM   281 N  N1    . DT  A 1 14 ? 5.936   2.281   -5.604  1.00 85.06  ? 14  DT  A N1    1 
ATOM   282 C  C2    . DT  A 1 14 ? 5.904   1.110   -4.862  1.00 77.66  ? 14  DT  A C2    1 
ATOM   283 O  O2    . DT  A 1 14 ? 6.650   0.880   -3.920  1.00 73.02  ? 14  DT  A O2    1 
ATOM   284 N  N3    . DT  A 1 14 ? 4.963   0.202   -5.275  1.00 74.67  ? 14  DT  A N3    1 
ATOM   285 C  C4    . DT  A 1 14 ? 4.061   0.349   -6.304  1.00 78.67  ? 14  DT  A C4    1 
ATOM   286 O  O4    . DT  A 1 14 ? 3.242   -0.511  -6.586  1.00 80.76  ? 14  DT  A O4    1 
ATOM   287 C  C5    . DT  A 1 14 ? 4.142   1.584   -7.028  1.00 78.45  ? 14  DT  A C5    1 
ATOM   288 C  C7    . DT  A 1 14 ? 3.205   1.833   -8.164  1.00 79.14  ? 14  DT  A C7    1 
ATOM   289 C  C6    . DT  A 1 14 ? 5.066   2.481   -6.655  1.00 81.96  ? 14  DT  A C6    1 
ATOM   290 P  P     . DC  A 1 15 ? 10.917  4.672   -5.308  1.00 119.79 ? 15  DC  A P     1 
ATOM   291 O  OP1   . DC  A 1 15 ? 11.798  5.515   -4.469  1.00 105.19 ? 15  DC  A OP1   1 
ATOM   292 O  OP2   . DC  A 1 15 ? 11.079  4.596   -6.783  1.00 100.14 ? 15  DC  A OP2   1 
ATOM   293 O  "O5'" . DC  A 1 15 ? 11.005  3.197   -4.703  1.00 105.15 ? 15  DC  A "O5'" 1 
ATOM   294 C  "C5'" . DC  A 1 15 ? 10.358  2.907   -3.488  1.00 95.59  ? 15  DC  A "C5'" 1 
ATOM   295 C  "C4'" . DC  A 1 15 ? 10.809  1.564   -2.969  1.00 106.47 ? 15  DC  A "C4'" 1 
ATOM   296 O  "O4'" . DC  A 1 15 ? 9.795   0.559   -3.236  1.00 100.42 ? 15  DC  A "O4'" 1 
ATOM   297 C  "C3'" . DC  A 1 15 ? 12.101  1.055   -3.585  1.00 110.81 ? 15  DC  A "C3'" 1 
ATOM   298 O  "O3'" . DC  A 1 15 ? 12.928  0.544   -2.565  1.00 116.00 ? 15  DC  A "O3'" 1 
ATOM   299 C  "C2'" . DC  A 1 15 ? 11.644  -0.033  -4.574  1.00 103.14 ? 15  DC  A "C2'" 1 
ATOM   300 C  "C1'" . DC  A 1 15 ? 10.333  -0.523  -3.965  1.00 89.47  ? 15  DC  A "C1'" 1 
ATOM   301 N  N1    . DC  A 1 15 ? 9.290   -0.920  -4.963  1.00 83.94  ? 15  DC  A N1    1 
ATOM   302 C  C2    . DC  A 1 15 ? 8.644   -2.164  -4.851  1.00 75.14  ? 15  DC  A C2    1 
ATOM   303 O  O2    . DC  A 1 15 ? 8.980   -2.948  -3.944  1.00 70.74  ? 15  DC  A O2    1 
ATOM   304 N  N3    . DC  A 1 15 ? 7.687   -2.482  -5.752  1.00 74.66  ? 15  DC  A N3    1 
ATOM   305 C  C4    . DC  A 1 15 ? 7.350   -1.616  -6.711  1.00 77.95  ? 15  DC  A C4    1 
ATOM   306 N  N4    . DC  A 1 15 ? 6.391   -1.981  -7.568  1.00 75.90  ? 15  DC  A N4    1 
ATOM   307 C  C5    . DC  A 1 15 ? 7.981   -0.343  -6.834  1.00 74.98  ? 15  DC  A C5    1 
ATOM   308 C  C6    . DC  A 1 15 ? 8.928   -0.038  -5.942  1.00 80.23  ? 15  DC  A C6    1 
ATOM   309 P  P     . DC  A 1 16 ? 14.440  0.131   -2.887  1.00 121.15 ? 16  DC  A P     1 
ATOM   310 O  OP1   . DC  A 1 16 ? 15.166  0.230   -1.595  1.00 116.15 ? 16  DC  A OP1   1 
ATOM   311 O  OP2   . DC  A 1 16 ? 14.868  0.839   -4.122  1.00 97.71  ? 16  DC  A OP2   1 
ATOM   312 O  "O5'" . DC  A 1 16 ? 14.320  -1.408  -3.226  1.00 105.47 ? 16  DC  A "O5'" 1 
ATOM   313 C  "C5'" . DC  A 1 16 ? 13.544  -2.207  -2.385  1.00 108.21 ? 16  DC  A "C5'" 1 
ATOM   314 C  "C4'" . DC  A 1 16 ? 13.878  -3.665  -2.561  1.00 109.60 ? 16  DC  A "C4'" 1 
ATOM   315 O  "O4'" . DC  A 1 16 ? 12.884  -4.310  -3.397  1.00 108.53 ? 16  DC  A "O4'" 1 
ATOM   316 C  "C3'" . DC  A 1 16 ? 15.209  -3.957  -3.215  1.00 105.44 ? 16  DC  A "C3'" 1 
ATOM   317 O  "O3'" . DC  A 1 16 ? 15.676  -5.182  -2.671  1.00 109.52 ? 16  DC  A "O3'" 1 
ATOM   318 C  "C2'" . DC  A 1 16 ? 14.828  -4.060  -4.703  1.00 84.08  ? 16  DC  A "C2'" 1 
ATOM   319 C  "C1'" . DC  A 1 16 ? 13.461  -4.720  -4.623  1.00 90.34  ? 16  DC  A "C1'" 1 
ATOM   320 N  N1    . DC  A 1 16 ? 12.511  -4.335  -5.694  1.00 85.06  ? 16  DC  A N1    1 
ATOM   321 C  C2    . DC  A 1 16 ? 11.447  -5.193  -5.990  1.00 82.58  ? 16  DC  A C2    1 
ATOM   322 O  O2    . DC  A 1 16 ? 11.363  -6.266  -5.372  1.00 84.91  ? 16  DC  A O2    1 
ATOM   323 N  N3    . DC  A 1 16 ? 10.551  -4.840  -6.956  1.00 72.20  ? 16  DC  A N3    1 
ATOM   324 C  C4    . DC  A 1 16 ? 10.690  -3.681  -7.592  1.00 78.68  ? 16  DC  A C4    1 
ATOM   325 N  N4    . DC  A 1 16 ? 9.781   -3.365  -8.530  1.00 74.00  ? 16  DC  A N4    1 
ATOM   326 C  C5    . DC  A 1 16 ? 11.765  -2.785  -7.292  1.00 79.05  ? 16  DC  A C5    1 
ATOM   327 C  C6    . DC  A 1 16 ? 12.640  -3.147  -6.338  1.00 83.38  ? 16  DC  A C6    1 
ATOM   328 P  P     . DA  A 1 17 ? 17.108  -5.789  -3.028  1.00 115.73 ? 17  DA  A P     1 
ATOM   329 O  OP1   . DA  A 1 17 ? 17.952  -5.710  -1.813  1.00 106.86 ? 17  DA  A OP1   1 
ATOM   330 O  OP2   . DA  A 1 17 ? 17.564  -5.192  -4.312  1.00 117.98 ? 17  DA  A OP2   1 
ATOM   331 O  "O5'" . DA  A 1 17 ? 16.762  -7.327  -3.255  1.00 109.68 ? 17  DA  A "O5'" 1 
ATOM   332 C  "C5'" . DA  A 1 17 ? 16.067  -8.025  -2.244  1.00 94.29  ? 17  DA  A "C5'" 1 
ATOM   333 C  "C4'" . DA  A 1 17 ? 15.277  -9.184  -2.817  1.00 91.75  ? 17  DA  A "C4'" 1 
ATOM   334 O  "O4'" . DA  A 1 17 ? 14.406  -8.734  -3.884  1.00 98.16  ? 17  DA  A "O4'" 1 
ATOM   335 C  "C3'" . DA  A 1 17 ? 16.101  -10.308 -3.402  1.00 98.89  ? 17  DA  A "C3'" 1 
ATOM   336 O  "O3'" . DA  A 1 17 ? 15.457  -11.506 -3.102  1.00 101.18 ? 17  DA  A "O3'" 1 
ATOM   337 C  "C2'" . DA  A 1 17 ? 16.105  -10.005 -4.915  1.00 98.39  ? 17  DA  A "C2'" 1 
ATOM   338 C  "C1'" . DA  A 1 17 ? 14.747  -9.355  -5.117  1.00 89.33  ? 17  DA  A "C1'" 1 
ATOM   339 N  N9    . DA  A 1 17 ? 14.692  -8.301  -6.123  1.00 83.52  ? 17  DA  A N9    1 
ATOM   340 C  C8    . DA  A 1 17 ? 15.529  -7.227  -6.251  1.00 84.86  ? 17  DA  A C8    1 
ATOM   341 N  N7    . DA  A 1 17 ? 15.178  -6.398  -7.215  1.00 87.99  ? 17  DA  A N7    1 
ATOM   342 C  C5    . DA  A 1 17 ? 14.012  -6.955  -7.729  1.00 77.12  ? 17  DA  A C5    1 
ATOM   343 C  C6    . DA  A 1 17 ? 13.137  -6.566  -8.768  1.00 74.73  ? 17  DA  A C6    1 
ATOM   344 N  N6    . DA  A 1 17 ? 13.304  -5.474  -9.506  1.00 76.23  ? 17  DA  A N6    1 
ATOM   345 N  N1    . DA  A 1 17 ? 12.073  -7.355  -9.019  1.00 80.97  ? 17  DA  A N1    1 
ATOM   346 C  C2    . DA  A 1 17 ? 11.908  -8.450  -8.280  1.00 82.31  ? 17  DA  A C2    1 
ATOM   347 N  N3    . DA  A 1 17 ? 12.649  -8.909  -7.281  1.00 84.90  ? 17  DA  A N3    1 
ATOM   348 C  C4    . DA  A 1 17 ? 13.696  -8.114  -7.055  1.00 79.71  ? 17  DA  A C4    1 
ATOM   349 P  P     . DC  A 1 18 ? 16.191  -12.905 -3.333  1.00 115.08 ? 18  DC  A P     1 
ATOM   350 O  OP1   . DC  A 1 18 ? 15.717  -13.807 -2.248  1.00 90.35  ? 18  DC  A OP1   1 
ATOM   351 O  OP2   . DC  A 1 18 ? 17.643  -12.632 -3.469  1.00 109.31 ? 18  DC  A OP2   1 
ATOM   352 O  "O5'" . DC  A 1 18 ? 15.584  -13.373 -4.744  1.00 107.88 ? 18  DC  A "O5'" 1 
ATOM   353 C  "C5'" . DC  A 1 18 ? 14.188  -13.251 -4.940  1.00 105.94 ? 18  DC  A "C5'" 1 
ATOM   354 C  "C4'" . DC  A 1 18 ? 13.793  -13.350 -6.399  1.00 101.22 ? 18  DC  A "C4'" 1 
ATOM   355 O  "O4'" . DC  A 1 18 ? 13.927  -12.082 -7.044  1.00 98.48  ? 18  DC  A "O4'" 1 
ATOM   356 C  "C3'" . DC  A 1 18 ? 14.581  -14.343 -7.253  1.00 99.86  ? 18  DC  A "C3'" 1 
ATOM   357 O  "O3'" . DC  A 1 18 ? 13.715  -15.431 -7.581  1.00 103.00 ? 18  DC  A "O3'" 1 
ATOM   358 C  "C2'" . DC  A 1 18 ? 14.990  -13.518 -8.501  1.00 100.23 ? 18  DC  A "C2'" 1 
ATOM   359 C  "C1'" . DC  A 1 18 ? 14.048  -12.329 -8.419  1.00 96.18  ? 18  DC  A "C1'" 1 
ATOM   360 N  N1    . DC  A 1 18 ? 14.541  -11.072 -9.056  1.00 92.19  ? 18  DC  A N1    1 
ATOM   361 C  C2    . DC  A 1 18 ? 13.784  -10.453 -10.062 1.00 91.10  ? 18  DC  A C2    1 
ATOM   362 O  O2    . DC  A 1 18 ? 12.735  -10.983 -10.447 1.00 93.77  ? 18  DC  A O2    1 
ATOM   363 N  N3    . DC  A 1 18 ? 14.233  -9.291  -10.596 1.00 87.62  ? 18  DC  A N3    1 
ATOM   364 C  C4    . DC  A 1 18 ? 15.359  -8.745  -10.155 1.00 87.63  ? 18  DC  A C4    1 
ATOM   365 N  N4    . DC  A 1 18 ? 15.762  -7.604  -10.720 1.00 84.20  ? 18  DC  A N4    1 
ATOM   366 C  C5    . DC  A 1 18 ? 16.132  -9.346  -9.120  1.00 84.12  ? 18  DC  A C5    1 
ATOM   367 C  C6    . DC  A 1 18 ? 15.686  -10.494 -8.601  1.00 89.28  ? 18  DC  A C6    1 
ATOM   368 P  P     . DT  A 1 19 ? 14.215  -16.666 -8.484  1.00 125.65 ? 19  DT  A P     1 
ATOM   369 O  OP1   . DT  A 1 19 ? 13.599  -17.879 -7.892  1.00 118.66 ? 19  DT  A OP1   1 
ATOM   370 O  OP2   . DT  A 1 19 ? 15.686  -16.574 -8.657  1.00 116.48 ? 19  DT  A OP2   1 
ATOM   371 O  "O5'" . DT  A 1 19 ? 13.538  -16.392 -9.907  1.00 109.25 ? 19  DT  A "O5'" 1 
ATOM   372 C  "C5'" . DT  A 1 19 ? 12.439  -15.499 -9.985  1.00 110.07 ? 19  DT  A "C5'" 1 
ATOM   373 C  "C4'" . DT  A 1 19 ? 11.965  -15.341 -11.411 1.00 115.23 ? 19  DT  A "C4'" 1 
ATOM   374 O  "O4'" . DT  A 1 19 ? 12.322  -14.024 -11.917 1.00 115.96 ? 19  DT  A "O4'" 1 
ATOM   375 C  "C3'" . DT  A 1 19 ? 12.556  -16.330 -12.394 1.00 126.35 ? 19  DT  A "C3'" 1 
ATOM   376 O  "O3'" . DT  A 1 19 ? 11.602  -16.569 -13.416 1.00 136.41 ? 19  DT  A "O3'" 1 
ATOM   377 C  "C2'" . DT  A 1 19 ? 13.773  -15.567 -12.923 1.00 122.76 ? 19  DT  A "C2'" 1 
ATOM   378 C  "C1'" . DT  A 1 19 ? 13.208  -14.155 -13.017 1.00 117.20 ? 19  DT  A "C1'" 1 
ATOM   379 N  N1    . DT  A 1 19 ? 14.247  -13.044 -12.942 1.00 107.25 ? 19  DT  A N1    1 
ATOM   380 C  C2    . DT  A 1 19 ? 14.088  -11.924 -13.733 1.00 104.79 ? 19  DT  A C2    1 
ATOM   381 O  O2    . DT  A 1 19 ? 13.153  -11.780 -14.504 1.00 110.61 ? 19  DT  A O2    1 
ATOM   382 N  N3    . DT  A 1 19 ? 15.063  -10.973 -13.590 1.00 102.31 ? 19  DT  A N3    1 
ATOM   383 C  C4    . DT  A 1 19 ? 16.165  -11.028 -12.759 1.00 103.21 ? 19  DT  A C4    1 
ATOM   384 O  O4    . DT  A 1 19 ? 16.994  -10.114 -12.707 1.00 103.28 ? 19  DT  A O4    1 
ATOM   385 C  C5    . DT  A 1 19 ? 16.275  -12.233 -11.957 1.00 95.19  ? 19  DT  A C5    1 
ATOM   386 C  C7    . DT  A 1 19 ? 17.428  -12.409 -11.017 1.00 94.74  ? 19  DT  A C7    1 
ATOM   387 C  C6    . DT  A 1 19 ? 15.324  -13.168 -12.086 1.00 95.95  ? 19  DT  A C6    1 
ATOM   388 P  P     . DC  A 1 20 ? 11.419  -18.031 -14.052 1.00 135.02 ? 20  DC  A P     1 
ATOM   389 O  OP1   . DC  A 1 20 ? 10.089  -18.531 -13.635 1.00 130.78 ? 20  DC  A OP1   1 
ATOM   390 O  OP2   . DC  A 1 20 ? 12.636  -18.829 -13.743 1.00 123.39 ? 20  DC  A OP2   1 
ATOM   391 O  "O5'" . DC  A 1 20 ? 11.349  -17.709 -15.617 1.00 132.60 ? 20  DC  A "O5'" 1 
ATOM   392 C  "C5'" . DC  A 1 20 ? 10.688  -16.517 -16.051 1.00 129.54 ? 20  DC  A "C5'" 1 
ATOM   393 C  "C4'" . DC  A 1 20 ? 11.328  -15.951 -17.310 1.00 137.26 ? 20  DC  A "C4'" 1 
ATOM   394 O  "O4'" . DC  A 1 20 ? 12.398  -15.020 -16.972 1.00 132.45 ? 20  DC  A "O4'" 1 
ATOM   395 C  "C3'" . DC  A 1 20 ? 11.955  -16.981 -18.252 1.00 143.57 ? 20  DC  A "C3'" 1 
ATOM   396 O  "O3'" . DC  A 1 20 ? 11.666  -16.598 -19.591 1.00 146.97 ? 20  DC  A "O3'" 1 
ATOM   397 C  "C2'" . DC  A 1 20 ? 13.449  -16.858 -17.934 1.00 128.12 ? 20  DC  A "C2'" 1 
ATOM   398 C  "C1'" . DC  A 1 20 ? 13.551  -15.359 -17.721 1.00 129.48 ? 20  DC  A "C1'" 1 
ATOM   399 N  N1    . DC  A 1 20 ? 14.771  -14.911 -16.966 1.00 123.03 ? 20  DC  A N1    1 
ATOM   400 C  C2    . DC  A 1 20 ? 15.260  -13.606 -17.157 1.00 120.64 ? 20  DC  A C2    1 
ATOM   401 O  O2    . DC  A 1 20 ? 14.676  -12.852 -17.958 1.00 119.03 ? 20  DC  A O2    1 
ATOM   402 N  N3    . DC  A 1 20 ? 16.359  -13.206 -16.458 1.00 111.12 ? 20  DC  A N3    1 
ATOM   403 C  C4    . DC  A 1 20 ? 16.953  -14.049 -15.609 1.00 110.34 ? 20  DC  A C4    1 
ATOM   404 N  N4    . DC  A 1 20 ? 18.027  -13.609 -14.943 1.00 110.30 ? 20  DC  A N4    1 
ATOM   405 C  C5    . DC  A 1 20 ? 16.470  -15.381 -15.402 1.00 104.29 ? 20  DC  A C5    1 
ATOM   406 C  C6    . DC  A 1 20 ? 15.388  -15.765 -16.093 1.00 116.20 ? 20  DC  A C6    1 
ATOM   407 P  P     . DA  A 1 21 ? 11.949  -17.588 -20.823 1.00 147.28 ? 21  DA  A P     1 
ATOM   408 O  OP1   . DA  A 1 21 ? 10.669  -18.224 -21.211 1.00 162.42 ? 21  DA  A OP1   1 
ATOM   409 O  OP2   . DA  A 1 21 ? 13.104  -18.450 -20.471 1.00 129.92 ? 21  DA  A OP2   1 
ATOM   410 O  "O5'" . DA  A 1 21 ? 12.350  -16.575 -21.996 1.00 146.66 ? 21  DA  A "O5'" 1 
ATOM   411 C  "C5'" . DA  A 1 21 ? 11.464  -15.502 -22.357 1.00 138.05 ? 21  DA  A "C5'" 1 
ATOM   412 C  "C4'" . DA  A 1 21 ? 12.227  -14.343 -22.991 1.00 140.80 ? 21  DA  A "C4'" 1 
ATOM   413 O  "O4'" . DA  A 1 21 ? 13.296  -13.918 -22.106 1.00 141.50 ? 21  DA  A "O4'" 1 
ATOM   414 C  "C3'" . DA  A 1 21 ? 12.906  -14.648 -24.323 1.00 144.33 ? 21  DA  A "C3'" 1 
ATOM   415 O  "O3'" . DA  A 1 21 ? 12.982  -13.457 -25.109 1.00 146.76 ? 21  DA  A "O3'" 1 
ATOM   416 C  "C2'" . DA  A 1 21 ? 14.291  -15.115 -23.883 1.00 135.18 ? 21  DA  A "C2'" 1 
ATOM   417 C  "C1'" . DA  A 1 21 ? 14.556  -14.182 -22.704 1.00 131.31 ? 21  DA  A "C1'" 1 
ATOM   418 N  N9    . DA  A 1 21 ? 15.443  -14.742 -21.681 1.00 124.55 ? 21  DA  A N9    1 
ATOM   419 C  C8    . DA  A 1 21 ? 15.425  -16.010 -21.162 1.00 124.20 ? 21  DA  A C8    1 
ATOM   420 N  N7    . DA  A 1 21 ? 16.345  -16.223 -20.242 1.00 119.26 ? 21  DA  A N7    1 
ATOM   421 C  C5    . DA  A 1 21 ? 17.005  -15.007 -20.148 1.00 119.62 ? 21  DA  A C5    1 
ATOM   422 C  C6    . DA  A 1 21 ? 18.089  -14.561 -19.350 1.00 116.19 ? 21  DA  A C6    1 
ATOM   423 N  N6    . DA  A 1 21 ? 18.715  -15.338 -18.457 1.00 105.92 ? 21  DA  A N6    1 
ATOM   424 N  N1    . DA  A 1 21 ? 18.499  -13.278 -19.509 1.00 115.35 ? 21  DA  A N1    1 
ATOM   425 C  C2    . DA  A 1 21 ? 17.865  -12.506 -20.405 1.00 116.83 ? 21  DA  A C2    1 
ATOM   426 N  N3    . DA  A 1 21 ? 16.843  -12.807 -21.205 1.00 122.82 ? 21  DA  A N3    1 
ATOM   427 C  C4    . DA  A 1 21 ? 16.458  -14.082 -21.028 1.00 122.87 ? 21  DA  A C4    1 
ATOM   428 P  P     . DA  B 2 1  ? 0.066   -8.135  0.867   1.00 76.63  ? 1   DA  B P     1 
ATOM   429 O  OP1   . DA  B 2 1  ? 0.045   -9.556  1.241   1.00 74.52  ? 1   DA  B OP1   1 
ATOM   430 O  OP2   . DA  B 2 1  ? -0.669  -7.682  -0.323  1.00 70.43  ? 1   DA  B OP2   1 
ATOM   431 O  "O5'" . DA  B 2 1  ? 1.562   -7.797  0.437   1.00 80.42  ? 1   DA  B "O5'" 1 
ATOM   432 C  "C5'" . DA  B 2 1  ? 2.664   -8.557  0.944   1.00 72.14  ? 1   DA  B "C5'" 1 
ATOM   433 C  "C4'" . DA  B 2 1  ? 3.954   -7.755  0.810   1.00 70.81  ? 1   DA  B "C4'" 1 
ATOM   434 O  "O4'" . DA  B 2 1  ? 4.272   -7.548  -0.595  1.00 75.34  ? 1   DA  B "O4'" 1 
ATOM   435 C  "C3'" . DA  B 2 1  ? 3.866   -6.364  1.388   1.00 74.58  ? 1   DA  B "C3'" 1 
ATOM   436 O  "O3'" . DA  B 2 1  ? 4.183   -6.408  2.752   1.00 78.91  ? 1   DA  B "O3'" 1 
ATOM   437 C  "C2'" . DA  B 2 1  ? 4.906   -5.587  0.585   1.00 69.20  ? 1   DA  B "C2'" 1 
ATOM   438 C  "C1'" . DA  B 2 1  ? 4.871   -6.271  -0.782  1.00 66.22  ? 1   DA  B "C1'" 1 
ATOM   439 N  N9    . DA  B 2 1  ? 4.105   -5.545  -1.795  1.00 61.69  ? 1   DA  B N9    1 
ATOM   440 C  C8    . DA  B 2 1  ? 2.956   -5.952  -2.405  1.00 71.34  ? 1   DA  B C8    1 
ATOM   441 N  N7    . DA  B 2 1  ? 2.487   -5.095  -3.294  1.00 61.32  ? 1   DA  B N7    1 
ATOM   442 C  C5    . DA  B 2 1  ? 3.380   -4.067  -3.255  1.00 59.73  ? 1   DA  B C5    1 
ATOM   443 C  C6    . DA  B 2 1  ? 3.440   -2.858  -3.958  1.00 67.97  ? 1   DA  B C6    1 
ATOM   444 N  N6    . DA  B 2 1  ? 2.529   -2.497  -4.867  1.00 61.33  ? 1   DA  B N6    1 
ATOM   445 N  N1    . DA  B 2 1  ? 4.475   -2.032  -3.697  1.00 66.26  ? 1   DA  B N1    1 
ATOM   446 C  C2    . DA  B 2 1  ? 5.382   -2.413  -2.783  1.00 69.95  ? 1   DA  B C2    1 
ATOM   447 N  N3    . DA  B 2 1  ? 5.430   -3.542  -2.058  1.00 67.15  ? 1   DA  B N3    1 
ATOM   448 C  C4    . DA  B 2 1  ? 4.392   -4.326  -2.344  1.00 62.69  ? 1   DA  B C4    1 
ATOM   449 P  P     . DG  B 2 2  ? 3.546   -5.325  3.747   1.00 87.53  ? 2   DG  B P     1 
ATOM   450 O  OP1   . DG  B 2 2  ? 4.035   -5.644  5.112   1.00 83.57  ? 2   DG  B OP1   1 
ATOM   451 O  OP2   . DG  B 2 2  ? 2.090   -5.256  3.459   1.00 85.50  ? 2   DG  B OP2   1 
ATOM   452 O  "O5'" . DG  B 2 2  ? 4.202   -3.951  3.252   1.00 84.67  ? 2   DG  B "O5'" 1 
ATOM   453 C  "C5'" . DG  B 2 2  ? 5.554   -3.644  3.575   1.00 79.57  ? 2   DG  B "C5'" 1 
ATOM   454 C  "C4'" . DG  B 2 2  ? 5.989   -2.371  2.873   1.00 76.64  ? 2   DG  B "C4'" 1 
ATOM   455 O  "O4'" . DG  B 2 2  ? 5.664   -2.470  1.470   1.00 81.66  ? 2   DG  B "O4'" 1 
ATOM   456 C  "C3'" . DG  B 2 2  ? 5.294   -1.120  3.348   1.00 81.37  ? 2   DG  B "C3'" 1 
ATOM   457 O  "O3'" . DG  B 2 2  ? 6.075   -0.519  4.385   1.00 97.63  ? 2   DG  B "O3'" 1 
ATOM   458 C  "C2'" . DG  B 2 2  ? 5.254   -0.234  2.097   1.00 79.24  ? 2   DG  B "C2'" 1 
ATOM   459 C  "C1'" . DG  B 2 2  ? 5.368   -1.200  0.939   1.00 66.92  ? 2   DG  B "C1'" 1 
ATOM   460 N  N9    . DG  B 2 2  ? 4.144   -1.310  0.176   1.00 65.50  ? 2   DG  B N9    1 
ATOM   461 C  C8    . DG  B 2 2  ? 3.225   -2.321  0.248   1.00 69.38  ? 2   DG  B C8    1 
ATOM   462 N  N7    . DG  B 2 2  ? 2.224   -2.165  -0.570  1.00 66.59  ? 2   DG  B N7    1 
ATOM   463 C  C5    . DG  B 2 2  ? 2.492   -0.973  -1.207  1.00 61.80  ? 2   DG  B C5    1 
ATOM   464 C  C6    . DG  B 2 2  ? 1.754   -0.285  -2.194  1.00 68.43  ? 2   DG  B C6    1 
ATOM   465 O  O6    . DG  B 2 2  ? 0.678   -0.611  -2.711  1.00 68.13  ? 2   DG  B O6    1 
ATOM   466 N  N1    . DG  B 2 2  ? 2.377   0.889   -2.586  1.00 67.05  ? 2   DG  B N1    1 
ATOM   467 C  C2    . DG  B 2 2  ? 3.563   1.347   -2.080  1.00 69.73  ? 2   DG  B C2    1 
ATOM   468 N  N2    . DG  B 2 2  ? 4.013   2.507   -2.583  1.00 72.74  ? 2   DG  B N2    1 
ATOM   469 N  N3    . DG  B 2 2  ? 4.266   0.712   -1.139  1.00 65.13  ? 2   DG  B N3    1 
ATOM   470 C  C4    . DG  B 2 2  ? 3.672   -0.432  -0.758  1.00 62.57  ? 2   DG  B C4    1 
ATOM   471 P  P     . DT  B 2 3  ? 5.594   0.842   5.115   1.00 110.76 ? 3   DT  B P     1 
ATOM   472 O  OP1   . DT  B 2 3  ? 6.680   1.169   6.073   1.00 119.75 ? 3   DT  B OP1   1 
ATOM   473 O  OP2   . DT  B 2 3  ? 4.181   0.705   5.559   1.00 101.64 ? 3   DT  B OP2   1 
ATOM   474 O  "O5'" . DT  B 2 3  ? 5.543   1.960   3.959   1.00 85.24  ? 3   DT  B "O5'" 1 
ATOM   475 C  "C5'" . DT  B 2 3  ? 6.745   2.499   3.420   1.00 81.03  ? 3   DT  B "C5'" 1 
ATOM   476 C  "C4'" . DT  B 2 3  ? 6.468   3.779   2.640   1.00 88.65  ? 3   DT  B "C4'" 1 
ATOM   477 O  "O4'" . DT  B 2 3  ? 5.550   3.509   1.550   1.00 80.82  ? 3   DT  B "O4'" 1 
ATOM   478 C  "C3'" . DT  B 2 3  ? 5.831   4.915   3.448   1.00 80.38  ? 3   DT  B "C3'" 1 
ATOM   479 O  "O3'" . DT  B 2 3  ? 6.297   6.167   2.960   1.00 83.04  ? 3   DT  B "O3'" 1 
ATOM   480 C  "C2'" . DT  B 2 3  ? 4.356   4.731   3.154   1.00 74.07  ? 3   DT  B "C2'" 1 
ATOM   481 C  "C1'" . DT  B 2 3  ? 4.406   4.322   1.691   1.00 73.18  ? 3   DT  B "C1'" 1 
ATOM   482 N  N1    . DT  B 2 3  ? 3.234   3.546   1.264   1.00 64.92  ? 3   DT  B N1    1 
ATOM   483 C  C2    . DT  B 2 3  ? 2.464   4.020   0.240   1.00 66.23  ? 3   DT  B C2    1 
ATOM   484 O  O2    . DT  B 2 3  ? 2.713   5.051   -0.347  1.00 65.64  ? 3   DT  B O2    1 
ATOM   485 N  N3    . DT  B 2 3  ? 1.395   3.233   -0.084  1.00 62.86  ? 3   DT  B N3    1 
ATOM   486 C  C4    . DT  B 2 3  ? 1.038   2.048   0.501   1.00 63.65  ? 3   DT  B C4    1 
ATOM   487 O  O4    . DT  B 2 3  ? 0.063   1.413   0.145   1.00 69.63  ? 3   DT  B O4    1 
ATOM   488 C  C5    . DT  B 2 3  ? 1.884   1.606   1.564   1.00 65.79  ? 3   DT  B C5    1 
ATOM   489 C  C7    . DT  B 2 3  ? 1.580   0.328   2.268   1.00 73.51  ? 3   DT  B C7    1 
ATOM   490 C  C6    . DT  B 2 3  ? 2.932   2.368   1.900   1.00 68.44  ? 3   DT  B C6    1 
ATOM   491 P  P     . DC  B 2 4  ? 6.018   7.511   3.788   1.00 84.72  ? 4   DC  B P     1 
ATOM   492 O  OP1   . DC  B 2 4  ? 7.175   8.393   3.547   1.00 84.64  ? 4   DC  B OP1   1 
ATOM   493 O  OP2   . DC  B 2 4  ? 5.594   7.159   5.176   1.00 80.95  ? 4   DC  B OP2   1 
ATOM   494 O  "O5'" . DC  B 2 4  ? 4.805   8.166   3.003   1.00 76.10  ? 4   DC  B "O5'" 1 
ATOM   495 C  "C5'" . DC  B 2 4  ? 5.046   8.652   1.728   1.00 68.19  ? 4   DC  B "C5'" 1 
ATOM   496 C  "C4'" . DC  B 2 4  ? 3.805   9.281   1.143   1.00 72.06  ? 4   DC  B "C4'" 1 
ATOM   497 O  "O4'" . DC  B 2 4  ? 2.830   8.260   0.774   1.00 76.08  ? 4   DC  B "O4'" 1 
ATOM   498 C  "C3'" . DC  B 2 4  ? 3.065   10.240  2.058   1.00 70.97  ? 4   DC  B "C3'" 1 
ATOM   499 O  "O3'" . DC  B 2 4  ? 2.541   11.253  1.263   1.00 78.14  ? 4   DC  B "O3'" 1 
ATOM   500 C  "C2'" . DC  B 2 4  ? 1.946   9.352   2.600   1.00 79.73  ? 4   DC  B "C2'" 1 
ATOM   501 C  "C1'" . DC  B 2 4  ? 1.583   8.597   1.338   1.00 69.77  ? 4   DC  B "C1'" 1 
ATOM   502 N  N1    . DC  B 2 4  ? 0.814   7.343   1.555   1.00 60.41  ? 4   DC  B N1    1 
ATOM   503 C  C2    . DC  B 2 4  ? -0.268  7.071   0.734   1.00 62.27  ? 4   DC  B C2    1 
ATOM   504 O  O2    . DC  B 2 4  ? -0.578  7.888   -0.123  1.00 72.82  ? 4   DC  B O2    1 
ATOM   505 N  N3    . DC  B 2 4  ? -0.953  5.919   0.905   1.00 65.93  ? 4   DC  B N3    1 
ATOM   506 C  C4    . DC  B 2 4  ? -0.580  5.053   1.850   1.00 74.18  ? 4   DC  B C4    1 
ATOM   507 N  N4    . DC  B 2 4  ? -1.299  3.920   1.987   1.00 72.49  ? 4   DC  B N4    1 
ATOM   508 C  C5    . DC  B 2 4  ? 0.541   5.310   2.702   1.00 65.43  ? 4   DC  B C5    1 
ATOM   509 C  C6    . DC  B 2 4  ? 1.204   6.460   2.518   1.00 62.52  ? 4   DC  B C6    1 
ATOM   510 P  P     . DT  B 2 5  ? 2.517   12.771  1.754   1.00 78.12  ? 5   DT  B P     1 
ATOM   511 O  OP1   . DT  B 2 5  ? 3.474   13.520  0.898   1.00 86.30  ? 5   DT  B OP1   1 
ATOM   512 O  OP2   . DT  B 2 5  ? 2.633   12.749  3.226   1.00 63.05  ? 5   DT  B OP2   1 
ATOM   513 O  "O5'" . DT  B 2 5  ? 1.050   13.248  1.330   1.00 62.20  ? 5   DT  B "O5'" 1 
ATOM   514 C  "C5'" . DT  B 2 5  ? 0.396   12.623  0.229   1.00 62.38  ? 5   DT  B "C5'" 1 
ATOM   515 C  "C4'" . DT  B 2 5  ? -1.095  12.520  0.485   1.00 68.15  ? 5   DT  B "C4'" 1 
ATOM   516 O  "O4'" . DT  B 2 5  ? -1.474  11.152  0.648   1.00 81.38  ? 5   DT  B "O4'" 1 
ATOM   517 C  "C3'" . DT  B 2 5  ? -1.524  13.144  1.767   1.00 73.76  ? 5   DT  B "C3'" 1 
ATOM   518 O  "O3'" . DT  B 2 5  ? -1.814  14.446  1.532   1.00 81.25  ? 5   DT  B "O3'" 1 
ATOM   519 C  "C2'" . DT  B 2 5  ? -2.783  12.373  2.160   1.00 80.28  ? 5   DT  B "C2'" 1 
ATOM   520 C  "C1'" . DT  B 2 5  ? -2.704  11.114  1.325   1.00 75.28  ? 5   DT  B "C1'" 1 
ATOM   521 N  N1    . DT  B 2 5  ? -2.737  9.891   2.099   1.00 65.02  ? 5   DT  B N1    1 
ATOM   522 C  C2    . DT  B 2 5  ? -3.687  8.983   1.801   1.00 70.62  ? 5   DT  B C2    1 
ATOM   523 O  O2    . DT  B 2 5  ? -4.529  9.173   0.946   1.00 77.38  ? 5   DT  B O2    1 
ATOM   524 N  N3    . DT  B 2 5  ? -3.637  7.839   2.531   1.00 62.36  ? 5   DT  B N3    1 
ATOM   525 C  C4    . DT  B 2 5  ? -2.726  7.523   3.509   1.00 64.52  ? 5   DT  B C4    1 
ATOM   526 O  O4    . DT  B 2 5  ? -2.762  6.449   4.113   1.00 67.52  ? 5   DT  B O4    1 
ATOM   527 C  C5    . DT  B 2 5  ? -1.740  8.540   3.771   1.00 63.26  ? 5   DT  B C5    1 
ATOM   528 C  C7    . DT  B 2 5  ? -0.694  8.325   4.814   1.00 65.91  ? 5   DT  B C7    1 
ATOM   529 C  C6    . DT  B 2 5  ? -1.792  9.660   3.052   1.00 61.77  ? 5   DT  B C6    1 
ATOM   530 O  "O5'" . DT  C 3 1  ? 27.349  -19.877 -15.848 1.00 144.32 ? 1   DT  C "O5'" 1 
ATOM   531 C  "C5'" . DT  C 3 1  ? 28.622  -19.884 -16.494 1.00 133.89 ? 1   DT  C "C5'" 1 
ATOM   532 C  "C4'" . DT  C 3 1  ? 29.031  -18.482 -16.911 1.00 129.70 ? 1   DT  C "C4'" 1 
ATOM   533 O  "O4'" . DT  C 3 1  ? 28.491  -18.176 -18.219 1.00 124.53 ? 1   DT  C "O4'" 1 
ATOM   534 C  "C3'" . DT  C 3 1  ? 28.551  -17.373 -15.989 1.00 133.29 ? 1   DT  C "C3'" 1 
ATOM   535 O  "O3'" . DT  C 3 1  ? 29.536  -16.362 -15.913 1.00 136.42 ? 1   DT  C "O3'" 1 
ATOM   536 C  "C2'" . DT  C 3 1  ? 27.269  -16.877 -16.664 1.00 124.11 ? 1   DT  C "C2'" 1 
ATOM   537 C  "C1'" . DT  C 3 1  ? 27.552  -17.115 -18.140 1.00 118.85 ? 1   DT  C "C1'" 1 
ATOM   538 N  N1    . DT  C 3 1  ? 26.349  -17.525 -18.904 1.00 120.68 ? 1   DT  C N1    1 
ATOM   539 C  C2    . DT  C 3 1  ? 25.885  -16.724 -19.921 1.00 117.43 ? 1   DT  C C2    1 
ATOM   540 O  O2    . DT  C 3 1  ? 26.408  -15.670 -20.233 1.00 114.68 ? 1   DT  C O2    1 
ATOM   541 N  N3    . DT  C 3 1  ? 24.773  -17.204 -20.565 1.00 114.46 ? 1   DT  C N3    1 
ATOM   542 C  C4    . DT  C 3 1  ? 24.098  -18.386 -20.301 1.00 114.34 ? 1   DT  C C4    1 
ATOM   543 O  O4    . DT  C 3 1  ? 23.108  -18.733 -20.936 1.00 115.26 ? 1   DT  C O4    1 
ATOM   544 C  C5    . DT  C 3 1  ? 24.639  -19.178 -19.224 1.00 116.25 ? 1   DT  C C5    1 
ATOM   545 C  C7    . DT  C 3 1  ? 23.990  -20.477 -18.843 1.00 118.78 ? 1   DT  C C7    1 
ATOM   546 C  C6    . DT  C 3 1  ? 25.724  -18.716 -18.585 1.00 121.28 ? 1   DT  C C6    1 
ATOM   547 P  P     . DC  C 3 2  ? 29.418  -15.193 -14.817 1.00 146.53 ? 2   DC  C P     1 
ATOM   548 O  OP1   . DC  C 3 2  ? 30.555  -15.352 -13.873 1.00 130.25 ? 2   DC  C OP1   1 
ATOM   549 O  OP2   . DC  C 3 2  ? 28.026  -15.145 -14.301 1.00 136.10 ? 2   DC  C OP2   1 
ATOM   550 O  "O5'" . DC  C 3 2  ? 29.615  -13.868 -15.683 1.00 132.97 ? 2   DC  C "O5'" 1 
ATOM   551 C  "C5'" . DC  C 3 2  ? 28.867  -12.732 -15.377 1.00 128.49 ? 2   DC  C "C5'" 1 
ATOM   552 C  "C4'" . DC  C 3 2  ? 28.243  -12.142 -16.620 1.00 123.72 ? 2   DC  C "C4'" 1 
ATOM   553 O  "O4'" . DC  C 3 2  ? 27.378  -13.113 -17.266 1.00 118.25 ? 2   DC  C "O4'" 1 
ATOM   554 C  "C3'" . DC  C 3 2  ? 27.370  -10.918 -16.343 1.00 130.22 ? 2   DC  C "C3'" 1 
ATOM   555 O  "O3'" . DC  C 3 2  ? 27.873  -9.797  -17.030 1.00 135.32 ? 2   DC  C "O3'" 1 
ATOM   556 C  "C2'" . DC  C 3 2  ? 25.974  -11.315 -16.843 1.00 128.08 ? 2   DC  C "C2'" 1 
ATOM   557 C  "C1'" . DC  C 3 2  ? 26.302  -12.406 -17.841 1.00 125.54 ? 2   DC  C "C1'" 1 
ATOM   558 N  N1    . DC  C 3 2  ? 25.151  -13.347 -18.126 1.00 122.05 ? 2   DC  C N1    1 
ATOM   559 C  C2    . DC  C 3 2  ? 24.273  -13.067 -19.190 1.00 115.92 ? 2   DC  C C2    1 
ATOM   560 O  O2    . DC  C 3 2  ? 24.458  -12.058 -19.880 1.00 122.28 ? 2   DC  C O2    1 
ATOM   561 N  N3    . DC  C 3 2  ? 23.249  -13.911 -19.437 1.00 109.10 ? 2   DC  C N3    1 
ATOM   562 C  C4    . DC  C 3 2  ? 23.082  -14.993 -18.684 1.00 114.06 ? 2   DC  C C4    1 
ATOM   563 N  N4    . DC  C 3 2  ? 22.058  -15.797 -18.981 1.00 115.63 ? 2   DC  C N4    1 
ATOM   564 C  C5    . DC  C 3 2  ? 23.957  -15.303 -17.593 1.00 115.05 ? 2   DC  C C5    1 
ATOM   565 C  C6    . DC  C 3 2  ? 24.967  -14.459 -17.352 1.00 117.74 ? 2   DC  C C6    1 
ATOM   566 P  P     . DT  C 3 3  ? 27.376  -8.335  -16.601 1.00 144.85 ? 3   DT  C P     1 
ATOM   567 O  OP1   . DT  C 3 3  ? 28.280  -7.322  -17.196 1.00 137.36 ? 3   DT  C OP1   1 
ATOM   568 O  OP2   . DT  C 3 3  ? 27.216  -8.408  -15.131 1.00 150.38 ? 3   DT  C OP2   1 
ATOM   569 O  "O5'" . DT  C 3 3  ? 25.934  -8.205  -17.288 1.00 125.59 ? 3   DT  C "O5'" 1 
ATOM   570 C  "C5'" . DT  C 3 3  ? 25.822  -8.316  -18.699 1.00 128.21 ? 3   DT  C "C5'" 1 
ATOM   571 C  "C4'" . DT  C 3 3  ? 24.473  -7.829  -19.181 1.00 129.46 ? 3   DT  C "C4'" 1 
ATOM   572 O  "O4'" . DT  C 3 3  ? 23.551  -8.946  -19.303 1.00 131.81 ? 3   DT  C "O4'" 1 
ATOM   573 C  "C3'" . DT  C 3 3  ? 23.787  -6.826  -18.271 1.00 138.90 ? 3   DT  C "C3'" 1 
ATOM   574 O  "O3'" . DT  C 3 3  ? 23.084  -5.913  -19.067 1.00 141.20 ? 3   DT  C "O3'" 1 
ATOM   575 C  "C2'" . DT  C 3 3  ? 22.831  -7.707  -17.464 1.00 136.54 ? 3   DT  C "C2'" 1 
ATOM   576 C  "C1'" . DT  C 3 3  ? 22.394  -8.697  -18.533 1.00 128.94 ? 3   DT  C "C1'" 1 
ATOM   577 N  N1    . DT  C 3 3  ? 21.893  -10.009 -18.001 1.00 120.78 ? 3   DT  C N1    1 
ATOM   578 C  C2    . DT  C 3 3  ? 20.866  -10.651 -18.663 1.00 118.95 ? 3   DT  C C2    1 
ATOM   579 O  O2    . DT  C 3 3  ? 20.325  -10.196 -19.660 1.00 121.90 ? 3   DT  C O2    1 
ATOM   580 N  N3    . DT  C 3 3  ? 20.491  -11.853 -18.114 1.00 117.38 ? 3   DT  C N3    1 
ATOM   581 C  C4    . DT  C 3 3  ? 21.027  -12.468 -16.997 1.00 119.63 ? 3   DT  C C4    1 
ATOM   582 O  O4    . DT  C 3 3  ? 20.616  -13.551 -16.590 1.00 119.08 ? 3   DT  C O4    1 
ATOM   583 C  C5    . DT  C 3 3  ? 22.103  -11.744 -16.346 1.00 118.34 ? 3   DT  C C5    1 
ATOM   584 C  C7    . DT  C 3 3  ? 22.760  -12.306 -15.121 1.00 106.02 ? 3   DT  C C7    1 
ATOM   585 C  C6    . DT  C 3 3  ? 22.481  -10.564 -16.876 1.00 120.39 ? 3   DT  C C6    1 
ATOM   586 P  P     . DG  C 3 4  ? 23.006  -4.376  -18.637 1.00 140.22 ? 4   DG  C P     1 
ATOM   587 O  OP1   . DG  C 3 4  ? 24.085  -3.655  -19.353 1.00 145.02 ? 4   DG  C OP1   1 
ATOM   588 O  OP2   . DG  C 3 4  ? 22.952  -4.370  -17.154 1.00 129.86 ? 4   DG  C OP2   1 
ATOM   589 O  "O5'" . DG  C 3 4  ? 21.608  -3.902  -19.243 1.00 136.13 ? 4   DG  C "O5'" 1 
ATOM   590 C  "C5'" . DG  C 3 4  ? 21.348  -4.097  -20.625 1.00 138.16 ? 4   DG  C "C5'" 1 
ATOM   591 C  "C4'" . DG  C 3 4  ? 19.867  -4.327  -20.881 1.00 136.28 ? 4   DG  C "C4'" 1 
ATOM   592 O  "O4'" . DG  C 3 4  ? 19.459  -5.619  -20.360 1.00 138.27 ? 4   DG  C "O4'" 1 
ATOM   593 C  "C3'" . DG  C 3 4  ? 18.928  -3.293  -20.277 1.00 134.19 ? 4   DG  C "C3'" 1 
ATOM   594 O  "O3'" . DG  C 3 4  ? 17.959  -2.941  -21.250 1.00 141.15 ? 4   DG  C "O3'" 1 
ATOM   595 C  "C2'" . DG  C 3 4  ? 18.316  -4.001  -19.054 1.00 125.79 ? 4   DG  C "C2'" 1 
ATOM   596 C  "C1'" . DG  C 3 4  ? 18.402  -5.483  -19.425 1.00 131.50 ? 4   DG  C "C1'" 1 
ATOM   597 N  N9    . DG  C 3 4  ? 18.707  -6.371  -18.293 1.00 120.78 ? 4   DG  C N9    1 
ATOM   598 C  C8    . DG  C 3 4  ? 19.660  -6.170  -17.320 1.00 124.48 ? 4   DG  C C8    1 
ATOM   599 N  N7    . DG  C 3 4  ? 19.735  -7.144  -16.448 1.00 122.99 ? 4   DG  C N7    1 
ATOM   600 C  C5    . DG  C 3 4  ? 18.783  -8.062  -16.876 1.00 120.68 ? 4   DG  C C5    1 
ATOM   601 C  C6    . DG  C 3 4  ? 18.416  -9.320  -16.328 1.00 114.28 ? 4   DG  C C6    1 
ATOM   602 O  O6    . DG  C 3 4  ? 18.878  -9.881  -15.326 1.00 108.24 ? 4   DG  C O6    1 
ATOM   603 N  N1    . DG  C 3 4  ? 17.403  -9.936  -17.066 1.00 109.63 ? 4   DG  C N1    1 
ATOM   604 C  C2    . DG  C 3 4  ? 16.821  -9.402  -18.197 1.00 116.71 ? 4   DG  C C2    1 
ATOM   605 N  N2    . DG  C 3 4  ? 15.857  -10.142 -18.777 1.00 117.06 ? 4   DG  C N2    1 
ATOM   606 N  N3    . DG  C 3 4  ? 17.157  -8.220  -18.724 1.00 115.36 ? 4   DG  C N3    1 
ATOM   607 C  C4    . DG  C 3 4  ? 18.142  -7.609  -18.016 1.00 116.90 ? 4   DG  C C4    1 
ATOM   608 P  P     . DA  C 3 5  ? 16.732  -1.980  -20.879 1.00 134.75 ? 5   DA  C P     1 
ATOM   609 O  OP1   . DA  C 3 5  ? 16.339  -1.231  -22.098 1.00 126.64 ? 5   DA  C OP1   1 
ATOM   610 O  OP2   . DA  C 3 5  ? 17.094  -1.250  -19.646 1.00 134.84 ? 5   DA  C OP2   1 
ATOM   611 O  "O5'" . DA  C 3 5  ? 15.571  -3.019  -20.554 1.00 137.46 ? 5   DA  C "O5'" 1 
ATOM   612 C  "C5'" . DA  C 3 5  ? 15.345  -4.091  -21.451 1.00 134.45 ? 5   DA  C "C5'" 1 
ATOM   613 C  "C4'" . DA  C 3 5  ? 14.017  -4.771  -21.187 1.00 136.27 ? 5   DA  C "C4'" 1 
ATOM   614 O  "O4'" . DA  C 3 5  ? 14.161  -5.752  -20.129 1.00 127.90 ? 5   DA  C "O4'" 1 
ATOM   615 C  "C3'" . DA  C 3 5  ? 12.885  -3.863  -20.748 1.00 143.35 ? 5   DA  C "C3'" 1 
ATOM   616 O  "O3'" . DA  C 3 5  ? 11.652  -4.445  -21.187 1.00 153.79 ? 5   DA  C "O3'" 1 
ATOM   617 C  "C2'" . DA  C 3 5  ? 13.036  -3.890  -19.220 1.00 130.24 ? 5   DA  C "C2'" 1 
ATOM   618 C  "C1'" . DA  C 3 5  ? 13.441  -5.344  -18.982 1.00 124.92 ? 5   DA  C "C1'" 1 
ATOM   619 N  N9    . DA  C 3 5  ? 14.310  -5.557  -17.828 1.00 117.79 ? 5   DA  C N9    1 
ATOM   620 C  C8    . DA  C 3 5  ? 15.293  -4.729  -17.362 1.00 114.44 ? 5   DA  C C8    1 
ATOM   621 N  N7    . DA  C 3 5  ? 15.932  -5.204  -16.312 1.00 114.98 ? 5   DA  C N7    1 
ATOM   622 C  C5    . DA  C 3 5  ? 15.333  -6.438  -16.084 1.00 108.08 ? 5   DA  C C5    1 
ATOM   623 C  C6    . DA  C 3 5  ? 15.553  -7.447  -15.116 1.00 100.27 ? 5   DA  C C6    1 
ATOM   624 N  N6    . DA  C 3 5  ? 16.478  -7.363  -14.157 1.00 104.65 ? 5   DA  C N6    1 
ATOM   625 N  N1    . DA  C 3 5  ? 14.780  -8.551  -15.174 1.00 99.06  ? 5   DA  C N1    1 
ATOM   626 C  C2    . DA  C 3 5  ? 13.852  -8.629  -16.134 1.00 105.31 ? 5   DA  C C2    1 
ATOM   627 N  N3    . DA  C 3 5  ? 13.553  -7.752  -17.096 1.00 106.16 ? 5   DA  C N3    1 
ATOM   628 C  C4    . DA  C 3 5  ? 14.336  -6.671  -17.014 1.00 110.76 ? 5   DA  C C4    1 
ATOM   629 P  P     . DG  C 3 6  ? 10.273  -3.617  -21.195 1.00 164.84 ? 6   DG  C P     1 
ATOM   630 O  OP1   . DG  C 3 6  ? 9.689   -3.688  -22.555 1.00 196.16 ? 6   DG  C OP1   1 
ATOM   631 O  OP2   . DG  C 3 6  ? 10.514  -2.299  -20.562 1.00 174.95 ? 6   DG  C OP2   1 
ATOM   632 O  "O5'" . DG  C 3 6  ? 9.361   -4.484  -20.220 1.00 141.94 ? 6   DG  C "O5'" 1 
ATOM   633 C  "C5'" . DG  C 3 6  ? 9.968   -5.085  -19.097 1.00 130.23 ? 6   DG  C "C5'" 1 
ATOM   634 C  "C4'" . DG  C 3 6  ? 9.201   -6.275  -18.612 1.00 118.91 ? 6   DG  C "C4'" 1 
ATOM   635 O  "O4'" . DG  C 3 6  ? 10.025  -6.994  -17.664 1.00 106.93 ? 6   DG  C "O4'" 1 
ATOM   636 C  "C3'" . DG  C 3 6  ? 7.951   -5.906  -17.849 1.00 121.42 ? 6   DG  C "C3'" 1 
ATOM   637 O  "O3'" . DG  C 3 6  ? 7.034   -6.973  -17.874 1.00 126.56 ? 6   DG  C "O3'" 1 
ATOM   638 C  "C2'" . DG  C 3 6  ? 8.499   -5.661  -16.452 1.00 106.45 ? 6   DG  C "C2'" 1 
ATOM   639 C  "C1'" . DG  C 3 6  ? 9.566   -6.745  -16.349 1.00 104.20 ? 6   DG  C "C1'" 1 
ATOM   640 N  N9    . DG  C 3 6  ? 10.695  -6.357  -15.518 1.00 98.55  ? 6   DG  C N9    1 
ATOM   641 C  C8    . DG  C 3 6  ? 11.387  -5.176  -15.568 1.00 98.18  ? 6   DG  C C8    1 
ATOM   642 N  N7    . DG  C 3 6  ? 12.345  -5.106  -14.691 1.00 91.04  ? 6   DG  C N7    1 
ATOM   643 C  C5    . DG  C 3 6  ? 12.277  -6.311  -14.012 1.00 87.94  ? 6   DG  C C5    1 
ATOM   644 C  C6    . DG  C 3 6  ? 13.069  -6.801  -12.948 1.00 92.22  ? 6   DG  C C6    1 
ATOM   645 O  O6    . DG  C 3 6  ? 14.015  -6.252  -12.383 1.00 90.16  ? 6   DG  C O6    1 
ATOM   646 N  N1    . DG  C 3 6  ? 12.675  -8.066  -12.553 1.00 80.56  ? 6   DG  C N1    1 
ATOM   647 C  C2    . DG  C 3 6  ? 11.647  -8.773  -13.115 1.00 90.19  ? 6   DG  C C2    1 
ATOM   648 N  N2    . DG  C 3 6  ? 11.404  -9.987  -12.597 1.00 96.47  ? 6   DG  C N2    1 
ATOM   649 N  N3    . DG  C 3 6  ? 10.893  -8.324  -14.114 1.00 91.35  ? 6   DG  C N3    1 
ATOM   650 C  C4    . DG  C 3 6  ? 11.268  -7.089  -14.510 1.00 89.04  ? 6   DG  C C4    1 
ATOM   651 P  P     . DT  C 3 7  ? 5.610   -6.800  -17.165 1.00 127.26 ? 7   DT  C P     1 
ATOM   652 O  OP1   . DT  C 3 7  ? 4.628   -7.643  -17.890 1.00 118.36 ? 7   DT  C OP1   1 
ATOM   653 O  OP2   . DT  C 3 7  ? 5.391   -5.333  -17.028 1.00 109.58 ? 7   DT  C OP2   1 
ATOM   654 O  "O5'" . DT  C 3 7  ? 5.862   -7.440  -15.722 1.00 118.83 ? 7   DT  C "O5'" 1 
ATOM   655 C  "C5'" . DT  C 3 7  ? 6.757   -8.526  -15.598 1.00 116.25 ? 7   DT  C "C5'" 1 
ATOM   656 C  "C4'" . DT  C 3 7  ? 6.438   -9.361  -14.385 1.00 112.45 ? 7   DT  C "C4'" 1 
ATOM   657 O  "O4'" . DT  C 3 7  ? 7.473   -9.214  -13.384 1.00 106.78 ? 7   DT  C "O4'" 1 
ATOM   658 C  "C3'" . DT  C 3 7  ? 5.131   -9.040  -13.689 1.00 111.87 ? 7   DT  C "C3'" 1 
ATOM   659 O  "O3'" . DT  C 3 7  ? 4.567   -10.286 -13.225 1.00 111.96 ? 7   DT  C "O3'" 1 
ATOM   660 C  "C2'" . DT  C 3 7  ? 5.566   -8.082  -12.560 1.00 90.50  ? 7   DT  C "C2'" 1 
ATOM   661 C  "C1'" . DT  C 3 7  ? 6.961   -8.597  -12.213 1.00 99.20  ? 7   DT  C "C1'" 1 
ATOM   662 N  N1    . DT  C 3 7  ? 7.964   -7.543  -11.822 1.00 91.59  ? 7   DT  C N1    1 
ATOM   663 C  C2    . DT  C 3 7  ? 8.948   -7.859  -10.896 1.00 92.08  ? 7   DT  C C2    1 
ATOM   664 O  O2    . DT  C 3 7  ? 9.008   -8.942  -10.325 1.00 93.97  ? 7   DT  C O2    1 
ATOM   665 N  N3    . DT  C 3 7  ? 9.849   -6.850  -10.645 1.00 74.49  ? 7   DT  C N3    1 
ATOM   666 C  C4    . DT  C 3 7  ? 9.889   -5.612  -11.218 1.00 83.07  ? 7   DT  C C4    1 
ATOM   667 O  O4    . DT  C 3 7  ? 10.745  -4.785  -10.923 1.00 86.90  ? 7   DT  C O4    1 
ATOM   668 C  C5    . DT  C 3 7  ? 8.847   -5.348  -12.190 1.00 85.22  ? 7   DT  C C5    1 
ATOM   669 C  C7    . DT  C 3 7  ? 8.790   -4.024  -12.878 1.00 83.53  ? 7   DT  C C7    1 
ATOM   670 C  C6    . DT  C 3 7  ? 7.950   -6.320  -12.451 1.00 88.12  ? 7   DT  C C6    1 
ATOM   671 P  P     . DG  C 3 8  ? 3.363   -10.355 -12.166 1.00 107.30 ? 8   DG  C P     1 
ATOM   672 O  OP1   . DG  C 3 8  ? 2.546   -11.528 -12.550 1.00 116.95 ? 8   DG  C OP1   1 
ATOM   673 O  OP2   . DG  C 3 8  ? 2.709   -9.031  -12.011 1.00 109.12 ? 8   DG  C OP2   1 
ATOM   674 O  "O5'" . DG  C 3 8  ? 4.111   -10.773 -10.832 1.00 86.03  ? 8   DG  C "O5'" 1 
ATOM   675 C  "C5'" . DG  C 3 8  ? 4.673   -12.056 -10.755 1.00 78.24  ? 8   DG  C "C5'" 1 
ATOM   676 C  "C4'" . DG  C 3 8  ? 5.074   -12.383 -9.342  1.00 80.79  ? 8   DG  C "C4'" 1 
ATOM   677 O  "O4'" . DG  C 3 8  ? 5.875   -11.308 -8.788  1.00 88.61  ? 8   DG  C "O4'" 1 
ATOM   678 C  "C3'" . DG  C 3 8  ? 3.935   -12.557 -8.372  1.00 75.29  ? 8   DG  C "C3'" 1 
ATOM   679 O  "O3'" . DG  C 3 8  ? 4.375   -13.404 -7.328  1.00 66.13  ? 8   DG  C "O3'" 1 
ATOM   680 C  "C2'" . DG  C 3 8  ? 3.703   -11.115 -7.883  1.00 80.06  ? 8   DG  C "C2'" 1 
ATOM   681 C  "C1'" . DG  C 3 8  ? 5.127   -10.578 -7.820  1.00 79.62  ? 8   DG  C "C1'" 1 
ATOM   682 N  N9    . DG  C 3 8  ? 5.311   -9.170  -8.163  1.00 76.71  ? 8   DG  C N9    1 
ATOM   683 C  C8    . DG  C 3 8  ? 4.576   -8.401  -9.028  1.00 79.29  ? 8   DG  C C8    1 
ATOM   684 N  N7    . DG  C 3 8  ? 5.048   -7.187  -9.169  1.00 79.32  ? 8   DG  C N7    1 
ATOM   685 C  C5    . DG  C 3 8  ? 6.186   -7.174  -8.378  1.00 73.19  ? 8   DG  C C5    1 
ATOM   686 C  C6    . DG  C 3 8  ? 7.118   -6.149  -8.149  1.00 73.43  ? 8   DG  C C6    1 
ATOM   687 O  O6    . DG  C 3 8  ? 7.123   -4.996  -8.613  1.00 75.59  ? 8   DG  C O6    1 
ATOM   688 N  N1    . DG  C 3 8  ? 8.132   -6.557  -7.274  1.00 68.18  ? 8   DG  C N1    1 
ATOM   689 C  C2    . DG  C 3 8  ? 8.214   -7.801  -6.704  1.00 72.21  ? 8   DG  C C2    1 
ATOM   690 N  N2    . DG  C 3 8  ? 9.246   -8.023  -5.877  1.00 77.91  ? 8   DG  C N2    1 
ATOM   691 N  N3    . DG  C 3 8  ? 7.345   -8.770  -6.918  1.00 74.83  ? 8   DG  C N3    1 
ATOM   692 C  C4    . DG  C 3 8  ? 6.361   -8.384  -7.762  1.00 73.94  ? 8   DG  C C4    1 
ATOM   693 P  P     . DG  C 3 9  ? 3.338   -13.904 -6.227  1.00 89.16  ? 9   DG  C P     1 
ATOM   694 O  OP1   . DG  C 3 9  ? 3.683   -15.263 -5.750  1.00 86.70  ? 9   DG  C OP1   1 
ATOM   695 O  OP2   . DG  C 3 9  ? 2.024   -13.564 -6.840  1.00 76.73  ? 9   DG  C OP2   1 
ATOM   696 O  "O5'" . DG  C 3 9  ? 3.571   -12.931 -4.989  1.00 77.19  ? 9   DG  C "O5'" 1 
ATOM   697 C  "C5'" . DG  C 3 9  ? 4.841   -12.747 -4.480  1.00 69.63  ? 9   DG  C "C5'" 1 
ATOM   698 C  "C4'" . DG  C 3 9  ? 4.883   -11.502 -3.636  1.00 70.81  ? 9   DG  C "C4'" 1 
ATOM   699 O  "O4'" . DG  C 3 9  ? 4.998   -10.324 -4.468  1.00 77.34  ? 9   DG  C "O4'" 1 
ATOM   700 C  "C3'" . DG  C 3 9  ? 3.629   -11.263 -2.781  1.00 77.74  ? 9   DG  C "C3'" 1 
ATOM   701 O  "O3'" . DG  C 3 9  ? 4.017   -11.037 -1.475  1.00 57.67  ? 9   DG  C "O3'" 1 
ATOM   702 C  "C2'" . DG  C 3 9  ? 3.035   -9.986  -3.379  1.00 75.93  ? 9   DG  C "C2'" 1 
ATOM   703 C  "C1'" . DG  C 3 9  ? 4.298   -9.310  -3.799  1.00 68.66  ? 9   DG  C "C1'" 1 
ATOM   704 N  N9    . DG  C 3 9  ? 4.103   -8.171  -4.660  1.00 69.22  ? 9   DG  C N9    1 
ATOM   705 C  C8    . DG  C 3 9  ? 3.063   -7.931  -5.530  1.00 67.48  ? 9   DG  C C8    1 
ATOM   706 N  N7    . DG  C 3 9  ? 3.177   -6.785  -6.161  1.00 68.67  ? 9   DG  C N7    1 
ATOM   707 C  C5    . DG  C 3 9  ? 4.354   -6.244  -5.657  1.00 62.59  ? 9   DG  C C5    1 
ATOM   708 C  C6    . DG  C 3 9  ? 4.990   -5.021  -5.945  1.00 67.25  ? 9   DG  C C6    1 
ATOM   709 O  O6    . DG  C 3 9  ? 4.634   -4.134  -6.740  1.00 69.26  ? 9   DG  C O6    1 
ATOM   710 N  N1    . DG  C 3 9  ? 6.164   -4.866  -5.211  1.00 65.33  ? 9   DG  C N1    1 
ATOM   711 C  C2    . DG  C 3 9  ? 6.653   -5.775  -4.300  1.00 74.38  ? 9   DG  C C2    1 
ATOM   712 N  N2    . DG  C 3 9  ? 7.803   -5.448  -3.691  1.00 76.69  ? 9   DG  C N2    1 
ATOM   713 N  N3    . DG  C 3 9  ? 6.065   -6.930  -4.016  1.00 74.89  ? 9   DG  C N3    1 
ATOM   714 C  C4    . DG  C 3 9  ? 4.924   -7.091  -4.731  1.00 70.36  ? 9   DG  C C4    1 
ATOM   715 P  P     . DC  D 4 1  ? -5.559  15.296  5.606   1.00 86.63  ? 10  DC  D P     1 
ATOM   716 O  OP1   . DC  D 4 1  ? -5.442  16.637  5.002   1.00 65.97  ? 10  DC  D OP1   1 
ATOM   717 O  OP2   . DC  D 4 1  ? -4.622  14.882  6.665   1.00 76.79  ? 10  DC  D OP2   1 
ATOM   718 O  "O5'" . DC  D 4 1  ? -5.399  14.239  4.427   1.00 84.32  ? 10  DC  D "O5'" 1 
ATOM   719 C  "C5'" . DC  D 4 1  ? -5.676  14.625  3.082   1.00 83.15  ? 10  DC  D "C5'" 1 
ATOM   720 C  "C4'" . DC  D 4 1  ? -6.556  13.595  2.390   1.00 82.03  ? 10  DC  D "C4'" 1 
ATOM   721 O  "O4'" . DC  D 4 1  ? -5.825  12.358  2.221   1.00 80.07  ? 10  DC  D "O4'" 1 
ATOM   722 C  "C3'" . DC  D 4 1  ? -7.792  13.218  3.155   1.00 81.86  ? 10  DC  D "C3'" 1 
ATOM   723 O  "O3'" . DC  D 4 1  ? -8.836  14.109  2.813   1.00 89.46  ? 10  DC  D "O3'" 1 
ATOM   724 C  "C2'" . DC  D 4 1  ? -8.079  11.802  2.652   1.00 78.40  ? 10  DC  D "C2'" 1 
ATOM   725 C  "C1'" . DC  D 4 1  ? -6.695  11.257  2.328   1.00 72.89  ? 10  DC  D "C1'" 1 
ATOM   726 N  N1    . DC  D 4 1  ? -6.157  10.370  3.355   1.00 66.14  ? 10  DC  D N1    1 
ATOM   727 C  C2    . DC  D 4 1  ? -6.626  9.064   3.461   1.00 72.69  ? 10  DC  D C2    1 
ATOM   728 O  O2    . DC  D 4 1  ? -7.521  8.678   2.688   1.00 75.30  ? 10  DC  D O2    1 
ATOM   729 N  N3    . DC  D 4 1  ? -6.099  8.262   4.421   1.00 69.13  ? 10  DC  D N3    1 
ATOM   730 C  C4    . DC  D 4 1  ? -5.154  8.728   5.230   1.00 65.93  ? 10  DC  D C4    1 
ATOM   731 N  N4    . DC  D 4 1  ? -4.649  7.907   6.167   1.00 68.84  ? 10  DC  D N4    1 
ATOM   732 C  C5    . DC  D 4 1  ? -4.663  10.044  5.115   1.00 70.40  ? 10  DC  D C5    1 
ATOM   733 C  C6    . DC  D 4 1  ? -5.189  10.820  4.174   1.00 68.24  ? 10  DC  D C6    1 
ATOM   734 P  P     . DG  D 4 2  ? -10.074 14.311  3.815   1.00 97.29  ? 11  DG  D P     1 
ATOM   735 O  OP1   . DG  D 4 2  ? -10.997 15.256  3.144   1.00 88.42  ? 11  DG  D OP1   1 
ATOM   736 O  OP2   . DG  D 4 2  ? -9.480  14.572  5.157   1.00 93.01  ? 11  DG  D OP2   1 
ATOM   737 O  "O5'" . DG  D 4 2  ? -10.807 12.886  3.835   1.00 84.68  ? 11  DG  D "O5'" 1 
ATOM   738 C  "C5'" . DG  D 4 2  ? -11.490 12.436  2.674   1.00 86.32  ? 11  DG  D "C5'" 1 
ATOM   739 C  "C4'" . DG  D 4 2  ? -11.896 10.994  2.834   1.00 84.73  ? 11  DG  D "C4'" 1 
ATOM   740 O  "O4'" . DG  D 4 2  ? -10.742 10.238  3.230   1.00 90.07  ? 11  DG  D "O4'" 1 
ATOM   741 C  "C3'" . DG  D 4 2  ? -12.903 10.767  3.936   1.00 92.81  ? 11  DG  D "C3'" 1 
ATOM   742 O  "O3'" . DG  D 4 2  ? -14.202 10.812  3.398   1.00 103.89 ? 11  DG  D "O3'" 1 
ATOM   743 C  "C2'" . DG  D 4 2  ? -12.570 9.365   4.464   1.00 94.72  ? 11  DG  D "C2'" 1 
ATOM   744 C  "C1'" . DG  D 4 2  ? -11.133 9.138   4.015   1.00 84.90  ? 11  DG  D "C1'" 1 
ATOM   745 N  N9    . DG  D 4 2  ? -10.185 8.994   5.113   1.00 79.87  ? 11  DG  D N9    1 
ATOM   746 C  C8    . DG  D 4 2  ? -9.318  9.942   5.610   1.00 74.56  ? 11  DG  D C8    1 
ATOM   747 N  N7    . DG  D 4 2  ? -8.571  9.496   6.590   1.00 68.83  ? 11  DG  D N7    1 
ATOM   748 C  C5    . DG  D 4 2  ? -8.972  8.185   6.739   1.00 72.06  ? 11  DG  D C5    1 
ATOM   749 C  C6    . DG  D 4 2  ? -8.533  7.203   7.636   1.00 75.28  ? 11  DG  D C6    1 
ATOM   750 O  O6    . DG  D 4 2  ? -7.666  7.293   8.505   1.00 82.57  ? 11  DG  D O6    1 
ATOM   751 N  N1    . DG  D 4 2  ? -9.209  6.011   7.456   1.00 77.71  ? 11  DG  D N1    1 
ATOM   752 C  C2    . DG  D 4 2  ? -10.182 5.790   6.514   1.00 83.10  ? 11  DG  D C2    1 
ATOM   753 N  N2    . DG  D 4 2  ? -10.713 4.565   6.484   1.00 90.68  ? 11  DG  D N2    1 
ATOM   754 N  N3    . DG  D 4 2  ? -10.612 6.707   5.666   1.00 73.70  ? 11  DG  D N3    1 
ATOM   755 C  C4    . DG  D 4 2  ? -9.968  7.868   5.836   1.00 73.79  ? 11  DG  D C4    1 
ATOM   756 P  P     . DT  D 4 3  ? -15.475 10.833  4.378   1.00 116.92 ? 12  DT  D P     1 
ATOM   757 O  OP1   . DT  D 4 3  ? -16.654 11.119  3.522   1.00 105.66 ? 12  DT  D OP1   1 
ATOM   758 O  OP2   . DT  D 4 3  ? -15.120 11.705  5.531   1.00 102.36 ? 12  DT  D OP2   1 
ATOM   759 O  "O5'" . DT  D 4 3  ? -15.603 9.325   4.904   1.00 83.59  ? 12  DT  D "O5'" 1 
ATOM   760 C  "C5'" . DT  D 4 3  ? -15.982 8.311   4.002   1.00 84.37  ? 12  DT  D "C5'" 1 
ATOM   761 C  "C4'" . DT  D 4 3  ? -15.888 6.964   4.671   1.00 99.46  ? 12  DT  D "C4'" 1 
ATOM   762 O  "O4'" . DT  D 4 3  ? -14.625 6.877   5.382   1.00 95.20  ? 12  DT  D "O4'" 1 
ATOM   763 C  "C3'" . DT  D 4 3  ? -16.977 6.685   5.711   1.00 104.34 ? 12  DT  D "C3'" 1 
ATOM   764 O  "O3'" . DT  D 4 3  ? -17.456 5.357   5.548   1.00 110.95 ? 12  DT  D "O3'" 1 
ATOM   765 C  "C2'" . DT  D 4 3  ? -16.237 6.854   7.035   1.00 98.78  ? 12  DT  D "C2'" 1 
ATOM   766 C  "C1'" . DT  D 4 3  ? -14.859 6.352   6.657   1.00 91.26  ? 12  DT  D "C1'" 1 
ATOM   767 N  N1    . DT  D 4 3  ? -13.802 6.836   7.556   1.00 82.64  ? 12  DT  D N1    1 
ATOM   768 C  C2    . DT  D 4 3  ? -13.148 5.941   8.380   1.00 86.71  ? 12  DT  D C2    1 
ATOM   769 O  O2    . DT  D 4 3  ? -13.395 4.748   8.406   1.00 95.36  ? 12  DT  D O2    1 
ATOM   770 N  N3    . DT  D 4 3  ? -12.195 6.497   9.184   1.00 85.16  ? 12  DT  D N3    1 
ATOM   771 C  C4    . DT  D 4 3  ? -11.829 7.827   9.242   1.00 85.61  ? 12  DT  D C4    1 
ATOM   772 O  O4    . DT  D 4 3  ? -10.952 8.233   10.004  1.00 84.82  ? 12  DT  D O4    1 
ATOM   773 C  C5    . DT  D 4 3  ? -12.551 8.708   8.347   1.00 79.23  ? 12  DT  D C5    1 
ATOM   774 C  C7    . DT  D 4 3  ? -12.241 10.167  8.320   1.00 71.98  ? 12  DT  D C7    1 
ATOM   775 C  C6    . DT  D 4 3  ? -13.498 8.176   7.565   1.00 81.09  ? 12  DT  D C6    1 
ATOM   776 P  P     . DC  D 4 4  ? -18.794 4.855   6.286   1.00 117.46 ? 13  DC  D P     1 
ATOM   777 O  OP1   . DC  D 4 4  ? -19.724 4.393   5.234   1.00 111.72 ? 13  DC  D OP1   1 
ATOM   778 O  OP2   . DC  D 4 4  ? -19.200 5.897   7.259   1.00 106.31 ? 13  DC  D OP2   1 
ATOM   779 O  "O5'" . DC  D 4 4  ? -18.307 3.568   7.089   1.00 95.13  ? 13  DC  D "O5'" 1 
ATOM   780 C  "C5'" . DC  D 4 4  ? -16.963 3.486   7.478   1.00 99.86  ? 13  DC  D "C5'" 1 
ATOM   781 C  "C4'" . DC  D 4 4  ? -16.742 2.318   8.394   1.00 100.13 ? 13  DC  D "C4'" 1 
ATOM   782 O  "O4'" . DC  D 4 4  ? -15.703 2.663   9.335   1.00 105.42 ? 13  DC  D "O4'" 1 
ATOM   783 C  "C3'" . DC  D 4 4  ? -17.925 1.979   9.262   1.00 105.55 ? 13  DC  D "C3'" 1 
ATOM   784 O  "O3'" . DC  D 4 4  ? -17.746 0.664   9.777   1.00 112.90 ? 13  DC  D "O3'" 1 
ATOM   785 C  "C2'" . DC  D 4 4  ? -17.802 3.047   10.348  1.00 102.67 ? 13  DC  D "C2'" 1 
ATOM   786 C  "C1'" . DC  D 4 4  ? -16.293 3.053   10.570  1.00 106.16 ? 13  DC  D "C1'" 1 
ATOM   787 N  N1    . DC  D 4 4  ? -15.720 4.378   10.961  1.00 98.08  ? 13  DC  D N1    1 
ATOM   788 C  C2    . DC  D 4 4  ? -14.646 4.416   11.853  1.00 94.18  ? 13  DC  D C2    1 
ATOM   789 O  O2    . DC  D 4 4  ? -14.211 3.353   12.303  1.00 95.70  ? 13  DC  D O2    1 
ATOM   790 N  N3    . DC  D 4 4  ? -14.112 5.613   12.195  1.00 96.09  ? 13  DC  D N3    1 
ATOM   791 C  C4    . DC  D 4 4  ? -14.610 6.738   11.680  1.00 93.73  ? 13  DC  D C4    1 
ATOM   792 N  N4    . DC  D 4 4  ? -14.044 7.894   12.048  1.00 88.62  ? 13  DC  D N4    1 
ATOM   793 C  C5    . DC  D 4 4  ? -15.707 6.723   10.764  1.00 91.91  ? 13  DC  D C5    1 
ATOM   794 C  C6    . DC  D 4 4  ? -16.223 5.528   10.430  1.00 99.62  ? 13  DC  D C6    1 
ATOM   795 P  P     . DT  D 4 5  ? -18.818 0.006   10.777  1.00 119.14 ? 14  DT  D P     1 
ATOM   796 O  OP1   . DT  D 4 5  ? -18.759 -1.462  10.588  1.00 109.72 ? 14  DT  D OP1   1 
ATOM   797 O  OP2   . DT  D 4 5  ? -20.105 0.733   10.618  1.00 102.71 ? 14  DT  D OP2   1 
ATOM   798 O  "O5'" . DT  D 4 5  ? -18.184 0.268   12.215  1.00 101.81 ? 14  DT  D "O5'" 1 
ATOM   799 C  "C5'" . DT  D 4 5  ? -17.058 -0.475  12.616  1.00 92.89  ? 14  DT  D "C5'" 1 
ATOM   800 C  "C4'" . DT  D 4 5  ? -16.749 -0.249  14.085  1.00 111.49 ? 14  DT  D "C4'" 1 
ATOM   801 O  "O4'" . DT  D 4 5  ? -16.197 1.084   14.290  1.00 113.92 ? 14  DT  D "O4'" 1 
ATOM   802 C  "C3'" . DT  D 4 5  ? -17.944 -0.339  15.029  1.00 110.09 ? 14  DT  D "C3'" 1 
ATOM   803 O  "O3'" . DT  D 4 5  ? -17.506 -0.889  16.259  1.00 118.41 ? 14  DT  D "O3'" 1 
ATOM   804 C  "C2'" . DT  D 4 5  ? -18.326 1.132   15.196  1.00 112.39 ? 14  DT  D "C2'" 1 
ATOM   805 C  "C1'" . DT  D 4 5  ? -16.943 1.738   15.300  1.00 104.96 ? 14  DT  D "C1'" 1 
ATOM   806 N  N1    . DT  D 4 5  ? -16.869 3.200   15.054  1.00 101.65 ? 14  DT  D N1    1 
ATOM   807 C  C2    . DT  D 4 5  ? -15.852 3.902   15.635  1.00 96.73  ? 14  DT  D C2    1 
ATOM   808 O  O2    . DT  D 4 5  ? -15.029 3.387   16.362  1.00 99.19  ? 14  DT  D O2    1 
ATOM   809 N  N3    . DT  D 4 5  ? -15.826 5.235   15.338  1.00 101.35 ? 14  DT  D N3    1 
ATOM   810 C  C4    . DT  D 4 5  ? -16.703 5.926   14.522  1.00 103.05 ? 14  DT  D C4    1 
ATOM   811 O  O4    . DT  D 4 5  ? -16.597 7.133   14.319  1.00 106.92 ? 14  DT  D O4    1 
ATOM   812 C  C5    . DT  D 4 5  ? -17.753 5.127   13.931  1.00 101.00 ? 14  DT  D C5    1 
ATOM   813 C  C7    . DT  D 4 5  ? -18.765 5.766   13.025  1.00 93.34  ? 14  DT  D C7    1 
ATOM   814 C  C6    . DT  D 4 5  ? -17.785 3.814   14.219  1.00 104.06 ? 14  DT  D C6    1 
ATOM   815 P  P     . DG  D 4 6  ? -18.318 -2.086  16.948  1.00 118.21 ? 15  DG  D P     1 
ATOM   816 O  OP1   . DG  D 4 6  ? -17.451 -3.294  16.977  1.00 124.71 ? 15  DG  D OP1   1 
ATOM   817 O  OP2   . DG  D 4 6  ? -19.648 -2.102  16.299  1.00 111.50 ? 15  DG  D OP2   1 
ATOM   818 O  "O5'" . DG  D 4 6  ? -18.465 -1.611  18.458  1.00 120.71 ? 15  DG  D "O5'" 1 
ATOM   819 C  "C5'" . DG  D 4 6  ? -17.349 -1.679  19.335  1.00 117.55 ? 15  DG  D "C5'" 1 
ATOM   820 C  "C4'" . DG  D 4 6  ? -17.415 -0.538  20.313  1.00 116.76 ? 15  DG  D "C4'" 1 
ATOM   821 O  "O4'" . DG  D 4 6  ? -17.174 0.680   19.587  1.00 114.30 ? 15  DG  D "O4'" 1 
ATOM   822 C  "C3'" . DG  D 4 6  ? -18.796 -0.337  20.913  1.00 125.47 ? 15  DG  D "C3'" 1 
ATOM   823 O  "O3'" . DG  D 4 6  ? -19.012 -1.121  22.148  1.00 132.83 ? 15  DG  D "O3'" 1 
ATOM   824 C  "C2'" . DG  D 4 6  ? -18.890 1.172   21.141  1.00 125.24 ? 15  DG  D "C2'" 1 
ATOM   825 C  "C1'" . DG  D 4 6  ? -17.764 1.753   20.278  1.00 118.87 ? 15  DG  D "C1'" 1 
ATOM   826 N  N9    . DG  D 4 6  ? -18.245 2.735   19.315  1.00 111.96 ? 15  DG  D N9    1 
ATOM   827 C  C8    . DG  D 4 6  ? -19.370 2.632   18.544  1.00 114.76 ? 15  DG  D C8    1 
ATOM   828 N  N7    . DG  D 4 6  ? -19.574 3.666   17.776  1.00 109.63 ? 15  DG  D N7    1 
ATOM   829 C  C5    . DG  D 4 6  ? -18.521 4.517   18.070  1.00 108.53 ? 15  DG  D C5    1 
ATOM   830 C  C6    . DG  D 4 6  ? -18.218 5.785   17.544  1.00 106.48 ? 15  DG  D C6    1 
ATOM   831 O  O6    . DG  D 4 6  ? -18.844 6.426   16.688  1.00 104.23 ? 15  DG  D O6    1 
ATOM   832 N  N1    . DG  D 4 6  ? -17.063 6.310   18.109  1.00 102.36 ? 15  DG  D N1    1 
ATOM   833 C  C2    . DG  D 4 6  ? -16.299 5.685   19.057  1.00 96.25  ? 15  DG  D C2    1 
ATOM   834 N  N2    . DG  D 4 6  ? -15.222 6.354   19.479  1.00 97.12  ? 15  DG  D N2    1 
ATOM   835 N  N3    . DG  D 4 6  ? -16.570 4.492   19.558  1.00 101.19 ? 15  DG  D N3    1 
ATOM   836 C  C4    . DG  D 4 6  ? -17.696 3.967   19.023  1.00 104.95 ? 15  DG  D C4    1 
ATOM   837 P  P     . DC  D 4 7  ? -17.916 -1.283  23.324  1.00 136.99 ? 16  DC  D P     1 
ATOM   838 O  OP1   . DC  D 4 7  ? -16.900 -2.286  22.923  1.00 126.14 ? 16  DC  D OP1   1 
ATOM   839 O  OP2   . DC  D 4 7  ? -18.720 -1.503  24.549  1.00 132.42 ? 16  DC  D OP2   1 
ATOM   840 O  "O5'" . DC  D 4 7  ? -17.222 0.153   23.471  1.00 141.81 ? 16  DC  D "O5'" 1 
ATOM   841 C  "C5'" . DC  D 4 7  ? -17.754 1.123   24.388  1.00 143.14 ? 16  DC  D "C5'" 1 
ATOM   842 C  "C4'" . DC  D 4 7  ? -16.985 2.439   24.300  1.00 146.05 ? 16  DC  D "C4'" 1 
ATOM   843 O  "O4'" . DC  D 4 7  ? -17.328 3.145   23.066  1.00 137.77 ? 16  DC  D "O4'" 1 
ATOM   844 C  "C3'" . DC  D 4 7  ? -17.264 3.428   25.432  1.00 145.33 ? 16  DC  D "C3'" 1 
ATOM   845 O  "O3'" . DC  D 4 7  ? -16.054 4.090   25.795  1.00 148.48 ? 16  DC  D "O3'" 1 
ATOM   846 C  "C2'" . DC  D 4 7  ? -18.272 4.392   24.797  1.00 134.83 ? 16  DC  D "C2'" 1 
ATOM   847 C  "C1'" . DC  D 4 7  ? -17.729 4.464   23.379  1.00 130.73 ? 16  DC  D "C1'" 1 
ATOM   848 N  N1    . DC  D 4 7  ? -18.720 4.936   22.363  1.00 111.21 ? 16  DC  D N1    1 
ATOM   849 C  C2    . DC  D 4 7  ? -18.450 6.096   21.645  1.00 117.31 ? 16  DC  D C2    1 
ATOM   850 O  O2    . DC  D 4 7  ? -17.398 6.705   21.868  1.00 118.65 ? 16  DC  D O2    1 
ATOM   851 N  N3    . DC  D 4 7  ? -19.350 6.535   20.726  1.00 116.13 ? 16  DC  D N3    1 
ATOM   852 C  C4    . DC  D 4 7  ? -20.473 5.846   20.519  1.00 111.92 ? 16  DC  D C4    1 
ATOM   853 N  N4    . DC  D 4 7  ? -21.331 6.305   19.600  1.00 104.18 ? 16  DC  D N4    1 
ATOM   854 C  C5    . DC  D 4 7  ? -20.767 4.655   21.247  1.00 113.17 ? 16  DC  D C5    1 
ATOM   855 C  C6    . DC  D 4 7  ? -19.872 4.244   22.154  1.00 114.46 ? 16  DC  D C6    1 
HETATM 856 AS AS    . CAC E 5 .  ? -1.951  -3.541  -1.433  1.00 116.48 ? 101 CAC B AS    1 
HETATM 857 AS AS    . CAC F 5 .  ? 0.530   17.755  -3.583  1.00 149.13 ? 102 CAC B AS    1 
HETATM 858 AS AS    . CAC G 5 .  ? 1.789   -5.929  -10.004 1.00 195.02 ? 101 CAC C AS    1 
HETATM 859 AS AS    . CAC H 5 .  ? -7.009  11.152  10.101  1.00 144.14 ? 101 CAC D AS    1 
# 
loop_
_pdbx_poly_seq_scheme.asym_id 
_pdbx_poly_seq_scheme.entity_id 
_pdbx_poly_seq_scheme.seq_id 
_pdbx_poly_seq_scheme.mon_id 
_pdbx_poly_seq_scheme.ndb_seq_num 
_pdbx_poly_seq_scheme.pdb_seq_num 
_pdbx_poly_seq_scheme.auth_seq_num 
_pdbx_poly_seq_scheme.pdb_mon_id 
_pdbx_poly_seq_scheme.auth_mon_id 
_pdbx_poly_seq_scheme.pdb_strand_id 
_pdbx_poly_seq_scheme.pdb_ins_code 
_pdbx_poly_seq_scheme.hetero 
A 1 1  DG 1  1  1  DG DG A . n 
A 1 2  DA 2  2  2  DA DA A . n 
A 1 3  DG 3  3  3  DG DG A . n 
A 1 4  DC 4  4  4  DC DC A . n 
A 1 5  DA 5  5  5  DA DA A . n 
A 1 6  DG 6  6  6  DG DG A . n 
A 1 7  DA 7  7  7  DA DA A . n 
A 1 8  DC 8  8  8  DC DC A . n 
A 1 9  DG 9  9  9  DG DG A . n 
A 1 10 DA 10 10 10 DA DA A . n 
A 1 11 DG 11 11 11 DG DG A . n 
A 1 12 DA 12 12 12 DA DA A . n 
A 1 13 DC 13 13 13 DC DC A . n 
A 1 14 DT 14 14 14 DT DT A . n 
A 1 15 DC 15 15 15 DC DC A . n 
A 1 16 DC 16 16 16 DC DC A . n 
A 1 17 DA 17 17 17 DA DA A . n 
A 1 18 DC 18 18 18 DC DC A . n 
A 1 19 DT 19 19 19 DT DT A . n 
A 1 20 DC 20 20 20 DC DC A . n 
A 1 21 DA 21 21 21 DA DA A . n 
B 2 1  DA 1  1  1  DA DA B . n 
B 2 2  DG 2  2  2  DG DG B . n 
B 2 3  DT 3  3  3  DT DT B . n 
B 2 4  DC 4  4  4  DC DC B . n 
B 2 5  DT 5  5  5  DT DT B . n 
C 3 1  DT 1  1  1  DT DT C . n 
C 3 2  DC 2  2  2  DC DC C . n 
C 3 3  DT 3  3  3  DT DT C . n 
C 3 4  DG 4  4  4  DG DG C . n 
C 3 5  DA 5  5  5  DA DA C . n 
C 3 6  DG 6  6  6  DG DG C . n 
C 3 7  DT 7  7  7  DT DT C . n 
C 3 8  DG 8  8  8  DG DG C . n 
C 3 9  DG 9  9  9  DG DG C . n 
D 4 1  DC 1  10 10 DC DC D . n 
D 4 2  DG 2  11 11 DG DG D . n 
D 4 3  DT 3  12 12 DT DT D . n 
D 4 4  DC 4  13 13 DC DC D . n 
D 4 5  DT 5  14 14 DT DT D . n 
D 4 6  DG 6  15 15 DG DG D . n 
D 4 7  DC 7  16 16 DC DC D . n 
# 
loop_
_pdbx_nonpoly_scheme.asym_id 
_pdbx_nonpoly_scheme.entity_id 
_pdbx_nonpoly_scheme.mon_id 
_pdbx_nonpoly_scheme.ndb_seq_num 
_pdbx_nonpoly_scheme.pdb_seq_num 
_pdbx_nonpoly_scheme.auth_seq_num 
_pdbx_nonpoly_scheme.pdb_mon_id 
_pdbx_nonpoly_scheme.auth_mon_id 
_pdbx_nonpoly_scheme.pdb_strand_id 
_pdbx_nonpoly_scheme.pdb_ins_code 
E 5 CAC 1 101 1 CAC AS B . 
F 5 CAC 1 102 3 CAC AS B . 
G 5 CAC 1 101 4 CAC AS C . 
H 5 CAC 1 101 2 CAC AS D . 
# 
_pdbx_struct_assembly.id                   1 
_pdbx_struct_assembly.details              author_and_software_defined_assembly 
_pdbx_struct_assembly.method_details       PISA 
_pdbx_struct_assembly.oligomeric_details   tetrameric 
_pdbx_struct_assembly.oligomeric_count     4 
# 
_pdbx_struct_assembly_gen.assembly_id       1 
_pdbx_struct_assembly_gen.oper_expression   1 
_pdbx_struct_assembly_gen.asym_id_list      A,B,C,D,E,F,G,H 
# 
loop_
_pdbx_struct_assembly_prop.biol_id 
_pdbx_struct_assembly_prop.type 
_pdbx_struct_assembly_prop.value 
_pdbx_struct_assembly_prop.details 
1 'ABSA (A^2)' 2830 ? 
1 MORE         -24  ? 
1 'SSA (A^2)'  7740 ? 
# 
_pdbx_struct_oper_list.id                   1 
_pdbx_struct_oper_list.type                 'identity operation' 
_pdbx_struct_oper_list.name                 1_555 
_pdbx_struct_oper_list.symmetry_operation   x,y,z 
_pdbx_struct_oper_list.matrix[1][1]         1.0000000000 
_pdbx_struct_oper_list.matrix[1][2]         0.0000000000 
_pdbx_struct_oper_list.matrix[1][3]         0.0000000000 
_pdbx_struct_oper_list.vector[1]            0.0000000000 
_pdbx_struct_oper_list.matrix[2][1]         0.0000000000 
_pdbx_struct_oper_list.matrix[2][2]         1.0000000000 
_pdbx_struct_oper_list.matrix[2][3]         0.0000000000 
_pdbx_struct_oper_list.vector[2]            0.0000000000 
_pdbx_struct_oper_list.matrix[3][1]         0.0000000000 
_pdbx_struct_oper_list.matrix[3][2]         0.0000000000 
_pdbx_struct_oper_list.matrix[3][3]         1.0000000000 
_pdbx_struct_oper_list.vector[3]            0.0000000000 
# 
loop_
_pdbx_audit_revision_history.ordinal 
_pdbx_audit_revision_history.data_content_type 
_pdbx_audit_revision_history.major_revision 
_pdbx_audit_revision_history.minor_revision 
_pdbx_audit_revision_history.revision_date 
1 'Structure model' 1 0 2021-07-14 
2 'Structure model' 1 1 2022-07-06 
3 'Structure model' 1 2 2023-10-18 
# 
_pdbx_audit_revision_details.ordinal             1 
_pdbx_audit_revision_details.revision_ordinal    1 
_pdbx_audit_revision_details.data_content_type   'Structure model' 
_pdbx_audit_revision_details.provider            repository 
_pdbx_audit_revision_details.type                'Initial release' 
_pdbx_audit_revision_details.description         ? 
_pdbx_audit_revision_details.details             ? 
# 
loop_
_pdbx_audit_revision_group.ordinal 
_pdbx_audit_revision_group.revision_ordinal 
_pdbx_audit_revision_group.data_content_type 
_pdbx_audit_revision_group.group 
1 2 'Structure model' 'Database references'    
2 3 'Structure model' 'Data collection'        
3 3 'Structure model' 'Refinement description' 
# 
loop_
_pdbx_audit_revision_category.ordinal 
_pdbx_audit_revision_category.revision_ordinal 
_pdbx_audit_revision_category.data_content_type 
_pdbx_audit_revision_category.category 
1 2 'Structure model' citation                      
2 2 'Structure model' citation_author               
3 2 'Structure model' database_2                    
4 3 'Structure model' chem_comp_atom                
5 3 'Structure model' chem_comp_bond                
6 3 'Structure model' pdbx_initial_refinement_model 
# 
loop_
_pdbx_audit_revision_item.ordinal 
_pdbx_audit_revision_item.revision_ordinal 
_pdbx_audit_revision_item.data_content_type 
_pdbx_audit_revision_item.item 
1  2 'Structure model' '_citation.country'                   
2  2 'Structure model' '_citation.journal_abbrev'            
3  2 'Structure model' '_citation.journal_id_CSD'            
4  2 'Structure model' '_citation.journal_id_ISSN'           
5  2 'Structure model' '_citation.journal_volume'            
6  2 'Structure model' '_citation.page_first'                
7  2 'Structure model' '_citation.page_last'                 
8  2 'Structure model' '_citation.pdbx_database_id_DOI'      
9  2 'Structure model' '_citation.pdbx_database_id_PubMed'   
10 2 'Structure model' '_citation.title'                     
11 2 'Structure model' '_citation.year'                      
12 2 'Structure model' '_database_2.pdbx_DOI'                
13 2 'Structure model' '_database_2.pdbx_database_accession' 
# 
loop_
_software.citation_id 
_software.classification 
_software.compiler_name 
_software.compiler_version 
_software.contact_author 
_software.contact_author_email 
_software.date 
_software.description 
_software.dependencies 
_software.hardware 
_software.language 
_software.location 
_software.mods 
_software.name 
_software.os 
_software.os_version 
_software.type 
_software.version 
_software.pdbx_ordinal 
? 'data reduction'  ? ? ? ? ? ? ? ? ? ? ? HKL-2000    ? ? ? .           1 
? 'data scaling'    ? ? ? ? ? ? ? ? ? ? ? HKL-2000    ? ? ? .           2 
? refinement        ? ? ? ? ? ? ? ? ? ? ? PHENIX      ? ? ? 1.11.1_2575 3 
? 'data extraction' ? ? ? ? ? ? ? ? ? ? ? PDB_EXTRACT ? ? ? 3.25        4 
? phasing           ? ? ? ? ? ? ? ? ? ? ? PHASER      ? ? ? .           5 
# 
_pdbx_entry_details.entry_id                 6WSU 
_pdbx_entry_details.has_ligand_of_interest   N 
_pdbx_entry_details.compound_details         ? 
_pdbx_entry_details.source_details           ? 
_pdbx_entry_details.nonpolymer_details       ? 
_pdbx_entry_details.sequence_details         ? 
# 
_pdbx_validate_symm_contact.id                1 
_pdbx_validate_symm_contact.PDB_model_num     1 
_pdbx_validate_symm_contact.auth_atom_id_1    AS 
_pdbx_validate_symm_contact.auth_asym_id_1    B 
_pdbx_validate_symm_contact.auth_comp_id_1    CAC 
_pdbx_validate_symm_contact.auth_seq_id_1     101 
_pdbx_validate_symm_contact.PDB_ins_code_1    ? 
_pdbx_validate_symm_contact.label_alt_id_1    ? 
_pdbx_validate_symm_contact.site_symmetry_1   1_555 
_pdbx_validate_symm_contact.auth_atom_id_2    AS 
_pdbx_validate_symm_contact.auth_asym_id_2    B 
_pdbx_validate_symm_contact.auth_comp_id_2    CAC 
_pdbx_validate_symm_contact.auth_seq_id_2     102 
_pdbx_validate_symm_contact.PDB_ins_code_2    ? 
_pdbx_validate_symm_contact.label_alt_id_2    ? 
_pdbx_validate_symm_contact.site_symmetry_2   3_745 
_pdbx_validate_symm_contact.dist              1.73 
# 
loop_
_pdbx_validate_rmsd_bond.id 
_pdbx_validate_rmsd_bond.PDB_model_num 
_pdbx_validate_rmsd_bond.auth_atom_id_1 
_pdbx_validate_rmsd_bond.auth_asym_id_1 
_pdbx_validate_rmsd_bond.auth_comp_id_1 
_pdbx_validate_rmsd_bond.auth_seq_id_1 
_pdbx_validate_rmsd_bond.PDB_ins_code_1 
_pdbx_validate_rmsd_bond.label_alt_id_1 
_pdbx_validate_rmsd_bond.auth_atom_id_2 
_pdbx_validate_rmsd_bond.auth_asym_id_2 
_pdbx_validate_rmsd_bond.auth_comp_id_2 
_pdbx_validate_rmsd_bond.auth_seq_id_2 
_pdbx_validate_rmsd_bond.PDB_ins_code_2 
_pdbx_validate_rmsd_bond.label_alt_id_2 
_pdbx_validate_rmsd_bond.bond_value 
_pdbx_validate_rmsd_bond.bond_target_value 
_pdbx_validate_rmsd_bond.bond_deviation 
_pdbx_validate_rmsd_bond.bond_standard_deviation 
_pdbx_validate_rmsd_bond.linker_flag 
1 1 "O3'" B DT 5 ? ? "C3'" B DT 5 ? ? 1.354 1.419 -0.065 0.006 N 
2 1 "O3'" C DG 9 ? ? "C3'" C DG 9 ? ? 1.382 1.419 -0.037 0.006 N 
# 
loop_
_pdbx_validate_rmsd_angle.id 
_pdbx_validate_rmsd_angle.PDB_model_num 
_pdbx_validate_rmsd_angle.auth_atom_id_1 
_pdbx_validate_rmsd_angle.auth_asym_id_1 
_pdbx_validate_rmsd_angle.auth_comp_id_1 
_pdbx_validate_rmsd_angle.auth_seq_id_1 
_pdbx_validate_rmsd_angle.PDB_ins_code_1 
_pdbx_validate_rmsd_angle.label_alt_id_1 
_pdbx_validate_rmsd_angle.auth_atom_id_2 
_pdbx_validate_rmsd_angle.auth_asym_id_2 
_pdbx_validate_rmsd_angle.auth_comp_id_2 
_pdbx_validate_rmsd_angle.auth_seq_id_2 
_pdbx_validate_rmsd_angle.PDB_ins_code_2 
_pdbx_validate_rmsd_angle.label_alt_id_2 
_pdbx_validate_rmsd_angle.auth_atom_id_3 
_pdbx_validate_rmsd_angle.auth_asym_id_3 
_pdbx_validate_rmsd_angle.auth_comp_id_3 
_pdbx_validate_rmsd_angle.auth_seq_id_3 
_pdbx_validate_rmsd_angle.PDB_ins_code_3 
_pdbx_validate_rmsd_angle.label_alt_id_3 
_pdbx_validate_rmsd_angle.angle_value 
_pdbx_validate_rmsd_angle.angle_target_value 
_pdbx_validate_rmsd_angle.angle_deviation 
_pdbx_validate_rmsd_angle.angle_standard_deviation 
_pdbx_validate_rmsd_angle.linker_flag 
1 1 "O4'" C DC 2 ? ? "C1'" C DC 2 ? ? N1 C DC 2 ? ? 110.20 108.30 1.90 0.30 N 
2 1 "O4'" C DG 9 ? ? "C1'" C DG 9 ? ? N9 C DG 9 ? ? 110.72 108.30 2.42 0.30 N 
# 
loop_
_pdbx_unobs_or_zero_occ_atoms.id 
_pdbx_unobs_or_zero_occ_atoms.PDB_model_num 
_pdbx_unobs_or_zero_occ_atoms.polymer_flag 
_pdbx_unobs_or_zero_occ_atoms.occupancy_flag 
_pdbx_unobs_or_zero_occ_atoms.auth_asym_id 
_pdbx_unobs_or_zero_occ_atoms.auth_comp_id 
_pdbx_unobs_or_zero_occ_atoms.auth_seq_id 
_pdbx_unobs_or_zero_occ_atoms.PDB_ins_code 
_pdbx_unobs_or_zero_occ_atoms.auth_atom_id 
_pdbx_unobs_or_zero_occ_atoms.label_alt_id 
_pdbx_unobs_or_zero_occ_atoms.label_asym_id 
_pdbx_unobs_or_zero_occ_atoms.label_comp_id 
_pdbx_unobs_or_zero_occ_atoms.label_seq_id 
_pdbx_unobs_or_zero_occ_atoms.label_atom_id 
1  1 N 1 B CAC 101 ? O1 ? E CAC 1 O1 
2  1 N 1 B CAC 101 ? O2 ? E CAC 1 O2 
3  1 N 1 B CAC 101 ? C1 ? E CAC 1 C1 
4  1 N 1 B CAC 101 ? C2 ? E CAC 1 C2 
5  1 N 1 B CAC 102 ? O1 ? F CAC 1 O1 
6  1 N 1 B CAC 102 ? O2 ? F CAC 1 O2 
7  1 N 1 B CAC 102 ? C1 ? F CAC 1 C1 
8  1 N 1 B CAC 102 ? C2 ? F CAC 1 C2 
9  1 N 1 C CAC 101 ? O1 ? G CAC 1 O1 
10 1 N 1 C CAC 101 ? O2 ? G CAC 1 O2 
11 1 N 1 C CAC 101 ? C1 ? G CAC 1 C1 
12 1 N 1 C CAC 101 ? C2 ? G CAC 1 C2 
13 1 N 1 D CAC 101 ? O1 ? H CAC 1 O1 
14 1 N 1 D CAC 101 ? O2 ? H CAC 1 O2 
15 1 N 1 D CAC 101 ? C1 ? H CAC 1 C1 
16 1 N 1 D CAC 101 ? C2 ? H CAC 1 C2 
# 
loop_
_chem_comp_atom.comp_id 
_chem_comp_atom.atom_id 
_chem_comp_atom.type_symbol 
_chem_comp_atom.pdbx_aromatic_flag 
_chem_comp_atom.pdbx_stereo_config 
_chem_comp_atom.pdbx_ordinal 
CAC AS     AS N N 1   
CAC O1     O  N N 2   
CAC O2     O  N N 3   
CAC C1     C  N N 4   
CAC C2     C  N N 5   
CAC H11    H  N N 6   
CAC H12    H  N N 7   
CAC H13    H  N N 8   
CAC H21    H  N N 9   
CAC H22    H  N N 10  
CAC H23    H  N N 11  
DA  OP3    O  N N 12  
DA  P      P  N N 13  
DA  OP1    O  N N 14  
DA  OP2    O  N N 15  
DA  "O5'"  O  N N 16  
DA  "C5'"  C  N N 17  
DA  "C4'"  C  N R 18  
DA  "O4'"  O  N N 19  
DA  "C3'"  C  N S 20  
DA  "O3'"  O  N N 21  
DA  "C2'"  C  N N 22  
DA  "C1'"  C  N R 23  
DA  N9     N  Y N 24  
DA  C8     C  Y N 25  
DA  N7     N  Y N 26  
DA  C5     C  Y N 27  
DA  C6     C  Y N 28  
DA  N6     N  N N 29  
DA  N1     N  Y N 30  
DA  C2     C  Y N 31  
DA  N3     N  Y N 32  
DA  C4     C  Y N 33  
DA  HOP3   H  N N 34  
DA  HOP2   H  N N 35  
DA  "H5'"  H  N N 36  
DA  "H5''" H  N N 37  
DA  "H4'"  H  N N 38  
DA  "H3'"  H  N N 39  
DA  "HO3'" H  N N 40  
DA  "H2'"  H  N N 41  
DA  "H2''" H  N N 42  
DA  "H1'"  H  N N 43  
DA  H8     H  N N 44  
DA  H61    H  N N 45  
DA  H62    H  N N 46  
DA  H2     H  N N 47  
DC  OP3    O  N N 48  
DC  P      P  N N 49  
DC  OP1    O  N N 50  
DC  OP2    O  N N 51  
DC  "O5'"  O  N N 52  
DC  "C5'"  C  N N 53  
DC  "C4'"  C  N R 54  
DC  "O4'"  O  N N 55  
DC  "C3'"  C  N S 56  
DC  "O3'"  O  N N 57  
DC  "C2'"  C  N N 58  
DC  "C1'"  C  N R 59  
DC  N1     N  N N 60  
DC  C2     C  N N 61  
DC  O2     O  N N 62  
DC  N3     N  N N 63  
DC  C4     C  N N 64  
DC  N4     N  N N 65  
DC  C5     C  N N 66  
DC  C6     C  N N 67  
DC  HOP3   H  N N 68  
DC  HOP2   H  N N 69  
DC  "H5'"  H  N N 70  
DC  "H5''" H  N N 71  
DC  "H4'"  H  N N 72  
DC  "H3'"  H  N N 73  
DC  "HO3'" H  N N 74  
DC  "H2'"  H  N N 75  
DC  "H2''" H  N N 76  
DC  "H1'"  H  N N 77  
DC  H41    H  N N 78  
DC  H42    H  N N 79  
DC  H5     H  N N 80  
DC  H6     H  N N 81  
DG  OP3    O  N N 82  
DG  P      P  N N 83  
DG  OP1    O  N N 84  
DG  OP2    O  N N 85  
DG  "O5'"  O  N N 86  
DG  "C5'"  C  N N 87  
DG  "C4'"  C  N R 88  
DG  "O4'"  O  N N 89  
DG  "C3'"  C  N S 90  
DG  "O3'"  O  N N 91  
DG  "C2'"  C  N N 92  
DG  "C1'"  C  N R 93  
DG  N9     N  Y N 94  
DG  C8     C  Y N 95  
DG  N7     N  Y N 96  
DG  C5     C  Y N 97  
DG  C6     C  N N 98  
DG  O6     O  N N 99  
DG  N1     N  N N 100 
DG  C2     C  N N 101 
DG  N2     N  N N 102 
DG  N3     N  N N 103 
DG  C4     C  Y N 104 
DG  HOP3   H  N N 105 
DG  HOP2   H  N N 106 
DG  "H5'"  H  N N 107 
DG  "H5''" H  N N 108 
DG  "H4'"  H  N N 109 
DG  "H3'"  H  N N 110 
DG  "HO3'" H  N N 111 
DG  "H2'"  H  N N 112 
DG  "H2''" H  N N 113 
DG  "H1'"  H  N N 114 
DG  H8     H  N N 115 
DG  H1     H  N N 116 
DG  H21    H  N N 117 
DG  H22    H  N N 118 
DT  OP3    O  N N 119 
DT  P      P  N N 120 
DT  OP1    O  N N 121 
DT  OP2    O  N N 122 
DT  "O5'"  O  N N 123 
DT  "C5'"  C  N N 124 
DT  "C4'"  C  N R 125 
DT  "O4'"  O  N N 126 
DT  "C3'"  C  N S 127 
DT  "O3'"  O  N N 128 
DT  "C2'"  C  N N 129 
DT  "C1'"  C  N R 130 
DT  N1     N  N N 131 
DT  C2     C  N N 132 
DT  O2     O  N N 133 
DT  N3     N  N N 134 
DT  C4     C  N N 135 
DT  O4     O  N N 136 
DT  C5     C  N N 137 
DT  C7     C  N N 138 
DT  C6     C  N N 139 
DT  HOP3   H  N N 140 
DT  HOP2   H  N N 141 
DT  "H5'"  H  N N 142 
DT  "H5''" H  N N 143 
DT  "H4'"  H  N N 144 
DT  "H3'"  H  N N 145 
DT  "HO3'" H  N N 146 
DT  "H2'"  H  N N 147 
DT  "H2''" H  N N 148 
DT  "H1'"  H  N N 149 
DT  H3     H  N N 150 
DT  H71    H  N N 151 
DT  H72    H  N N 152 
DT  H73    H  N N 153 
DT  H6     H  N N 154 
# 
loop_
_chem_comp_bond.comp_id 
_chem_comp_bond.atom_id_1 
_chem_comp_bond.atom_id_2 
_chem_comp_bond.value_order 
_chem_comp_bond.pdbx_aromatic_flag 
_chem_comp_bond.pdbx_stereo_config 
_chem_comp_bond.pdbx_ordinal 
CAC AS    O1     doub N N 1   
CAC AS    O2     sing N N 2   
CAC AS    C1     sing N N 3   
CAC AS    C2     sing N N 4   
CAC C1    H11    sing N N 5   
CAC C1    H12    sing N N 6   
CAC C1    H13    sing N N 7   
CAC C2    H21    sing N N 8   
CAC C2    H22    sing N N 9   
CAC C2    H23    sing N N 10  
DA  OP3   P      sing N N 11  
DA  OP3   HOP3   sing N N 12  
DA  P     OP1    doub N N 13  
DA  P     OP2    sing N N 14  
DA  P     "O5'"  sing N N 15  
DA  OP2   HOP2   sing N N 16  
DA  "O5'" "C5'"  sing N N 17  
DA  "C5'" "C4'"  sing N N 18  
DA  "C5'" "H5'"  sing N N 19  
DA  "C5'" "H5''" sing N N 20  
DA  "C4'" "O4'"  sing N N 21  
DA  "C4'" "C3'"  sing N N 22  
DA  "C4'" "H4'"  sing N N 23  
DA  "O4'" "C1'"  sing N N 24  
DA  "C3'" "O3'"  sing N N 25  
DA  "C3'" "C2'"  sing N N 26  
DA  "C3'" "H3'"  sing N N 27  
DA  "O3'" "HO3'" sing N N 28  
DA  "C2'" "C1'"  sing N N 29  
DA  "C2'" "H2'"  sing N N 30  
DA  "C2'" "H2''" sing N N 31  
DA  "C1'" N9     sing N N 32  
DA  "C1'" "H1'"  sing N N 33  
DA  N9    C8     sing Y N 34  
DA  N9    C4     sing Y N 35  
DA  C8    N7     doub Y N 36  
DA  C8    H8     sing N N 37  
DA  N7    C5     sing Y N 38  
DA  C5    C6     sing Y N 39  
DA  C5    C4     doub Y N 40  
DA  C6    N6     sing N N 41  
DA  C6    N1     doub Y N 42  
DA  N6    H61    sing N N 43  
DA  N6    H62    sing N N 44  
DA  N1    C2     sing Y N 45  
DA  C2    N3     doub Y N 46  
DA  C2    H2     sing N N 47  
DA  N3    C4     sing Y N 48  
DC  OP3   P      sing N N 49  
DC  OP3   HOP3   sing N N 50  
DC  P     OP1    doub N N 51  
DC  P     OP2    sing N N 52  
DC  P     "O5'"  sing N N 53  
DC  OP2   HOP2   sing N N 54  
DC  "O5'" "C5'"  sing N N 55  
DC  "C5'" "C4'"  sing N N 56  
DC  "C5'" "H5'"  sing N N 57  
DC  "C5'" "H5''" sing N N 58  
DC  "C4'" "O4'"  sing N N 59  
DC  "C4'" "C3'"  sing N N 60  
DC  "C4'" "H4'"  sing N N 61  
DC  "O4'" "C1'"  sing N N 62  
DC  "C3'" "O3'"  sing N N 63  
DC  "C3'" "C2'"  sing N N 64  
DC  "C3'" "H3'"  sing N N 65  
DC  "O3'" "HO3'" sing N N 66  
DC  "C2'" "C1'"  sing N N 67  
DC  "C2'" "H2'"  sing N N 68  
DC  "C2'" "H2''" sing N N 69  
DC  "C1'" N1     sing N N 70  
DC  "C1'" "H1'"  sing N N 71  
DC  N1    C2     sing N N 72  
DC  N1    C6     sing N N 73  
DC  C2    O2     doub N N 74  
DC  C2    N3     sing N N 75  
DC  N3    C4     doub N N 76  
DC  C4    N4     sing N N 77  
DC  C4    C5     sing N N 78  
DC  N4    H41    sing N N 79  
DC  N4    H42    sing N N 80  
DC  C5    C6     doub N N 81  
DC  C5    H5     sing N N 82  
DC  C6    H6     sing N N 83  
DG  OP3   P      sing N N 84  
DG  OP3   HOP3   sing N N 85  
DG  P     OP1    doub N N 86  
DG  P     OP2    sing N N 87  
DG  P     "O5'"  sing N N 88  
DG  OP2   HOP2   sing N N 89  
DG  "O5'" "C5'"  sing N N 90  
DG  "C5'" "C4'"  sing N N 91  
DG  "C5'" "H5'"  sing N N 92  
DG  "C5'" "H5''" sing N N 93  
DG  "C4'" "O4'"  sing N N 94  
DG  "C4'" "C3'"  sing N N 95  
DG  "C4'" "H4'"  sing N N 96  
DG  "O4'" "C1'"  sing N N 97  
DG  "C3'" "O3'"  sing N N 98  
DG  "C3'" "C2'"  sing N N 99  
DG  "C3'" "H3'"  sing N N 100 
DG  "O3'" "HO3'" sing N N 101 
DG  "C2'" "C1'"  sing N N 102 
DG  "C2'" "H2'"  sing N N 103 
DG  "C2'" "H2''" sing N N 104 
DG  "C1'" N9     sing N N 105 
DG  "C1'" "H1'"  sing N N 106 
DG  N9    C8     sing Y N 107 
DG  N9    C4     sing Y N 108 
DG  C8    N7     doub Y N 109 
DG  C8    H8     sing N N 110 
DG  N7    C5     sing Y N 111 
DG  C5    C6     sing N N 112 
DG  C5    C4     doub Y N 113 
DG  C6    O6     doub N N 114 
DG  C6    N1     sing N N 115 
DG  N1    C2     sing N N 116 
DG  N1    H1     sing N N 117 
DG  C2    N2     sing N N 118 
DG  C2    N3     doub N N 119 
DG  N2    H21    sing N N 120 
DG  N2    H22    sing N N 121 
DG  N3    C4     sing N N 122 
DT  OP3   P      sing N N 123 
DT  OP3   HOP3   sing N N 124 
DT  P     OP1    doub N N 125 
DT  P     OP2    sing N N 126 
DT  P     "O5'"  sing N N 127 
DT  OP2   HOP2   sing N N 128 
DT  "O5'" "C5'"  sing N N 129 
DT  "C5'" "C4'"  sing N N 130 
DT  "C5'" "H5'"  sing N N 131 
DT  "C5'" "H5''" sing N N 132 
DT  "C4'" "O4'"  sing N N 133 
DT  "C4'" "C3'"  sing N N 134 
DT  "C4'" "H4'"  sing N N 135 
DT  "O4'" "C1'"  sing N N 136 
DT  "C3'" "O3'"  sing N N 137 
DT  "C3'" "C2'"  sing N N 138 
DT  "C3'" "H3'"  sing N N 139 
DT  "O3'" "HO3'" sing N N 140 
DT  "C2'" "C1'"  sing N N 141 
DT  "C2'" "H2'"  sing N N 142 
DT  "C2'" "H2''" sing N N 143 
DT  "C1'" N1     sing N N 144 
DT  "C1'" "H1'"  sing N N 145 
DT  N1    C2     sing N N 146 
DT  N1    C6     sing N N 147 
DT  C2    O2     doub N N 148 
DT  C2    N3     sing N N 149 
DT  N3    C4     sing N N 150 
DT  N3    H3     sing N N 151 
DT  C4    O4     doub N N 152 
DT  C4    C5     sing N N 153 
DT  C5    C7     sing N N 154 
DT  C5    C6     doub N N 155 
DT  C7    H71    sing N N 156 
DT  C7    H72    sing N N 157 
DT  C7    H73    sing N N 158 
DT  C6    H6     sing N N 159 
# 
loop_
_ndb_struct_conf_na.entry_id 
_ndb_struct_conf_na.feature 
6WSU 'double helix'        
6WSU 'a-form double helix' 
6WSU 'b-form double helix' 
# 
loop_
_ndb_struct_na_base_pair.model_number 
_ndb_struct_na_base_pair.i_label_asym_id 
_ndb_struct_na_base_pair.i_label_comp_id 
_ndb_struct_na_base_pair.i_label_seq_id 
_ndb_struct_na_base_pair.i_symmetry 
_ndb_struct_na_base_pair.j_label_asym_id 
_ndb_struct_na_base_pair.j_label_comp_id 
_ndb_struct_na_base_pair.j_label_seq_id 
_ndb_struct_na_base_pair.j_symmetry 
_ndb_struct_na_base_pair.shear 
_ndb_struct_na_base_pair.stretch 
_ndb_struct_na_base_pair.stagger 
_ndb_struct_na_base_pair.buckle 
_ndb_struct_na_base_pair.propeller 
_ndb_struct_na_base_pair.opening 
_ndb_struct_na_base_pair.pair_number 
_ndb_struct_na_base_pair.pair_name 
_ndb_struct_na_base_pair.i_auth_asym_id 
_ndb_struct_na_base_pair.i_auth_seq_id 
_ndb_struct_na_base_pair.i_PDB_ins_code 
_ndb_struct_na_base_pair.j_auth_asym_id 
_ndb_struct_na_base_pair.j_auth_seq_id 
_ndb_struct_na_base_pair.j_PDB_ins_code 
_ndb_struct_na_base_pair.hbond_type_28 
_ndb_struct_na_base_pair.hbond_type_12 
1 A DG 3  1_555 D DC 7 1_555 -0.338 0.006  -0.284 -12.382 -16.534 5.536  1  A_DG3:DC16_D A 3  ? D 16 ? 19 1 
1 A DC 4  1_555 D DG 6 1_555 -0.877 0.346  -0.018 -12.484 -8.483  0.785  2  A_DC4:DG15_D A 4  ? D 15 ? 19 1 
1 A DA 5  1_555 D DT 5 1_555 0.036  -0.057 0.316  0.654   -5.307  -0.101 3  A_DA5:DT14_D A 5  ? D 14 ? 20 1 
1 A DG 6  1_555 D DC 4 1_555 -0.190 -0.140 0.317  4.609   -10.985 1.232  4  A_DG6:DC13_D A 6  ? D 13 ? 19 1 
1 A DA 7  1_555 D DT 3 1_555 0.172  -0.202 0.452  -0.445  -10.124 -6.079 5  A_DA7:DT12_D A 7  ? D 12 ? 20 1 
1 A DC 8  1_555 D DG 2 1_555 0.140  -0.277 0.566  3.288   -7.155  -0.665 6  A_DC8:DG11_D A 8  ? D 11 ? 19 1 
1 A DG 9  1_555 D DC 1 1_555 -0.173 -0.112 0.067  1.699   -2.600  0.969  7  A_DG9:DC10_D A 9  ? D 10 ? 19 1 
1 A DA 10 1_555 B DT 5 1_555 -0.055 -0.349 0.672  3.701   -1.204  4.778  8  A_DA10:DT5_B A 10 ? B 5  ? 20 1 
1 A DG 11 1_555 B DC 4 1_555 -0.137 -0.209 0.400  4.321   -5.323  0.246  9  A_DG11:DC4_B A 11 ? B 4  ? 19 1 
1 A DA 12 1_555 B DT 3 1_555 0.269  -0.228 0.333  4.207   -4.705  -4.049 10 A_DA12:DT3_B A 12 ? B 3  ? 20 1 
1 A DC 13 1_555 B DG 2 1_555 0.096  -0.336 0.521  1.366   -11.921 -2.164 11 A_DC13:DG2_B A 13 ? B 2  ? 19 1 
1 A DT 14 1_555 B DA 1 1_555 -0.214 -0.262 0.462  -0.712  -8.937  -7.373 12 A_DT14:DA1_B A 14 ? B 1  ? 20 1 
1 A DC 15 1_555 C DG 9 1_555 0.158  -0.173 0.479  -7.819  -9.805  -1.255 13 A_DC15:DG9_C A 15 ? C 9  ? 19 1 
1 A DC 16 1_555 C DG 8 1_555 0.127  -0.046 0.515  1.592   -8.718  1.567  14 A_DC16:DG8_C A 16 ? C 8  ? 19 1 
1 A DA 17 1_555 C DT 7 1_555 0.321  -0.150 0.410  -1.836  -10.737 0.608  15 A_DA17:DT7_C A 17 ? C 7  ? 20 1 
1 A DC 18 1_555 C DG 6 1_555 0.122  -0.261 0.213  0.794   -9.187  -1.762 16 A_DC18:DG6_C A 18 ? C 6  ? 19 1 
1 A DT 19 1_555 C DA 5 1_555 -0.128 -0.010 0.195  3.842   -9.727  2.223  17 A_DT19:DA5_C A 19 ? C 5  ? 20 1 
1 A DC 20 1_555 C DG 4 1_555 0.279  0.560  0.270  4.877   -12.325 7.147  18 A_DC20:DG4_C A 20 ? C 4  ? ?  1 
1 A DA 21 1_555 C DT 3 1_555 0.136  -0.070 0.281  1.216   -12.618 5.203  19 A_DA21:DT3_C A 21 ? C 3  ? 20 1 
# 
loop_
_ndb_struct_na_base_pair_step.model_number 
_ndb_struct_na_base_pair_step.i_label_asym_id_1 
_ndb_struct_na_base_pair_step.i_label_comp_id_1 
_ndb_struct_na_base_pair_step.i_label_seq_id_1 
_ndb_struct_na_base_pair_step.i_symmetry_1 
_ndb_struct_na_base_pair_step.j_label_asym_id_1 
_ndb_struct_na_base_pair_step.j_label_comp_id_1 
_ndb_struct_na_base_pair_step.j_label_seq_id_1 
_ndb_struct_na_base_pair_step.j_symmetry_1 
_ndb_struct_na_base_pair_step.i_label_asym_id_2 
_ndb_struct_na_base_pair_step.i_label_comp_id_2 
_ndb_struct_na_base_pair_step.i_label_seq_id_2 
_ndb_struct_na_base_pair_step.i_symmetry_2 
_ndb_struct_na_base_pair_step.j_label_asym_id_2 
_ndb_struct_na_base_pair_step.j_label_comp_id_2 
_ndb_struct_na_base_pair_step.j_label_seq_id_2 
_ndb_struct_na_base_pair_step.j_symmetry_2 
_ndb_struct_na_base_pair_step.shift 
_ndb_struct_na_base_pair_step.slide 
_ndb_struct_na_base_pair_step.rise 
_ndb_struct_na_base_pair_step.tilt 
_ndb_struct_na_base_pair_step.roll 
_ndb_struct_na_base_pair_step.twist 
_ndb_struct_na_base_pair_step.x_displacement 
_ndb_struct_na_base_pair_step.y_displacement 
_ndb_struct_na_base_pair_step.helical_rise 
_ndb_struct_na_base_pair_step.inclination 
_ndb_struct_na_base_pair_step.tip 
_ndb_struct_na_base_pair_step.helical_twist 
_ndb_struct_na_base_pair_step.step_number 
_ndb_struct_na_base_pair_step.step_name 
_ndb_struct_na_base_pair_step.i_auth_asym_id_1 
_ndb_struct_na_base_pair_step.i_auth_seq_id_1 
_ndb_struct_na_base_pair_step.i_PDB_ins_code_1 
_ndb_struct_na_base_pair_step.j_auth_asym_id_1 
_ndb_struct_na_base_pair_step.j_auth_seq_id_1 
_ndb_struct_na_base_pair_step.j_PDB_ins_code_1 
_ndb_struct_na_base_pair_step.i_auth_asym_id_2 
_ndb_struct_na_base_pair_step.i_auth_seq_id_2 
_ndb_struct_na_base_pair_step.i_PDB_ins_code_2 
_ndb_struct_na_base_pair_step.j_auth_asym_id_2 
_ndb_struct_na_base_pair_step.j_auth_seq_id_2 
_ndb_struct_na_base_pair_step.j_PDB_ins_code_2 
1 A DG 3  1_555 D DC 7 1_555 A DC 4  1_555 D DG 6 1_555 -0.815 -0.201 3.158 -4.895 -2.341 26.316 0.164  0.506  3.259 -5.072 10.607 
26.860 1  AA_DG3DC4:DG15DC16_DD A 3  ? D 16 ? A 4  ? D 15 ? 
1 A DC 4  1_555 D DG 6 1_555 A DA 5  1_555 D DT 5 1_555 -0.388 1.066  3.126 -3.499 7.348  39.588 0.726  0.171  3.286 10.712 5.101  
40.383 2  AA_DC4DA5:DT14DG15_DD A 4  ? D 15 ? A 5  ? D 14 ? 
1 A DA 5  1_555 D DT 5 1_555 A DG 6  1_555 D DC 4 1_555 -0.008 -0.060 3.190 -1.816 3.048  30.688 -0.689 -0.328 3.165 5.736  3.417  
30.887 3  AA_DA5DG6:DC13DT14_DD A 5  ? D 14 ? A 6  ? D 13 ? 
1 A DG 6  1_555 D DC 4 1_555 A DA 7  1_555 D DT 3 1_555 -0.179 -0.513 3.371 -3.582 -3.155 40.150 -0.374 -0.159 3.403 -4.575 5.195  
40.422 4  AA_DG6DA7:DT12DC13_DD A 6  ? D 13 ? A 7  ? D 12 ? 
1 A DA 7  1_555 D DT 3 1_555 A DC 8  1_555 D DG 2 1_555 0.744  -0.987 3.238 -3.254 -1.841 31.716 -1.464 -1.935 3.198 -3.355 5.929  
31.930 5  AA_DA7DC8:DG11DT12_DD A 7  ? D 12 ? A 8  ? D 11 ? 
1 A DC 8  1_555 D DG 2 1_555 A DG 9  1_555 D DC 1 1_555 -0.320 -1.331 3.216 -0.852 3.288  31.147 -3.062 0.437  3.070 6.101  1.580  
31.327 6  AA_DC8DG9:DC10DG11_DD A 8  ? D 11 ? A 9  ? D 10 ? 
1 A DG 9  1_555 D DC 1 1_555 A DA 10 1_555 B DT 5 1_555 -1.022 -0.609 3.078 -6.127 -1.918 33.214 -0.744 0.793  3.239 -3.317 10.596 
33.811 7  AA_DG9DA10:DT5DC10_BD A 9  ? D 10 ? A 10 ? B 5  ? 
1 A DA 10 1_555 B DT 5 1_555 A DG 11 1_555 B DC 4 1_555 -0.309 -0.129 3.378 0.696  2.293  32.763 -0.633 0.670  3.355 4.059  -1.232 
32.848 8  AA_DA10DG11:DC4DT5_BB A 10 ? B 5  ? A 11 ? B 4  ? 
1 A DG 11 1_555 B DC 4 1_555 A DA 12 1_555 B DT 3 1_555 0.169  -0.648 3.215 -0.416 4.281  33.640 -1.779 -0.355 3.109 7.359  0.716  
33.906 9  AA_DG11DA12:DT3DC4_BB A 11 ? B 4  ? A 12 ? B 3  ? 
1 A DA 12 1_555 B DT 3 1_555 A DC 13 1_555 B DG 2 1_555 0.918  -1.092 3.329 -3.644 -0.151 30.493 -2.033 -2.451 3.206 -0.285 6.897  
30.705 10 AA_DA12DC13:DG2DT3_BB A 12 ? B 3  ? A 13 ? B 2  ? 
1 A DC 13 1_555 B DG 2 1_555 A DT 14 1_555 B DA 1 1_555 -0.509 -1.523 3.285 -0.072 -1.381 36.882 -2.216 0.794  3.338 -2.182 0.114  
36.907 11 AA_DC13DT14:DA1DG2_BB A 13 ? B 2  ? A 14 ? B 1  ? 
1 A DT 14 1_555 B DA 1 1_555 A DC 15 1_555 C DG 9 1_555 -0.529 -1.049 3.288 -0.295 -0.515 34.373 -1.694 0.849  3.307 -0.872 0.499  
34.378 12 AA_DT14DC15:DG9DA1_CB A 14 ? B 1  ? A 15 ? C 9  ? 
1 A DC 15 1_555 C DG 9 1_555 A DC 16 1_555 C DG 8 1_555 -0.655 0.221  3.196 1.026  5.312  26.827 -0.824 1.635  3.153 11.303 -2.183 
27.358 13 AA_DC15DC16:DG8DG9_CC A 15 ? C 9  ? A 16 ? C 8  ? 
1 A DC 16 1_555 C DG 8 1_555 A DA 17 1_555 C DT 7 1_555 0.014  1.666  3.521 -1.029 -3.993 43.596 2.635  -0.122 3.362 -5.362 1.381  
43.781 14 AA_DC16DA17:DT7DG8_CC A 16 ? C 8  ? A 17 ? C 7  ? 
1 A DA 17 1_555 C DT 7 1_555 A DC 18 1_555 C DG 6 1_555 0.221  -0.686 3.272 -1.557 -0.498 31.084 -1.184 -0.709 3.267 -0.929 2.902  
31.126 15 AA_DA17DC18:DG6DT7_CC A 17 ? C 7  ? A 18 ? C 6  ? 
1 A DC 18 1_555 C DG 6 1_555 A DT 19 1_555 C DA 5 1_555 0.131  -0.592 3.180 0.375  1.621  31.230 -1.396 -0.175 3.147 3.009  -0.697 
31.273 16 AA_DC18DT19:DA5DG6_CC A 18 ? C 6  ? A 19 ? C 5  ? 
1 A DT 19 1_555 C DA 5 1_555 A DC 20 1_555 C DG 4 1_555 0.445  0.786  3.477 2.721  2.527  36.036 0.883  -0.305 3.545 4.071  -4.384 
36.221 17 AA_DT19DC20:DG4DA5_CC A 19 ? C 5  ? A 20 ? C 4  ? 
1 A DC 20 1_555 C DG 4 1_555 A DA 21 1_555 C DT 3 1_555 0.022  1.588  3.494 0.931  0.620  42.435 2.125  0.071  3.516 0.857  -1.286 
42.449 18 AA_DC20DA21:DT3DG4_CC A 20 ? C 4  ? A 21 ? C 3  ? 
# 
loop_
_pdbx_audit_support.funding_organization 
_pdbx_audit_support.country 
_pdbx_audit_support.grant_number 
_pdbx_audit_support.ordinal 
'National Science Foundation (NSF, United States)'                                         'United States' 1360635     1 
'National Institutes of Health/National Institute of General Medical Sciences (NIH/NIGMS)' 'United States' R01GM104960 2 
'National Science Foundation (NSF, United States)'                                         'United States' NSF2004250  3 
# 
_pdbx_entity_nonpoly.entity_id   5 
_pdbx_entity_nonpoly.name        'CACODYLATE ION' 
_pdbx_entity_nonpoly.comp_id     CAC 
# 
_pdbx_initial_refinement_model.id               1 
_pdbx_initial_refinement_model.entity_id_list   ? 
_pdbx_initial_refinement_model.type             'experimental model' 
_pdbx_initial_refinement_model.source_name      PDB 
_pdbx_initial_refinement_model.accession_code   5KEK 
_pdbx_initial_refinement_model.details          ? 
# 
_pdbx_struct_assembly_auth_evidence.id                     1 
_pdbx_struct_assembly_auth_evidence.assembly_id            1 
_pdbx_struct_assembly_auth_evidence.experimental_support   none 
_pdbx_struct_assembly_auth_evidence.details                ? 
# 
